data_2JXX
#
_entry.id   2JXX
#
_cell.length_a   1.000
_cell.length_b   1.000
_cell.length_c   1.000
_cell.angle_alpha   90.00
_cell.angle_beta   90.00
_cell.angle_gamma   90.00
#
_symmetry.space_group_name_H-M   'P 1'
#
_entity_poly.entity_id   1
_entity_poly.type   'polypeptide(L)'
_entity_poly.pdbx_seq_one_letter_code
;MGSSHHHHHHSSGLVPRGSTETSQQLQLRVQGKEKHQTLEVSLSRDSPLKTLMSHYEEAMGLSGRKLSFFFDGTKLSGRE
LPADLGMESGDLIEVWG
;
_entity_poly.pdbx_strand_id   A
#
# COMPACT_ATOMS: atom_id res chain seq x y z
N THR A 20 -15.69 -3.34 4.23
CA THR A 20 -16.92 -3.84 3.59
C THR A 20 -17.78 -2.68 3.05
N GLU A 21 -18.49 -1.96 3.94
CA GLU A 21 -19.30 -0.76 3.56
C GLU A 21 -19.17 0.33 4.64
N THR A 22 -19.29 -0.07 5.91
CA THR A 22 -18.97 0.78 7.07
C THR A 22 -17.67 0.24 7.68
N SER A 23 -16.56 0.61 7.04
CA SER A 23 -15.22 0.07 7.33
C SER A 23 -14.41 1.03 8.20
N GLN A 24 -14.09 0.62 9.45
CA GLN A 24 -13.25 1.41 10.36
C GLN A 24 -11.82 1.51 9.80
N GLN A 25 -11.24 0.34 9.45
CA GLN A 25 -9.95 0.23 8.75
C GLN A 25 -10.12 -0.73 7.56
N LEU A 26 -9.27 -0.56 6.56
CA LEU A 26 -9.28 -1.33 5.31
C LEU A 26 -8.11 -2.33 5.32
N GLN A 27 -8.42 -3.61 5.08
CA GLN A 27 -7.41 -4.68 5.08
C GLN A 27 -6.87 -4.79 3.64
N LEU A 28 -5.67 -4.23 3.44
CA LEU A 28 -5.06 -4.06 2.11
C LEU A 28 -3.88 -5.03 1.95
N ARG A 29 -3.86 -5.79 0.84
CA ARG A 29 -2.76 -6.74 0.54
C ARG A 29 -1.65 -6.01 -0.21
N VAL A 30 -0.57 -5.75 0.51
CA VAL A 30 0.59 -5.01 0.02
C VAL A 30 1.65 -6.04 -0.37
N GLN A 31 1.97 -6.13 -1.66
CA GLN A 31 2.81 -7.23 -2.20
C GLN A 31 3.82 -6.64 -3.18
N GLY A 32 5.02 -7.24 -3.22
CA GLY A 32 6.12 -6.71 -4.02
C GLY A 32 6.12 -7.20 -5.45
N LYS A 33 7.07 -6.64 -6.24
CA LYS A 33 7.45 -7.12 -7.59
C LYS A 33 7.63 -8.66 -7.64
N GLU A 34 8.07 -9.24 -6.50
CA GLU A 34 8.17 -10.69 -6.30
C GLU A 34 6.86 -11.19 -5.68
N LYS A 35 6.31 -12.32 -6.18
CA LYS A 35 5.10 -12.93 -5.59
C LYS A 35 5.40 -13.56 -4.22
N HIS A 36 6.69 -13.84 -3.96
CA HIS A 36 7.20 -14.31 -2.66
C HIS A 36 7.11 -13.17 -1.62
N GLN A 37 7.34 -11.93 -2.09
CA GLN A 37 7.20 -10.71 -1.27
C GLN A 37 5.68 -10.45 -1.07
N THR A 38 5.23 -10.48 0.19
CA THR A 38 3.81 -10.75 0.52
C THR A 38 3.49 -10.21 1.92
N LEU A 39 2.63 -9.19 2.02
CA LEU A 39 2.07 -8.75 3.31
C LEU A 39 0.60 -8.32 3.14
N GLU A 40 -0.18 -8.42 4.21
CA GLU A 40 -1.48 -7.76 4.33
C GLU A 40 -1.57 -7.09 5.69
N VAL A 41 -2.03 -5.84 5.70
CA VAL A 41 -2.08 -4.98 6.90
C VAL A 41 -3.36 -4.13 6.89
N SER A 42 -3.82 -3.74 8.09
CA SER A 42 -5.02 -2.93 8.26
C SER A 42 -4.60 -1.46 8.31
N LEU A 43 -4.90 -0.73 7.23
CA LEU A 43 -4.68 0.71 7.14
C LEU A 43 -5.97 1.42 7.50
N SER A 44 -5.90 2.39 8.42
CA SER A 44 -7.08 3.14 8.88
C SER A 44 -7.50 4.09 7.76
N ARG A 45 -8.83 4.24 7.58
CA ARG A 45 -9.41 4.99 6.44
C ARG A 45 -9.00 6.48 6.45
N ASP A 46 -8.75 7.01 7.65
CA ASP A 46 -8.37 8.43 7.86
C ASP A 46 -6.84 8.61 7.83
N SER A 47 -6.09 7.51 8.01
CA SER A 47 -4.63 7.52 8.13
C SER A 47 -4.00 7.28 6.73
N PRO A 48 -3.03 8.14 6.28
CA PRO A 48 -2.46 8.05 4.93
C PRO A 48 -1.61 6.80 4.69
N LEU A 49 -1.40 6.50 3.40
CA LEU A 49 -0.65 5.35 2.89
C LEU A 49 0.75 5.27 3.51
N LYS A 50 1.35 6.42 3.85
CA LYS A 50 2.70 6.50 4.44
C LYS A 50 2.86 5.68 5.74
N THR A 51 1.82 5.65 6.61
CA THR A 51 1.87 4.88 7.87
C THR A 51 1.86 3.35 7.59
N LEU A 52 1.22 2.97 6.46
CA LEU A 52 1.23 1.60 5.92
C LEU A 52 2.60 1.28 5.29
N MET A 53 3.17 2.28 4.59
CA MET A 53 4.47 2.18 3.91
C MET A 53 5.59 1.86 4.91
N SER A 54 5.53 2.55 6.05
CA SER A 54 6.48 2.39 7.15
C SER A 54 6.27 1.03 7.84
N HIS A 55 5.00 0.62 7.97
CA HIS A 55 4.62 -0.65 8.65
C HIS A 55 5.18 -1.87 7.85
N TYR A 56 4.91 -1.84 6.54
CA TYR A 56 5.34 -2.86 5.57
C TYR A 56 6.87 -3.11 5.62
N GLU A 57 7.64 -2.03 5.42
CA GLU A 57 9.11 -2.10 5.42
C GLU A 57 9.64 -2.62 6.78
N GLU A 58 9.04 -2.17 7.91
CA GLU A 58 9.45 -2.61 9.27
C GLU A 58 9.24 -4.13 9.47
N ALA A 59 8.11 -4.67 8.95
CA ALA A 59 7.76 -6.11 9.07
C ALA A 59 8.86 -7.02 8.48
N MET A 60 9.40 -6.63 7.32
CA MET A 60 10.45 -7.41 6.62
C MET A 60 11.82 -6.71 6.70
N GLY A 61 12.02 -5.92 7.77
CA GLY A 61 13.29 -5.24 8.07
C GLY A 61 13.96 -4.43 6.93
N LEU A 62 13.15 -3.78 6.07
CA LEU A 62 13.63 -2.77 5.09
C LEU A 62 13.58 -1.34 5.72
N SER A 63 13.52 -1.25 7.06
CA SER A 63 13.47 0.03 7.80
C SER A 63 14.68 0.93 7.45
N GLY A 64 14.45 1.90 6.55
CA GLY A 64 15.49 2.81 6.06
C GLY A 64 15.65 2.70 4.54
N ARG A 65 15.74 1.46 4.07
CA ARG A 65 15.80 1.13 2.63
C ARG A 65 14.37 1.06 2.08
N LYS A 66 13.78 2.24 1.87
CA LYS A 66 12.35 2.38 1.55
C LYS A 66 12.11 2.07 0.05
N LEU A 67 11.01 1.36 -0.21
CA LEU A 67 10.62 0.87 -1.55
C LEU A 67 9.36 1.64 -2.03
N SER A 68 9.13 1.63 -3.36
CA SER A 68 8.00 2.35 -3.98
C SER A 68 6.67 1.58 -3.82
N PHE A 69 5.53 2.32 -3.87
CA PHE A 69 4.18 1.76 -3.71
C PHE A 69 3.27 2.29 -4.83
N PHE A 70 2.55 1.35 -5.48
CA PHE A 70 1.60 1.65 -6.58
C PHE A 70 0.23 1.00 -6.30
N PHE A 71 -0.82 1.70 -6.75
CA PHE A 71 -2.21 1.21 -6.71
C PHE A 71 -2.92 1.68 -7.99
N ASP A 72 -3.42 0.72 -8.80
CA ASP A 72 -4.13 0.98 -10.08
C ASP A 72 -3.23 1.80 -11.05
N GLY A 73 -1.91 1.58 -10.95
CA GLY A 73 -0.91 2.30 -11.76
C GLY A 73 -0.50 3.64 -11.16
N THR A 74 -1.32 4.15 -10.21
CA THR A 74 -1.10 5.44 -9.55
C THR A 74 0.05 5.34 -8.54
N LYS A 75 1.05 6.22 -8.72
CA LYS A 75 2.16 6.33 -7.77
C LYS A 75 1.65 6.96 -6.47
N LEU A 76 1.67 6.16 -5.39
CA LEU A 76 1.28 6.62 -4.07
C LEU A 76 2.47 7.37 -3.45
N SER A 77 2.31 8.69 -3.25
CA SER A 77 3.36 9.56 -2.65
C SER A 77 3.44 9.35 -1.12
N GLY A 78 2.34 8.84 -0.53
CA GLY A 78 2.24 8.60 0.91
C GLY A 78 1.19 9.47 1.58
N ARG A 79 1.01 10.69 1.03
CA ARG A 79 0.14 11.75 1.63
C ARG A 79 -1.29 11.68 1.11
N GLU A 80 -1.62 10.61 0.37
CA GLU A 80 -2.99 10.25 0.04
C GLU A 80 -3.48 9.26 1.09
N LEU A 81 -4.77 9.33 1.34
CA LEU A 81 -5.50 8.46 2.26
C LEU A 81 -6.11 7.30 1.45
N PRO A 82 -6.40 6.11 2.06
CA PRO A 82 -7.00 4.98 1.31
C PRO A 82 -8.44 5.31 0.86
N ALA A 83 -9.17 6.06 1.71
CA ALA A 83 -10.52 6.56 1.39
C ALA A 83 -10.45 7.66 0.29
N ASP A 84 -9.30 8.37 0.22
CA ASP A 84 -9.02 9.38 -0.84
C ASP A 84 -8.82 8.70 -2.21
N LEU A 85 -8.06 7.58 -2.20
CA LEU A 85 -7.76 6.79 -3.41
C LEU A 85 -9.01 6.01 -3.88
N GLY A 86 -9.97 5.79 -2.96
CA GLY A 86 -11.19 5.02 -3.27
C GLY A 86 -10.96 3.53 -3.12
N MET A 87 -10.25 3.16 -2.04
CA MET A 87 -9.89 1.77 -1.73
C MET A 87 -10.90 1.15 -0.76
N GLU A 88 -10.87 -0.19 -0.65
CA GLU A 88 -11.80 -0.96 0.19
C GLU A 88 -11.09 -2.22 0.75
N SER A 89 -11.67 -2.82 1.80
CA SER A 89 -11.16 -4.06 2.41
C SER A 89 -11.14 -5.22 1.38
N GLY A 90 -9.93 -5.75 1.15
CA GLY A 90 -9.71 -6.80 0.15
C GLY A 90 -9.20 -6.23 -1.16
N ASP A 91 -8.35 -5.19 -1.04
CA ASP A 91 -7.76 -4.47 -2.20
C ASP A 91 -6.33 -5.02 -2.46
N LEU A 92 -5.57 -4.39 -3.36
CA LEU A 92 -4.22 -4.82 -3.73
C LEU A 92 -3.33 -3.59 -3.96
N ILE A 93 -2.39 -3.40 -3.03
CA ILE A 93 -1.29 -2.46 -3.19
C ILE A 93 -0.08 -3.24 -3.73
N GLU A 94 0.74 -2.57 -4.53
CA GLU A 94 1.90 -3.17 -5.19
C GLU A 94 3.14 -2.43 -4.69
N VAL A 95 4.29 -3.09 -4.78
CA VAL A 95 5.56 -2.57 -4.26
C VAL A 95 6.65 -2.86 -5.30
N TRP A 96 7.52 -1.88 -5.53
CA TRP A 96 8.57 -1.93 -6.55
C TRP A 96 9.88 -1.41 -5.94
N GLY A 97 10.98 -2.11 -6.20
CA GLY A 97 12.29 -1.75 -5.65
C GLY A 97 13.43 -2.51 -6.33
N THR A 20 -23.66 -2.25 5.44
CA THR A 20 -22.64 -1.19 5.64
C THR A 20 -22.47 -0.93 7.15
N GLU A 21 -21.32 -1.37 7.71
CA GLU A 21 -21.01 -1.19 9.14
C GLU A 21 -19.53 -0.84 9.36
N THR A 22 -18.62 -1.57 8.70
CA THR A 22 -17.17 -1.45 8.96
C THR A 22 -16.40 -0.80 7.80
N SER A 23 -16.48 0.54 7.68
CA SER A 23 -15.44 1.32 6.99
C SER A 23 -14.56 1.98 8.08
N GLN A 24 -13.81 1.16 8.83
CA GLN A 24 -12.82 1.65 9.80
C GLN A 24 -11.51 1.96 9.06
N GLN A 25 -10.96 0.89 8.44
CA GLN A 25 -9.73 0.97 7.65
C GLN A 25 -9.96 0.32 6.29
N LEU A 26 -9.16 0.77 5.33
CA LEU A 26 -9.21 0.39 3.94
C LEU A 26 -8.13 -0.68 3.70
N GLN A 27 -8.60 -1.92 3.48
CA GLN A 27 -7.72 -3.09 3.29
C GLN A 27 -7.24 -3.11 1.83
N LEU A 28 -5.98 -2.69 1.64
CA LEU A 28 -5.38 -2.54 0.31
C LEU A 28 -4.34 -3.65 0.11
N ARG A 29 -4.34 -4.26 -1.08
CA ARG A 29 -3.38 -5.29 -1.46
C ARG A 29 -2.20 -4.61 -2.16
N VAL A 30 -0.99 -4.94 -1.71
CA VAL A 30 0.25 -4.31 -2.18
C VAL A 30 1.16 -5.42 -2.74
N GLN A 31 1.49 -5.35 -4.04
CA GLN A 31 2.21 -6.42 -4.74
C GLN A 31 3.38 -5.84 -5.53
N GLY A 32 4.53 -6.53 -5.51
CA GLY A 32 5.73 -6.11 -6.23
C GLY A 32 5.77 -6.70 -7.63
N LYS A 33 6.87 -6.44 -8.37
CA LYS A 33 7.11 -7.07 -9.70
C LYS A 33 7.44 -8.59 -9.62
N GLU A 34 7.08 -9.26 -8.51
CA GLU A 34 7.30 -10.70 -8.30
C GLU A 34 6.30 -11.20 -7.24
N LYS A 35 5.83 -12.46 -7.37
CA LYS A 35 4.87 -13.09 -6.42
C LYS A 35 5.50 -13.30 -5.03
N HIS A 36 6.86 -13.32 -5.00
CA HIS A 36 7.66 -13.34 -3.76
C HIS A 36 7.30 -12.14 -2.87
N GLN A 37 7.06 -10.99 -3.52
CA GLN A 37 6.54 -9.78 -2.85
C GLN A 37 5.01 -9.69 -3.05
N THR A 38 4.23 -10.40 -2.23
CA THR A 38 2.78 -10.13 -2.08
C THR A 38 2.42 -9.91 -0.60
N LEU A 39 1.90 -8.73 -0.29
CA LEU A 39 1.43 -8.37 1.06
C LEU A 39 0.04 -7.74 0.94
N GLU A 40 -0.78 -7.81 2.01
CA GLU A 40 -1.97 -6.95 2.15
C GLU A 40 -1.97 -6.36 3.57
N VAL A 41 -2.23 -5.06 3.64
CA VAL A 41 -2.26 -4.30 4.88
C VAL A 41 -3.56 -3.46 4.94
N SER A 42 -4.05 -3.22 6.16
CA SER A 42 -5.21 -2.35 6.40
C SER A 42 -4.66 -0.94 6.66
N LEU A 43 -4.87 -0.04 5.69
CA LEU A 43 -4.48 1.37 5.76
C LEU A 43 -5.69 2.21 6.21
N SER A 44 -5.50 3.08 7.22
CA SER A 44 -6.57 3.94 7.73
C SER A 44 -6.75 5.13 6.78
N ARG A 45 -8.02 5.50 6.50
CA ARG A 45 -8.37 6.56 5.52
C ARG A 45 -7.83 7.97 5.91
N ASP A 46 -7.60 8.19 7.21
CA ASP A 46 -7.02 9.47 7.71
C ASP A 46 -5.47 9.43 7.64
N SER A 47 -4.91 8.21 7.55
CA SER A 47 -3.47 7.99 7.47
C SER A 47 -3.03 7.93 5.99
N PRO A 48 -1.91 8.62 5.61
CA PRO A 48 -1.40 8.61 4.22
C PRO A 48 -0.79 7.27 3.83
N LEU A 49 -0.60 7.11 2.51
CA LEU A 49 0.00 5.92 1.89
C LEU A 49 1.42 5.66 2.39
N LYS A 50 2.10 6.72 2.89
CA LYS A 50 3.48 6.62 3.41
C LYS A 50 3.60 5.62 4.57
N THR A 51 2.54 5.52 5.42
CA THR A 51 2.57 4.60 6.57
C THR A 51 2.39 3.13 6.10
N LEU A 52 1.62 2.96 5.00
CA LEU A 52 1.44 1.67 4.29
C LEU A 52 2.77 1.24 3.64
N MET A 53 3.47 2.22 3.03
CA MET A 53 4.83 2.04 2.47
C MET A 53 5.80 1.57 3.57
N SER A 54 5.73 2.26 4.72
CA SER A 54 6.58 1.99 5.88
C SER A 54 6.28 0.60 6.45
N HIS A 55 5.02 0.15 6.30
CA HIS A 55 4.59 -1.18 6.70
C HIS A 55 5.21 -2.22 5.75
N TYR A 56 4.93 -2.05 4.44
CA TYR A 56 5.31 -2.99 3.37
C TYR A 56 6.82 -3.27 3.35
N GLU A 57 7.62 -2.23 3.12
CA GLU A 57 9.09 -2.35 3.00
C GLU A 57 9.76 -2.93 4.27
N GLU A 58 9.26 -2.58 5.47
CA GLU A 58 9.80 -3.11 6.74
C GLU A 58 9.38 -4.57 6.99
N ALA A 59 8.15 -4.94 6.57
CA ALA A 59 7.58 -6.29 6.80
C ALA A 59 8.17 -7.31 5.83
N MET A 60 8.16 -6.94 4.55
CA MET A 60 8.53 -7.81 3.42
C MET A 60 10.07 -8.03 3.34
N GLY A 61 10.85 -7.19 4.07
CA GLY A 61 12.31 -7.38 4.18
C GLY A 61 13.11 -6.45 3.28
N LEU A 62 12.44 -5.39 2.79
CA LEU A 62 13.07 -4.32 1.97
C LEU A 62 13.57 -3.18 2.89
N SER A 63 14.03 -3.54 4.11
CA SER A 63 14.56 -2.60 5.09
C SER A 63 15.98 -2.13 4.67
N GLY A 64 16.04 -0.90 4.14
CA GLY A 64 17.27 -0.33 3.56
C GLY A 64 17.17 -0.10 2.05
N ARG A 65 16.02 -0.52 1.47
CA ARG A 65 15.74 -0.39 0.03
C ARG A 65 14.29 0.02 -0.17
N LYS A 66 14.05 1.30 -0.52
CA LYS A 66 12.70 1.79 -0.83
C LYS A 66 12.39 1.51 -2.31
N LEU A 67 11.10 1.30 -2.60
CA LEU A 67 10.59 0.97 -3.95
C LEU A 67 9.43 1.91 -4.31
N SER A 68 9.10 1.96 -5.61
CA SER A 68 8.04 2.83 -6.14
C SER A 68 6.67 2.16 -5.94
N PHE A 69 5.62 2.97 -5.75
CA PHE A 69 4.24 2.51 -5.52
C PHE A 69 3.35 3.14 -6.60
N PHE A 70 2.55 2.32 -7.30
CA PHE A 70 1.63 2.79 -8.36
C PHE A 70 0.21 2.25 -8.16
N PHE A 71 -0.76 3.17 -8.15
CA PHE A 71 -2.20 2.89 -8.08
C PHE A 71 -2.87 3.52 -9.30
N ASP A 72 -3.28 2.67 -10.28
CA ASP A 72 -3.85 3.09 -11.58
C ASP A 72 -2.95 4.16 -12.27
N GLY A 73 -1.63 3.87 -12.30
CA GLY A 73 -0.63 4.72 -12.93
C GLY A 73 -0.15 5.88 -12.05
N THR A 74 -0.96 6.27 -11.06
CA THR A 74 -0.63 7.35 -10.13
C THR A 74 0.48 6.89 -9.17
N LYS A 75 1.67 7.50 -9.30
CA LYS A 75 2.79 7.26 -8.39
C LYS A 75 2.42 7.86 -7.03
N LEU A 76 2.26 7.01 -6.02
CA LEU A 76 1.98 7.45 -4.65
C LEU A 76 3.30 8.00 -4.05
N SER A 77 3.37 9.33 -3.90
CA SER A 77 4.56 10.04 -3.38
C SER A 77 4.75 9.81 -1.86
N GLY A 78 3.64 9.59 -1.13
CA GLY A 78 3.68 9.36 0.31
C GLY A 78 2.52 10.01 1.05
N ARG A 79 2.42 11.34 0.90
CA ARG A 79 1.56 12.20 1.76
C ARG A 79 0.13 12.34 1.20
N GLU A 80 -0.23 11.53 0.19
CA GLU A 80 -1.61 11.43 -0.27
C GLU A 80 -2.33 10.39 0.58
N LEU A 81 -3.61 10.60 0.76
CA LEU A 81 -4.50 9.77 1.56
C LEU A 81 -5.27 8.81 0.63
N PRO A 82 -5.69 7.59 1.10
CA PRO A 82 -6.40 6.62 0.24
C PRO A 82 -7.78 7.17 -0.21
N ALA A 83 -8.45 7.91 0.69
CA ALA A 83 -9.71 8.62 0.39
C ALA A 83 -9.50 9.68 -0.74
N ASP A 84 -8.32 10.34 -0.72
CA ASP A 84 -7.93 11.37 -1.72
C ASP A 84 -7.71 10.73 -3.12
N LEU A 85 -7.21 9.48 -3.13
CA LEU A 85 -6.92 8.73 -4.37
C LEU A 85 -8.19 8.08 -4.95
N GLY A 86 -9.19 7.86 -4.08
CA GLY A 86 -10.43 7.17 -4.47
C GLY A 86 -10.39 5.67 -4.18
N MET A 87 -9.51 5.28 -3.24
CA MET A 87 -9.40 3.90 -2.74
C MET A 87 -10.57 3.56 -1.79
N GLU A 88 -10.68 2.27 -1.48
CA GLU A 88 -11.72 1.71 -0.61
C GLU A 88 -11.17 0.40 0.02
N SER A 89 -11.91 -0.20 0.94
CA SER A 89 -11.49 -1.38 1.73
C SER A 89 -11.19 -2.70 0.93
N GLY A 90 -11.05 -2.62 -0.40
CA GLY A 90 -10.59 -3.76 -1.22
C GLY A 90 -10.02 -3.29 -2.55
N ASP A 91 -8.92 -2.53 -2.49
CA ASP A 91 -8.23 -1.99 -3.69
C ASP A 91 -6.87 -2.68 -3.88
N LEU A 92 -6.07 -2.15 -4.83
CA LEU A 92 -4.81 -2.75 -5.24
C LEU A 92 -3.76 -1.66 -5.45
N ILE A 93 -2.53 -2.01 -5.10
CA ILE A 93 -1.34 -1.16 -5.21
C ILE A 93 -0.25 -2.04 -5.83
N GLU A 94 0.47 -1.48 -6.79
CA GLU A 94 1.40 -2.23 -7.64
C GLU A 94 2.76 -1.54 -7.51
N VAL A 95 3.60 -2.16 -6.70
CA VAL A 95 4.98 -1.75 -6.52
C VAL A 95 5.84 -2.07 -7.75
N TRP A 96 6.56 -1.04 -8.21
CA TRP A 96 7.60 -1.16 -9.22
C TRP A 96 8.93 -1.12 -8.48
N GLY A 97 9.41 -2.32 -8.18
CA GLY A 97 10.63 -2.56 -7.44
C GLY A 97 10.89 -4.05 -7.31
N THR A 20 -11.33 6.09 12.17
CA THR A 20 -12.26 5.19 11.46
C THR A 20 -12.20 3.77 12.05
N GLU A 21 -13.38 3.21 12.40
CA GLU A 21 -13.49 1.82 12.93
C GLU A 21 -13.94 0.83 11.84
N THR A 22 -14.67 1.34 10.83
CA THR A 22 -15.11 0.57 9.66
C THR A 22 -13.90 0.25 8.78
N SER A 23 -13.62 -1.06 8.55
CA SER A 23 -12.40 -1.60 7.91
C SER A 23 -11.92 -0.75 6.70
N GLN A 24 -10.89 0.08 6.99
CA GLN A 24 -10.37 1.11 6.08
C GLN A 24 -9.43 0.53 5.03
N GLN A 25 -8.63 -0.43 5.48
CA GLN A 25 -7.46 -0.93 4.75
C GLN A 25 -7.79 -2.09 3.80
N LEU A 26 -7.10 -2.06 2.65
CA LEU A 26 -7.33 -2.91 1.49
C LEU A 26 -6.16 -3.90 1.37
N GLN A 27 -6.44 -5.13 0.92
CA GLN A 27 -5.39 -6.12 0.67
C GLN A 27 -4.82 -5.83 -0.73
N LEU A 28 -3.68 -5.12 -0.77
CA LEU A 28 -2.99 -4.80 -2.02
C LEU A 28 -1.72 -5.65 -2.11
N ARG A 29 -1.63 -6.45 -3.18
CA ARG A 29 -0.47 -7.33 -3.43
C ARG A 29 0.57 -6.56 -4.21
N VAL A 30 1.82 -6.66 -3.79
CA VAL A 30 2.93 -5.83 -4.30
C VAL A 30 4.04 -6.78 -4.75
N GLN A 31 4.55 -6.59 -5.98
CA GLN A 31 5.57 -7.48 -6.58
C GLN A 31 6.69 -6.65 -7.19
N GLY A 32 7.93 -7.15 -7.11
CA GLY A 32 9.08 -6.51 -7.75
C GLY A 32 9.20 -6.85 -9.22
N LYS A 33 10.14 -6.17 -9.93
CA LYS A 33 10.66 -6.59 -11.26
C LYS A 33 10.90 -8.11 -11.35
N GLU A 34 11.32 -8.67 -10.20
CA GLU A 34 11.39 -10.11 -9.95
C GLU A 34 10.05 -10.52 -9.29
N LYS A 35 9.17 -11.19 -10.05
CA LYS A 35 7.77 -11.44 -9.62
C LYS A 35 7.67 -12.47 -8.47
N HIS A 36 8.76 -13.21 -8.22
CA HIS A 36 8.88 -14.12 -7.04
C HIS A 36 8.86 -13.30 -5.73
N GLN A 37 9.39 -12.06 -5.81
CA GLN A 37 9.36 -11.10 -4.70
C GLN A 37 7.92 -10.56 -4.56
N THR A 38 7.08 -11.27 -3.78
CA THR A 38 5.65 -10.95 -3.59
C THR A 38 5.36 -10.71 -2.10
N LEU A 39 4.74 -9.56 -1.82
CA LEU A 39 4.38 -9.12 -0.45
C LEU A 39 3.00 -8.48 -0.50
N GLU A 40 2.10 -8.86 0.40
CA GLU A 40 0.73 -8.29 0.44
C GLU A 40 0.52 -7.60 1.79
N VAL A 41 0.14 -6.33 1.70
CA VAL A 41 0.05 -5.40 2.82
C VAL A 41 -1.32 -4.71 2.85
N SER A 42 -1.75 -4.29 4.05
CA SER A 42 -3.01 -3.59 4.26
C SER A 42 -2.76 -2.08 4.16
N LEU A 43 -3.24 -1.46 3.06
CA LEU A 43 -3.16 0.00 2.87
C LEU A 43 -4.54 0.61 3.04
N SER A 44 -4.63 1.59 3.95
CA SER A 44 -5.88 2.26 4.29
C SER A 44 -6.28 3.16 3.11
N ARG A 45 -7.55 3.14 2.70
CA ARG A 45 -7.98 3.84 1.46
C ARG A 45 -8.02 5.37 1.62
N ASP A 46 -7.91 5.84 2.89
CA ASP A 46 -7.75 7.26 3.23
C ASP A 46 -6.24 7.63 3.33
N SER A 47 -5.37 6.60 3.48
CA SER A 47 -3.92 6.78 3.63
C SER A 47 -3.23 6.67 2.26
N PRO A 48 -2.15 7.47 2.01
CA PRO A 48 -1.42 7.45 0.74
C PRO A 48 -0.58 6.19 0.55
N LEU A 49 -0.24 5.94 -0.72
CA LEU A 49 0.62 4.83 -1.15
C LEU A 49 1.98 4.87 -0.47
N LYS A 50 2.45 6.05 0.01
CA LYS A 50 3.74 6.21 0.67
C LYS A 50 3.91 5.31 1.91
N THR A 51 2.82 5.13 2.69
CA THR A 51 2.86 4.29 3.91
C THR A 51 2.98 2.79 3.56
N LEU A 52 2.47 2.42 2.36
CA LEU A 52 2.63 1.09 1.76
C LEU A 52 4.07 0.92 1.23
N MET A 53 4.59 1.99 0.58
CA MET A 53 5.97 2.05 0.07
C MET A 53 6.99 1.76 1.18
N SER A 54 6.74 2.38 2.34
CA SER A 54 7.59 2.28 3.51
C SER A 54 7.49 0.89 4.15
N HIS A 55 6.26 0.32 4.12
CA HIS A 55 5.95 -0.96 4.78
C HIS A 55 6.64 -2.13 4.03
N TYR A 56 6.49 -2.14 2.69
CA TYR A 56 7.12 -3.13 1.79
C TYR A 56 8.66 -3.15 1.97
N GLU A 57 9.30 -1.98 1.75
CA GLU A 57 10.78 -1.84 1.84
C GLU A 57 11.33 -2.24 3.22
N GLU A 58 10.52 -2.08 4.28
CA GLU A 58 10.88 -2.59 5.61
C GLU A 58 10.74 -4.13 5.72
N ALA A 59 9.67 -4.74 5.13
CA ALA A 59 9.36 -6.19 5.29
C ALA A 59 10.49 -7.14 4.84
N MET A 60 11.01 -6.96 3.60
CA MET A 60 12.11 -7.84 3.06
C MET A 60 13.46 -7.11 3.15
N GLY A 61 13.64 -6.34 4.24
CA GLY A 61 14.85 -5.54 4.51
C GLY A 61 15.49 -4.85 3.29
N LEU A 62 14.69 -4.08 2.52
CA LEU A 62 15.18 -3.27 1.38
C LEU A 62 15.87 -1.96 1.85
N SER A 63 16.10 -1.85 3.18
CA SER A 63 16.87 -0.75 3.79
C SER A 63 18.32 -0.76 3.26
N GLY A 64 18.55 0.05 2.23
CA GLY A 64 19.83 0.11 1.53
C GLY A 64 19.65 0.81 0.19
N ARG A 65 18.61 0.38 -0.56
CA ARG A 65 18.19 1.01 -1.82
C ARG A 65 16.66 1.21 -1.74
N LYS A 66 16.17 2.44 -2.01
CA LYS A 66 14.73 2.69 -2.11
C LYS A 66 14.27 2.42 -3.56
N LEU A 67 13.10 1.78 -3.69
CA LEU A 67 12.57 1.30 -4.97
C LEU A 67 11.23 2.00 -5.29
N SER A 68 10.92 2.08 -6.58
CA SER A 68 9.72 2.78 -7.09
C SER A 68 8.50 1.85 -7.04
N PHE A 69 7.29 2.43 -7.09
CA PHE A 69 6.01 1.69 -7.05
C PHE A 69 5.14 2.15 -8.23
N PHE A 70 4.66 1.17 -9.02
CA PHE A 70 3.80 1.42 -10.20
C PHE A 70 2.47 0.66 -10.07
N PHE A 71 1.38 1.35 -10.43
CA PHE A 71 0.01 0.79 -10.52
C PHE A 71 -0.45 0.87 -11.98
N ASP A 72 -0.57 -0.29 -12.65
CA ASP A 72 -0.87 -0.38 -14.10
C ASP A 72 0.13 0.49 -14.93
N GLY A 73 1.40 0.46 -14.49
CA GLY A 73 2.49 1.24 -15.11
C GLY A 73 2.40 2.75 -14.85
N THR A 74 1.71 3.15 -13.77
CA THR A 74 1.58 4.56 -13.34
C THR A 74 2.51 4.80 -12.14
N LYS A 75 3.46 5.75 -12.29
CA LYS A 75 4.38 6.13 -11.20
C LYS A 75 3.60 6.82 -10.07
N LEU A 76 3.61 6.15 -8.91
CA LEU A 76 2.96 6.62 -7.69
C LEU A 76 3.95 7.57 -6.95
N SER A 77 3.54 8.83 -6.73
CA SER A 77 4.40 9.88 -6.15
C SER A 77 4.55 9.72 -4.62
N GLY A 78 3.48 9.29 -3.94
CA GLY A 78 3.45 9.14 -2.48
C GLY A 78 2.42 10.05 -1.80
N ARG A 79 1.60 10.74 -2.59
CA ARG A 79 0.54 11.67 -2.10
C ARG A 79 -0.82 11.33 -2.71
N GLU A 80 -0.90 10.17 -3.36
CA GLU A 80 -2.14 9.64 -3.90
C GLU A 80 -2.60 8.49 -3.01
N LEU A 81 -3.90 8.35 -2.93
CA LEU A 81 -4.60 7.34 -2.14
C LEU A 81 -5.01 6.19 -3.08
N PRO A 82 -5.18 4.92 -2.58
CA PRO A 82 -5.61 3.80 -3.43
C PRO A 82 -7.05 4.02 -3.96
N ALA A 83 -7.87 4.74 -3.16
CA ALA A 83 -9.22 5.18 -3.57
C ALA A 83 -9.13 6.14 -4.78
N ASP A 84 -8.12 7.02 -4.75
CA ASP A 84 -7.85 8.01 -5.83
C ASP A 84 -7.39 7.33 -7.14
N LEU A 85 -6.57 6.27 -7.00
CA LEU A 85 -6.03 5.50 -8.14
C LEU A 85 -7.09 4.54 -8.72
N GLY A 86 -8.08 4.15 -7.90
CA GLY A 86 -9.12 3.19 -8.33
C GLY A 86 -8.78 1.74 -7.97
N MET A 87 -7.93 1.57 -6.94
CA MET A 87 -7.62 0.25 -6.33
C MET A 87 -8.80 -0.24 -5.47
N GLU A 88 -8.70 -1.50 -5.03
CA GLU A 88 -9.68 -2.13 -4.12
C GLU A 88 -8.98 -3.29 -3.35
N SER A 89 -9.68 -3.94 -2.39
CA SER A 89 -9.10 -4.95 -1.46
C SER A 89 -8.56 -6.26 -2.13
N GLY A 90 -8.36 -6.25 -3.47
CA GLY A 90 -7.64 -7.31 -4.18
C GLY A 90 -7.05 -6.78 -5.47
N ASP A 91 -6.23 -5.72 -5.35
CA ASP A 91 -5.60 -5.06 -6.51
C ASP A 91 -4.08 -5.40 -6.52
N LEU A 92 -3.31 -4.79 -7.43
CA LEU A 92 -1.93 -5.18 -7.71
C LEU A 92 -1.04 -3.92 -7.91
N ILE A 93 0.12 -3.96 -7.26
CA ILE A 93 1.14 -2.89 -7.25
C ILE A 93 2.49 -3.50 -7.64
N GLU A 94 3.35 -2.68 -8.24
CA GLU A 94 4.64 -3.11 -8.81
C GLU A 94 5.75 -2.41 -8.04
N VAL A 95 6.98 -2.91 -8.23
CA VAL A 95 8.19 -2.41 -7.57
C VAL A 95 9.36 -2.43 -8.58
N TRP A 96 9.81 -1.24 -8.95
CA TRP A 96 10.87 -1.04 -9.95
C TRP A 96 12.09 -0.41 -9.27
N GLY A 97 13.07 -1.26 -8.92
CA GLY A 97 14.27 -0.83 -8.20
C GLY A 97 15.42 -1.80 -8.46
N THR A 20 -14.67 -7.34 8.19
CA THR A 20 -14.68 -5.98 8.78
C THR A 20 -14.94 -6.06 10.29
N GLU A 21 -13.98 -5.58 11.10
CA GLU A 21 -14.15 -5.41 12.56
C GLU A 21 -15.18 -4.31 12.84
N THR A 22 -15.17 -3.29 11.98
CA THR A 22 -16.11 -2.16 11.99
C THR A 22 -16.22 -1.61 10.55
N SER A 23 -17.33 -0.92 10.25
CA SER A 23 -17.63 -0.44 8.88
C SER A 23 -16.63 0.63 8.42
N GLN A 24 -16.13 1.45 9.37
CA GLN A 24 -15.30 2.65 9.06
C GLN A 24 -13.94 2.30 8.45
N GLN A 25 -13.51 1.03 8.54
CA GLN A 25 -12.21 0.59 8.01
C GLN A 25 -12.39 -0.38 6.83
N LEU A 26 -11.37 -0.37 5.95
CA LEU A 26 -11.26 -1.22 4.77
C LEU A 26 -10.07 -2.20 4.97
N GLN A 27 -10.14 -3.40 4.36
CA GLN A 27 -9.02 -4.38 4.37
C GLN A 27 -8.36 -4.38 2.98
N LEU A 28 -7.14 -3.81 2.88
CA LEU A 28 -6.42 -3.67 1.60
C LEU A 28 -5.22 -4.62 1.58
N ARG A 29 -4.97 -5.20 0.41
CA ARG A 29 -3.86 -6.13 0.17
C ARG A 29 -2.69 -5.37 -0.46
N VAL A 30 -1.53 -5.42 0.18
CA VAL A 30 -0.31 -4.72 -0.25
C VAL A 30 0.69 -5.78 -0.75
N GLN A 31 1.06 -5.73 -2.04
CA GLN A 31 1.85 -6.80 -2.68
C GLN A 31 3.01 -6.19 -3.47
N GLY A 32 4.19 -6.84 -3.39
CA GLY A 32 5.42 -6.33 -4.02
C GLY A 32 5.75 -7.03 -5.33
N LYS A 33 6.86 -6.59 -5.94
CA LYS A 33 7.50 -7.21 -7.13
C LYS A 33 7.75 -8.75 -6.99
N GLU A 34 7.68 -9.29 -5.76
CA GLU A 34 7.77 -10.73 -5.50
C GLU A 34 6.35 -11.31 -5.34
N LYS A 35 6.14 -12.56 -5.81
CA LYS A 35 4.93 -13.35 -5.46
C LYS A 35 4.97 -13.70 -3.96
N HIS A 36 6.21 -13.84 -3.44
CA HIS A 36 6.53 -14.07 -2.02
C HIS A 36 5.99 -12.94 -1.12
N GLN A 37 6.07 -11.71 -1.64
CA GLN A 37 5.81 -10.50 -0.85
C GLN A 37 4.32 -10.11 -0.89
N THR A 38 3.52 -10.68 0.01
CA THR A 38 2.14 -10.23 0.28
C THR A 38 1.98 -9.91 1.79
N LEU A 39 1.40 -8.74 2.07
CA LEU A 39 1.05 -8.28 3.42
C LEU A 39 -0.31 -7.58 3.34
N GLU A 40 -1.28 -8.01 4.15
CA GLU A 40 -2.67 -7.49 4.10
C GLU A 40 -3.04 -6.87 5.46
N VAL A 41 -3.50 -5.62 5.41
CA VAL A 41 -3.68 -4.76 6.59
C VAL A 41 -5.06 -4.04 6.57
N SER A 42 -5.58 -3.75 7.78
CA SER A 42 -6.83 -3.02 7.96
C SER A 42 -6.52 -1.52 8.13
N LEU A 43 -6.84 -0.75 7.07
CA LEU A 43 -6.66 0.71 7.03
C LEU A 43 -8.03 1.39 7.10
N SER A 44 -8.17 2.39 7.98
CA SER A 44 -9.42 3.13 8.17
C SER A 44 -9.59 4.13 7.02
N ARG A 45 -10.84 4.37 6.57
CA ARG A 45 -11.12 5.23 5.41
C ARG A 45 -10.88 6.72 5.73
N ASP A 46 -10.65 7.02 7.02
CA ASP A 46 -10.33 8.37 7.52
C ASP A 46 -8.80 8.53 7.62
N SER A 47 -8.10 7.41 7.90
CA SER A 47 -6.66 7.38 8.17
C SER A 47 -5.87 7.40 6.84
N PRO A 48 -4.75 8.16 6.75
CA PRO A 48 -3.88 8.21 5.56
C PRO A 48 -3.25 6.86 5.21
N LEU A 49 -2.94 6.69 3.91
CA LEU A 49 -2.15 5.58 3.38
C LEU A 49 -0.81 5.44 4.11
N LYS A 50 -0.24 6.56 4.62
CA LYS A 50 1.06 6.56 5.33
C LYS A 50 1.05 5.64 6.55
N THR A 51 -0.08 5.57 7.28
CA THR A 51 -0.21 4.71 8.47
C THR A 51 -0.13 3.20 8.07
N LEU A 52 -0.65 2.89 6.86
CA LEU A 52 -0.58 1.56 6.23
C LEU A 52 0.86 1.29 5.71
N MET A 53 1.47 2.32 5.08
CA MET A 53 2.83 2.27 4.51
C MET A 53 3.85 1.87 5.59
N SER A 54 3.70 2.53 6.75
CA SER A 54 4.56 2.33 7.90
C SER A 54 4.32 0.94 8.51
N HIS A 55 3.06 0.46 8.46
CA HIS A 55 2.66 -0.87 8.98
C HIS A 55 3.36 -2.00 8.18
N TYR A 56 3.22 -1.92 6.85
CA TYR A 56 3.78 -2.88 5.88
C TYR A 56 5.29 -3.09 6.10
N GLU A 57 6.05 -1.99 5.96
CA GLU A 57 7.52 -2.00 6.08
C GLU A 57 7.99 -2.54 7.45
N GLU A 58 7.23 -2.28 8.53
CA GLU A 58 7.49 -2.87 9.86
C GLU A 58 7.39 -4.41 9.85
N ALA A 59 6.30 -4.95 9.24
CA ALA A 59 5.97 -6.40 9.26
C ALA A 59 7.12 -7.30 8.74
N MET A 60 7.76 -6.90 7.63
CA MET A 60 8.91 -7.67 7.04
C MET A 60 10.23 -6.87 7.16
N GLY A 61 10.31 -6.04 8.22
CA GLY A 61 11.49 -5.20 8.56
C GLY A 61 12.22 -4.53 7.38
N LEU A 62 11.48 -3.87 6.48
CA LEU A 62 12.05 -3.10 5.36
C LEU A 62 12.66 -1.78 5.88
N SER A 63 13.90 -1.87 6.37
CA SER A 63 14.65 -0.73 6.92
C SER A 63 15.68 -0.23 5.90
N GLY A 64 16.59 -1.14 5.49
CA GLY A 64 17.66 -0.83 4.54
C GLY A 64 17.14 -0.62 3.12
N ARG A 65 16.13 -1.42 2.74
CA ARG A 65 15.47 -1.33 1.43
C ARG A 65 14.08 -0.70 1.60
N LYS A 66 13.96 0.62 1.35
CA LYS A 66 12.66 1.33 1.41
C LYS A 66 12.05 1.37 0.01
N LEU A 67 10.72 1.29 -0.06
CA LEU A 67 9.98 1.00 -1.30
C LEU A 67 8.90 2.06 -1.57
N SER A 68 8.37 2.05 -2.81
CA SER A 68 7.28 2.94 -3.23
C SER A 68 5.93 2.20 -3.20
N PHE A 69 4.84 2.94 -3.01
CA PHE A 69 3.46 2.39 -3.02
C PHE A 69 2.69 3.00 -4.20
N PHE A 70 2.09 2.12 -5.03
CA PHE A 70 1.24 2.51 -6.18
C PHE A 70 -0.16 1.89 -6.04
N PHE A 71 -1.18 2.66 -6.41
CA PHE A 71 -2.58 2.21 -6.46
C PHE A 71 -3.16 2.59 -7.83
N ASP A 72 -3.49 1.55 -8.65
CA ASP A 72 -3.93 1.72 -10.05
C ASP A 72 -2.86 2.51 -10.88
N GLY A 73 -1.58 2.27 -10.52
CA GLY A 73 -0.45 2.96 -11.18
C GLY A 73 -0.21 4.39 -10.67
N THR A 74 -1.07 4.88 -9.76
CA THR A 74 -0.92 6.22 -9.16
C THR A 74 0.09 6.17 -8.00
N LYS A 75 1.08 7.07 -8.06
CA LYS A 75 2.10 7.20 -7.01
C LYS A 75 1.46 7.82 -5.75
N LEU A 76 1.44 7.04 -4.66
CA LEU A 76 0.90 7.46 -3.36
C LEU A 76 2.02 8.16 -2.56
N SER A 77 1.72 9.35 -2.01
CA SER A 77 2.69 10.18 -1.26
C SER A 77 2.63 9.88 0.24
N GLY A 78 1.48 9.40 0.72
CA GLY A 78 1.25 9.11 2.13
C GLY A 78 0.06 9.85 2.71
N ARG A 79 -0.08 11.14 2.34
CA ARG A 79 -1.04 12.08 2.94
C ARG A 79 -2.48 11.86 2.45
N GLU A 80 -2.62 11.16 1.31
CA GLU A 80 -3.93 10.83 0.75
C GLU A 80 -4.59 9.76 1.62
N LEU A 81 -5.89 9.82 1.65
CA LEU A 81 -6.75 8.88 2.37
C LEU A 81 -7.35 7.93 1.33
N PRO A 82 -7.71 6.65 1.70
CA PRO A 82 -8.27 5.68 0.73
C PRO A 82 -9.64 6.15 0.18
N ALA A 83 -10.29 7.04 0.94
CA ALA A 83 -11.51 7.75 0.53
C ALA A 83 -11.28 8.57 -0.76
N ASP A 84 -10.14 9.30 -0.80
CA ASP A 84 -9.78 10.21 -1.92
C ASP A 84 -9.34 9.42 -3.17
N LEU A 85 -8.58 8.34 -2.95
CA LEU A 85 -8.07 7.48 -4.04
C LEU A 85 -9.20 6.66 -4.69
N GLY A 86 -10.30 6.46 -3.95
CA GLY A 86 -11.41 5.62 -4.40
C GLY A 86 -11.12 4.14 -4.18
N MET A 87 -10.82 3.81 -2.92
CA MET A 87 -10.49 2.44 -2.48
C MET A 87 -11.66 1.87 -1.67
N GLU A 88 -11.71 0.54 -1.57
CA GLU A 88 -12.73 -0.18 -0.80
C GLU A 88 -12.09 -1.47 -0.25
N SER A 89 -12.77 -2.13 0.70
CA SER A 89 -12.28 -3.38 1.30
C SER A 89 -12.11 -4.47 0.21
N GLY A 90 -10.85 -4.80 -0.14
CA GLY A 90 -10.54 -5.73 -1.24
C GLY A 90 -9.47 -5.21 -2.20
N ASP A 91 -9.41 -3.87 -2.39
CA ASP A 91 -8.45 -3.19 -3.32
C ASP A 91 -6.98 -3.57 -3.08
N LEU A 92 -6.11 -3.20 -4.05
CA LEU A 92 -4.78 -3.78 -4.18
C LEU A 92 -3.74 -2.66 -4.36
N ILE A 93 -2.92 -2.50 -3.32
CA ILE A 93 -1.78 -1.60 -3.32
C ILE A 93 -0.55 -2.38 -3.81
N GLU A 94 0.36 -1.67 -4.46
CA GLU A 94 1.52 -2.22 -5.15
C GLU A 94 2.77 -1.73 -4.43
N VAL A 95 3.87 -2.47 -4.58
CA VAL A 95 5.14 -2.16 -3.90
C VAL A 95 6.29 -2.29 -4.91
N TRP A 96 6.84 -1.13 -5.27
CA TRP A 96 7.89 -0.98 -6.26
C TRP A 96 9.23 -0.77 -5.52
N GLY A 97 9.94 -1.88 -5.29
CA GLY A 97 11.22 -1.87 -4.58
C GLY A 97 11.98 -3.16 -4.83
N THR A 20 -19.89 -6.38 -0.05
CA THR A 20 -20.27 -6.33 1.37
C THR A 20 -19.05 -5.89 2.19
N GLU A 21 -18.92 -4.57 2.44
CA GLU A 21 -17.65 -4.01 2.96
C GLU A 21 -17.80 -2.90 4.03
N THR A 22 -18.95 -2.24 4.18
CA THR A 22 -18.95 -0.76 4.32
C THR A 22 -18.16 -0.32 5.58
N SER A 23 -17.13 0.47 5.24
CA SER A 23 -15.77 0.36 5.77
C SER A 23 -15.40 1.35 6.88
N GLN A 24 -14.83 0.80 7.96
CA GLN A 24 -13.95 1.53 8.89
C GLN A 24 -12.53 1.59 8.26
N GLN A 25 -12.00 0.39 7.92
CA GLN A 25 -10.69 0.23 7.22
C GLN A 25 -10.86 -0.71 6.01
N LEU A 26 -10.00 -0.52 5.00
CA LEU A 26 -9.89 -1.36 3.79
C LEU A 26 -8.73 -2.36 4.03
N GLN A 27 -9.02 -3.67 3.91
CA GLN A 27 -8.03 -4.72 4.14
C GLN A 27 -7.27 -4.95 2.84
N LEU A 28 -6.03 -4.43 2.77
CA LEU A 28 -5.20 -4.47 1.57
C LEU A 28 -4.00 -5.41 1.81
N ARG A 29 -3.74 -6.29 0.85
CA ARG A 29 -2.66 -7.27 0.94
C ARG A 29 -1.45 -6.78 0.14
N VAL A 30 -0.31 -6.74 0.81
CA VAL A 30 0.93 -6.20 0.27
C VAL A 30 1.88 -7.37 -0.05
N GLN A 31 2.48 -7.34 -1.24
CA GLN A 31 3.49 -8.32 -1.68
C GLN A 31 4.59 -7.59 -2.44
N GLY A 32 5.80 -8.16 -2.42
CA GLY A 32 6.94 -7.59 -3.13
C GLY A 32 7.09 -8.12 -4.54
N LYS A 33 8.24 -7.78 -5.18
CA LYS A 33 8.81 -8.55 -6.32
C LYS A 33 8.61 -10.07 -6.14
N GLU A 34 8.81 -10.52 -4.90
CA GLU A 34 8.46 -11.87 -4.46
C GLU A 34 7.01 -11.83 -3.95
N LYS A 35 6.09 -12.50 -4.66
CA LYS A 35 4.69 -12.64 -4.22
C LYS A 35 4.57 -13.59 -3.01
N HIS A 36 5.64 -14.40 -2.81
CA HIS A 36 5.79 -15.25 -1.61
C HIS A 36 6.12 -14.37 -0.38
N GLN A 37 6.75 -13.21 -0.62
CA GLN A 37 6.97 -12.17 0.41
C GLN A 37 5.64 -11.42 0.63
N THR A 38 4.80 -11.95 1.54
CA THR A 38 3.44 -11.45 1.77
C THR A 38 3.32 -10.88 3.19
N LEU A 39 2.64 -9.73 3.28
CA LEU A 39 2.16 -9.15 4.54
C LEU A 39 0.74 -8.61 4.30
N GLU A 40 -0.19 -8.89 5.23
CA GLU A 40 -1.57 -8.39 5.17
C GLU A 40 -1.77 -7.34 6.27
N VAL A 41 -2.22 -6.15 5.87
CA VAL A 41 -2.45 -5.01 6.77
C VAL A 41 -3.81 -4.34 6.48
N SER A 42 -4.45 -3.82 7.55
CA SER A 42 -5.69 -3.06 7.45
C SER A 42 -5.34 -1.56 7.41
N LEU A 43 -5.51 -0.97 6.21
CA LEU A 43 -5.32 0.48 6.00
C LEU A 43 -6.63 1.19 6.28
N SER A 44 -6.59 2.26 7.08
CA SER A 44 -7.78 3.05 7.41
C SER A 44 -8.17 3.89 6.18
N ARG A 45 -9.48 4.00 5.91
CA ARG A 45 -10.02 4.62 4.69
C ARG A 45 -9.63 6.12 4.57
N ASP A 46 -9.42 6.77 5.73
CA ASP A 46 -9.04 8.19 5.82
C ASP A 46 -7.52 8.38 5.73
N SER A 47 -6.78 7.34 6.16
CA SER A 47 -5.34 7.43 6.37
C SER A 47 -4.57 7.19 5.06
N PRO A 48 -3.53 8.04 4.74
CA PRO A 48 -2.70 7.86 3.53
C PRO A 48 -1.96 6.52 3.51
N LEU A 49 -1.59 6.09 2.29
CA LEU A 49 -0.82 4.89 2.02
C LEU A 49 0.51 4.87 2.81
N LYS A 50 1.06 6.05 3.13
CA LYS A 50 2.34 6.16 3.86
C LYS A 50 2.29 5.48 5.25
N THR A 51 1.10 5.50 5.90
CA THR A 51 0.93 4.88 7.23
C THR A 51 1.03 3.33 7.10
N LEU A 52 0.55 2.82 5.95
CA LEU A 52 0.66 1.39 5.55
C LEU A 52 2.10 1.04 5.14
N MET A 53 2.76 2.00 4.44
CA MET A 53 4.18 1.89 4.02
C MET A 53 5.09 1.72 5.24
N SER A 54 4.77 2.49 6.29
CA SER A 54 5.45 2.42 7.59
C SER A 54 5.22 1.05 8.23
N HIS A 55 3.97 0.55 8.13
CA HIS A 55 3.56 -0.72 8.75
C HIS A 55 4.38 -1.89 8.17
N TYR A 56 4.44 -1.96 6.83
CA TYR A 56 5.17 -3.01 6.10
C TYR A 56 6.65 -3.10 6.52
N GLU A 57 7.36 -1.96 6.36
CA GLU A 57 8.81 -1.88 6.59
C GLU A 57 9.18 -2.16 8.07
N GLU A 58 8.36 -1.66 9.02
CA GLU A 58 8.57 -1.93 10.46
C GLU A 58 8.36 -3.42 10.80
N ALA A 59 7.27 -4.01 10.27
CA ALA A 59 6.80 -5.36 10.63
C ALA A 59 7.83 -6.47 10.35
N MET A 60 8.33 -6.52 9.10
CA MET A 60 9.23 -7.59 8.64
C MET A 60 10.70 -7.12 8.55
N GLY A 61 11.07 -6.26 9.52
CA GLY A 61 12.44 -5.74 9.67
C GLY A 61 13.14 -5.26 8.38
N LEU A 62 12.49 -4.37 7.62
CA LEU A 62 13.10 -3.67 6.46
C LEU A 62 13.82 -2.38 6.96
N SER A 63 14.59 -2.54 8.07
CA SER A 63 15.22 -1.42 8.78
C SER A 63 16.42 -0.87 7.98
N GLY A 64 16.39 0.44 7.70
CA GLY A 64 17.42 1.12 6.91
C GLY A 64 17.08 1.12 5.43
N ARG A 65 16.90 -0.08 4.87
CA ARG A 65 16.56 -0.28 3.45
C ARG A 65 15.09 0.06 3.20
N LYS A 66 14.83 1.26 2.65
CA LYS A 66 13.49 1.66 2.21
C LYS A 66 13.19 1.02 0.85
N LEU A 67 11.91 0.70 0.61
CA LEU A 67 11.45 0.03 -0.61
C LEU A 67 10.27 0.82 -1.22
N SER A 68 10.06 0.66 -2.53
CA SER A 68 9.03 1.40 -3.29
C SER A 68 7.68 0.67 -3.20
N PHE A 69 6.58 1.44 -3.27
CA PHE A 69 5.19 0.89 -3.28
C PHE A 69 4.49 1.28 -4.57
N PHE A 70 3.89 0.28 -5.23
CA PHE A 70 3.07 0.47 -6.45
C PHE A 70 1.67 -0.13 -6.25
N PHE A 71 0.72 0.40 -7.02
CA PHE A 71 -0.66 -0.13 -7.11
C PHE A 71 -1.12 -0.06 -8.57
N ASP A 72 -1.30 -1.24 -9.19
CA ASP A 72 -1.64 -1.38 -10.63
C ASP A 72 -0.57 -0.68 -11.53
N GLY A 73 0.68 -0.71 -11.03
CA GLY A 73 1.84 -0.09 -11.69
C GLY A 73 1.98 1.41 -11.42
N THR A 74 1.06 1.99 -10.63
CA THR A 74 1.11 3.41 -10.24
C THR A 74 2.04 3.59 -9.01
N LYS A 75 3.08 4.44 -9.17
CA LYS A 75 4.01 4.77 -8.07
C LYS A 75 3.26 5.57 -6.99
N LEU A 76 3.13 4.96 -5.81
CA LEU A 76 2.50 5.56 -4.63
C LEU A 76 3.57 6.38 -3.87
N SER A 77 3.35 7.70 -3.74
CA SER A 77 4.31 8.63 -3.12
C SER A 77 4.26 8.58 -1.58
N GLY A 78 3.08 8.27 -1.04
CA GLY A 78 2.83 8.28 0.40
C GLY A 78 1.58 9.06 0.79
N ARG A 79 1.43 10.27 0.23
CA ARG A 79 0.39 11.24 0.65
C ARG A 79 -1.00 10.89 0.11
N GLU A 80 -1.06 10.06 -0.94
CA GLU A 80 -2.32 9.65 -1.57
C GLU A 80 -3.08 8.73 -0.61
N LEU A 81 -4.38 8.81 -0.70
CA LEU A 81 -5.33 8.12 0.16
C LEU A 81 -5.88 6.90 -0.60
N PRO A 82 -6.41 5.84 0.10
CA PRO A 82 -6.95 4.64 -0.58
C PRO A 82 -8.21 4.98 -1.42
N ALA A 83 -9.01 5.94 -0.91
CA ALA A 83 -10.19 6.49 -1.63
C ALA A 83 -9.75 7.18 -2.96
N ASP A 84 -8.58 7.83 -2.91
CA ASP A 84 -7.99 8.57 -4.06
C ASP A 84 -7.60 7.60 -5.19
N LEU A 85 -6.91 6.52 -4.81
CA LEU A 85 -6.43 5.48 -5.76
C LEU A 85 -7.60 4.58 -6.23
N GLY A 86 -8.72 4.61 -5.48
CA GLY A 86 -9.90 3.80 -5.78
C GLY A 86 -9.81 2.39 -5.21
N MET A 87 -8.98 2.23 -4.17
CA MET A 87 -8.76 0.95 -3.46
C MET A 87 -10.04 0.46 -2.75
N GLU A 88 -10.09 -0.85 -2.61
CA GLU A 88 -11.23 -1.60 -2.07
C GLU A 88 -10.62 -2.82 -1.35
N SER A 89 -11.35 -3.41 -0.40
CA SER A 89 -10.89 -4.57 0.39
C SER A 89 -10.52 -5.75 -0.54
N GLY A 90 -9.23 -6.15 -0.51
CA GLY A 90 -8.73 -7.27 -1.30
C GLY A 90 -7.78 -6.85 -2.42
N ASP A 91 -7.66 -5.53 -2.68
CA ASP A 91 -6.65 -4.98 -3.62
C ASP A 91 -5.22 -5.33 -3.17
N LEU A 92 -4.27 -5.25 -4.13
CA LEU A 92 -2.96 -5.87 -4.00
C LEU A 92 -1.90 -4.78 -4.21
N ILE A 93 -1.22 -4.39 -3.13
CA ILE A 93 -0.15 -3.39 -3.17
C ILE A 93 1.18 -4.10 -3.45
N GLU A 94 2.10 -3.40 -4.11
CA GLU A 94 3.35 -3.94 -4.64
C GLU A 94 4.50 -3.33 -3.83
N VAL A 95 5.63 -4.05 -3.79
CA VAL A 95 6.85 -3.60 -3.11
C VAL A 95 8.06 -3.88 -4.02
N TRP A 96 8.62 -2.82 -4.59
CA TRP A 96 9.75 -2.87 -5.53
C TRP A 96 11.01 -2.49 -4.74
N GLY A 97 11.75 -3.51 -4.29
CA GLY A 97 12.95 -3.34 -3.47
C GLY A 97 13.93 -4.48 -3.68
N THR A 20 -13.24 9.51 8.11
CA THR A 20 -14.54 10.03 7.63
C THR A 20 -15.71 9.15 8.10
N GLU A 21 -15.55 7.81 8.00
CA GLU A 21 -16.65 6.85 8.24
C GLU A 21 -16.06 5.45 8.56
N THR A 22 -16.87 4.56 9.13
CA THR A 22 -16.52 3.13 9.29
C THR A 22 -16.65 2.42 7.92
N SER A 23 -15.83 1.37 7.72
CA SER A 23 -15.79 0.57 6.47
C SER A 23 -15.39 1.44 5.24
N GLN A 24 -14.59 2.49 5.49
CA GLN A 24 -14.04 3.37 4.43
C GLN A 24 -12.79 2.76 3.79
N GLN A 25 -12.24 1.74 4.45
CA GLN A 25 -10.92 1.21 4.13
C GLN A 25 -11.00 0.26 2.95
N LEU A 26 -10.11 0.47 1.98
CA LEU A 26 -10.09 -0.25 0.72
C LEU A 26 -9.07 -1.38 0.84
N GLN A 27 -9.48 -2.62 0.56
CA GLN A 27 -8.59 -3.77 0.57
C GLN A 27 -7.75 -3.73 -0.72
N LEU A 28 -6.52 -3.22 -0.60
CA LEU A 28 -5.62 -2.98 -1.74
C LEU A 28 -4.43 -3.92 -1.66
N ARG A 29 -4.11 -4.55 -2.80
CA ARG A 29 -2.95 -5.43 -2.93
C ARG A 29 -1.79 -4.63 -3.53
N VAL A 30 -0.60 -4.82 -2.96
CA VAL A 30 0.62 -4.13 -3.39
C VAL A 30 1.66 -5.21 -3.71
N GLN A 31 2.37 -5.09 -4.83
CA GLN A 31 3.40 -6.08 -5.24
C GLN A 31 4.69 -5.37 -5.67
N GLY A 32 5.83 -6.02 -5.41
CA GLY A 32 7.13 -5.56 -5.91
C GLY A 32 7.54 -6.29 -7.17
N LYS A 33 8.66 -5.85 -7.75
CA LYS A 33 9.33 -6.50 -8.92
C LYS A 33 9.57 -8.02 -8.76
N GLU A 34 9.57 -8.52 -7.51
CA GLU A 34 9.87 -9.93 -7.21
C GLU A 34 8.55 -10.76 -7.14
N LYS A 35 8.66 -12.07 -7.38
CA LYS A 35 7.50 -12.99 -7.53
C LYS A 35 6.69 -13.16 -6.21
N HIS A 36 7.39 -13.40 -5.10
CA HIS A 36 6.77 -13.68 -3.79
C HIS A 36 6.52 -12.36 -3.02
N GLN A 37 7.19 -11.28 -3.44
CA GLN A 37 7.08 -9.96 -2.80
C GLN A 37 5.67 -9.37 -3.05
N THR A 38 4.70 -9.77 -2.21
CA THR A 38 3.31 -9.31 -2.26
C THR A 38 2.81 -9.05 -0.83
N LEU A 39 2.20 -7.88 -0.62
CA LEU A 39 1.70 -7.43 0.69
C LEU A 39 0.37 -6.74 0.46
N GLU A 40 -0.63 -7.08 1.26
CA GLU A 40 -1.99 -6.57 1.09
C GLU A 40 -2.42 -5.84 2.37
N VAL A 41 -2.91 -4.62 2.17
CA VAL A 41 -3.19 -3.66 3.24
C VAL A 41 -4.60 -3.05 3.08
N SER A 42 -5.20 -2.71 4.22
CA SER A 42 -6.48 -1.99 4.26
C SER A 42 -6.17 -0.48 4.40
N LEU A 43 -6.35 0.28 3.30
CA LEU A 43 -6.12 1.73 3.30
C LEU A 43 -7.45 2.47 3.21
N SER A 44 -7.84 3.08 4.35
CA SER A 44 -8.82 4.19 4.42
C SER A 44 -8.74 5.12 3.19
N ARG A 45 -9.89 5.24 2.49
CA ARG A 45 -10.01 5.95 1.20
C ARG A 45 -9.75 7.48 1.32
N ASP A 46 -9.73 7.98 2.55
CA ASP A 46 -9.50 9.41 2.86
C ASP A 46 -8.03 9.67 3.27
N SER A 47 -7.29 8.58 3.56
CA SER A 47 -5.92 8.64 4.06
C SER A 47 -4.91 8.56 2.88
N PRO A 48 -3.79 9.35 2.93
CA PRO A 48 -2.79 9.40 1.85
C PRO A 48 -2.12 8.05 1.57
N LEU A 49 -1.75 7.85 0.32
CA LEU A 49 -0.95 6.72 -0.13
C LEU A 49 0.34 6.55 0.67
N LYS A 50 0.91 7.67 1.18
CA LYS A 50 2.16 7.67 1.95
C LYS A 50 2.11 6.71 3.16
N THR A 51 0.92 6.65 3.83
CA THR A 51 0.73 5.78 5.00
C THR A 51 0.74 4.28 4.58
N LEU A 52 0.16 4.00 3.40
CA LEU A 52 0.15 2.65 2.77
C LEU A 52 1.57 2.23 2.38
N MET A 53 2.29 3.19 1.76
CA MET A 53 3.70 3.03 1.36
C MET A 53 4.55 2.62 2.55
N SER A 54 4.32 3.35 3.65
CA SER A 54 5.04 3.17 4.91
C SER A 54 4.67 1.80 5.53
N HIS A 55 3.42 1.37 5.33
CA HIS A 55 2.90 0.09 5.89
C HIS A 55 3.61 -1.10 5.21
N TYR A 56 3.64 -1.07 3.87
CA TYR A 56 4.29 -2.09 3.03
C TYR A 56 5.76 -2.27 3.41
N GLU A 57 6.54 -1.17 3.29
CA GLU A 57 7.99 -1.19 3.48
C GLU A 57 8.36 -1.59 4.93
N GLU A 58 7.61 -1.11 5.94
CA GLU A 58 7.83 -1.53 7.34
C GLU A 58 7.50 -3.00 7.59
N ALA A 59 6.43 -3.54 6.95
CA ALA A 59 6.00 -4.96 7.10
C ALA A 59 7.12 -5.98 6.78
N MET A 60 7.85 -5.77 5.67
CA MET A 60 8.99 -6.67 5.29
C MET A 60 10.35 -5.93 5.47
N GLY A 61 10.41 -5.11 6.53
CA GLY A 61 11.59 -4.30 6.92
C GLY A 61 12.46 -3.70 5.80
N LEU A 62 11.84 -3.15 4.75
CA LEU A 62 12.55 -2.38 3.70
C LEU A 62 12.97 -1.00 4.26
N SER A 63 14.16 -0.95 4.87
CA SER A 63 14.70 0.28 5.49
C SER A 63 16.13 0.57 4.99
N GLY A 64 16.81 -0.47 4.45
CA GLY A 64 18.12 -0.32 3.81
C GLY A 64 18.03 0.45 2.51
N ARG A 65 16.89 0.27 1.81
CA ARG A 65 16.51 1.04 0.62
C ARG A 65 15.03 1.42 0.72
N LYS A 66 14.69 2.60 0.21
CA LYS A 66 13.29 3.04 0.05
C LYS A 66 12.89 2.79 -1.41
N LEU A 67 11.63 2.45 -1.63
CA LEU A 67 11.11 2.02 -2.94
C LEU A 67 9.89 2.86 -3.34
N SER A 68 9.70 2.98 -4.67
CA SER A 68 8.62 3.78 -5.26
C SER A 68 7.34 2.95 -5.45
N PHE A 69 6.21 3.65 -5.63
CA PHE A 69 4.87 3.05 -5.71
C PHE A 69 4.12 3.62 -6.92
N PHE A 70 3.59 2.71 -7.76
CA PHE A 70 2.88 3.08 -9.00
C PHE A 70 1.47 2.46 -9.03
N PHE A 71 0.45 3.33 -9.16
CA PHE A 71 -0.94 2.91 -9.37
C PHE A 71 -1.25 3.00 -10.87
N ASP A 72 -1.36 1.83 -11.54
CA ASP A 72 -1.48 1.73 -13.02
C ASP A 72 -0.35 2.52 -13.74
N GLY A 73 0.90 2.33 -13.25
CA GLY A 73 2.08 2.98 -13.82
C GLY A 73 2.23 4.46 -13.46
N THR A 74 1.28 4.98 -12.65
CA THR A 74 1.29 6.38 -12.21
C THR A 74 2.13 6.50 -10.94
N LYS A 75 3.27 7.22 -11.05
CA LYS A 75 4.14 7.53 -9.91
C LYS A 75 3.34 8.33 -8.86
N LEU A 76 3.17 7.72 -7.68
CA LEU A 76 2.45 8.30 -6.56
C LEU A 76 3.44 9.11 -5.69
N SER A 77 3.10 10.38 -5.42
CA SER A 77 3.99 11.32 -4.70
C SER A 77 3.94 11.11 -3.16
N GLY A 78 2.81 10.56 -2.69
CA GLY A 78 2.59 10.26 -1.27
C GLY A 78 1.32 10.91 -0.73
N ARG A 79 1.14 12.20 -1.03
CA ARG A 79 0.10 13.05 -0.39
C ARG A 79 -1.19 13.11 -1.23
N GLU A 80 -1.30 12.23 -2.24
CA GLU A 80 -2.55 11.94 -2.93
C GLU A 80 -3.28 10.86 -2.14
N LEU A 81 -4.59 10.91 -2.22
CA LEU A 81 -5.50 9.96 -1.60
C LEU A 81 -6.01 9.00 -2.69
N PRO A 82 -6.53 7.79 -2.34
CA PRO A 82 -7.20 6.93 -3.34
C PRO A 82 -8.52 7.56 -3.86
N ALA A 83 -9.06 8.51 -3.07
CA ALA A 83 -10.18 9.37 -3.51
C ALA A 83 -9.74 10.26 -4.70
N ASP A 84 -8.48 10.73 -4.63
CA ASP A 84 -7.88 11.61 -5.66
C ASP A 84 -7.49 10.79 -6.91
N LEU A 85 -6.86 9.63 -6.68
CA LEU A 85 -6.43 8.70 -7.73
C LEU A 85 -7.59 8.02 -8.47
N GLY A 86 -8.76 7.93 -7.80
CA GLY A 86 -9.87 7.14 -8.32
C GLY A 86 -9.57 5.66 -8.20
N MET A 87 -9.45 5.21 -6.94
CA MET A 87 -9.03 3.84 -6.58
C MET A 87 -10.06 3.25 -5.61
N GLU A 88 -10.17 1.91 -5.58
CA GLU A 88 -11.24 1.19 -4.86
C GLU A 88 -10.70 -0.18 -4.39
N SER A 89 -11.44 -0.87 -3.50
CA SER A 89 -11.05 -2.18 -2.95
C SER A 89 -10.81 -3.21 -4.08
N GLY A 90 -9.56 -3.71 -4.17
CA GLY A 90 -9.19 -4.73 -5.15
C GLY A 90 -8.07 -4.29 -6.08
N ASP A 91 -7.89 -2.95 -6.23
CA ASP A 91 -6.82 -2.38 -7.08
C ASP A 91 -5.41 -2.83 -6.67
N LEU A 92 -4.43 -2.52 -7.54
CA LEU A 92 -3.09 -3.10 -7.49
C LEU A 92 -2.05 -1.97 -7.65
N ILE A 93 -1.35 -1.71 -6.55
CA ILE A 93 -0.26 -0.74 -6.47
C ILE A 93 1.07 -1.50 -6.67
N GLU A 94 2.09 -0.83 -7.24
CA GLU A 94 3.34 -1.44 -7.66
C GLU A 94 4.46 -0.97 -6.73
N VAL A 95 5.60 -1.65 -6.77
CA VAL A 95 6.77 -1.33 -5.95
C VAL A 95 8.04 -1.52 -6.80
N TRP A 96 8.66 -0.38 -7.13
CA TRP A 96 9.86 -0.29 -7.97
C TRP A 96 11.00 0.33 -7.15
N GLY A 97 11.89 -0.52 -6.63
CA GLY A 97 13.04 -0.09 -5.84
C GLY A 97 14.11 -1.17 -5.82
N THR A 20 -11.18 4.94 10.28
CA THR A 20 -12.16 3.86 10.10
C THR A 20 -11.57 2.51 10.59
N GLU A 21 -12.38 1.73 11.35
CA GLU A 21 -11.93 0.51 12.05
C GLU A 21 -12.65 -0.75 11.54
N THR A 22 -13.96 -0.62 11.20
CA THR A 22 -14.76 -1.71 10.65
C THR A 22 -14.28 -2.03 9.22
N SER A 23 -13.85 -3.30 8.99
CA SER A 23 -13.05 -3.78 7.82
C SER A 23 -13.46 -3.17 6.43
N GLN A 24 -13.08 -1.90 6.27
CA GLN A 24 -13.20 -1.11 5.04
C GLN A 24 -12.03 -1.36 4.06
N GLN A 25 -10.84 -1.59 4.65
CA GLN A 25 -9.53 -1.32 4.03
C GLN A 25 -9.02 -2.49 3.17
N LEU A 26 -8.11 -2.14 2.24
CA LEU A 26 -7.77 -2.93 1.06
C LEU A 26 -6.55 -3.83 1.33
N GLN A 27 -6.64 -5.11 0.94
CA GLN A 27 -5.49 -6.04 0.97
C GLN A 27 -4.80 -6.00 -0.41
N LEU A 28 -3.65 -5.31 -0.49
CA LEU A 28 -2.94 -5.08 -1.76
C LEU A 28 -1.65 -5.90 -1.80
N ARG A 29 -1.44 -6.64 -2.90
CA ARG A 29 -0.22 -7.42 -3.14
C ARG A 29 0.78 -6.58 -3.91
N VAL A 30 2.00 -6.51 -3.40
CA VAL A 30 3.06 -5.64 -3.91
C VAL A 30 4.22 -6.53 -4.36
N GLN A 31 4.61 -6.46 -5.64
CA GLN A 31 5.58 -7.41 -6.24
C GLN A 31 6.71 -6.63 -6.92
N GLY A 32 7.95 -7.10 -6.73
CA GLY A 32 9.13 -6.50 -7.38
C GLY A 32 9.24 -6.91 -8.84
N LYS A 33 10.21 -6.29 -9.57
CA LYS A 33 10.69 -6.78 -10.89
C LYS A 33 10.85 -8.33 -10.92
N GLU A 34 11.31 -8.87 -9.78
CA GLU A 34 11.35 -10.30 -9.48
C GLU A 34 10.00 -10.69 -8.84
N LYS A 35 9.25 -11.59 -9.51
CA LYS A 35 7.87 -11.98 -9.10
C LYS A 35 7.88 -12.83 -7.81
N HIS A 36 9.03 -13.47 -7.51
CA HIS A 36 9.26 -14.22 -6.26
C HIS A 36 9.18 -13.27 -5.05
N GLN A 37 9.57 -12.00 -5.28
CA GLN A 37 9.42 -10.92 -4.30
C GLN A 37 7.94 -10.46 -4.28
N THR A 38 7.14 -11.09 -3.42
CA THR A 38 5.72 -10.73 -3.23
C THR A 38 5.45 -10.46 -1.73
N LEU A 39 4.90 -9.29 -1.43
CA LEU A 39 4.64 -8.80 -0.07
C LEU A 39 3.24 -8.20 -0.06
N GLU A 40 2.36 -8.69 0.81
CA GLU A 40 0.95 -8.25 0.84
C GLU A 40 0.66 -7.54 2.17
N VAL A 41 0.21 -6.30 2.06
CA VAL A 41 0.03 -5.36 3.17
C VAL A 41 -1.41 -4.84 3.17
N SER A 42 -1.94 -4.57 4.37
CA SER A 42 -3.28 -4.00 4.53
C SER A 42 -3.13 -2.47 4.53
N LEU A 43 -3.56 -1.84 3.43
CA LEU A 43 -3.54 -0.38 3.26
C LEU A 43 -4.97 0.15 3.41
N SER A 44 -5.14 1.20 4.22
CA SER A 44 -6.43 1.86 4.39
C SER A 44 -6.70 2.73 3.15
N ARG A 45 -7.94 2.70 2.63
CA ARG A 45 -8.26 3.41 1.39
C ARG A 45 -8.31 4.94 1.60
N ASP A 46 -8.19 5.36 2.86
CA ASP A 46 -8.05 6.76 3.28
C ASP A 46 -6.56 7.14 3.37
N SER A 47 -5.74 6.20 3.86
CA SER A 47 -4.28 6.40 4.08
C SER A 47 -3.52 6.29 2.73
N PRO A 48 -2.59 7.26 2.41
CA PRO A 48 -1.81 7.23 1.16
C PRO A 48 -0.87 6.03 1.03
N LEU A 49 -0.46 5.78 -0.21
CA LEU A 49 0.47 4.72 -0.61
C LEU A 49 1.78 4.74 0.18
N LYS A 50 2.19 5.93 0.65
CA LYS A 50 3.47 6.11 1.38
C LYS A 50 3.63 5.15 2.60
N THR A 51 2.52 4.84 3.32
CA THR A 51 2.57 3.92 4.48
C THR A 51 2.74 2.45 4.03
N LEU A 52 2.16 2.12 2.86
CA LEU A 52 2.34 0.82 2.17
C LEU A 52 3.78 0.68 1.68
N MET A 53 4.31 1.79 1.11
CA MET A 53 5.69 1.88 0.59
C MET A 53 6.70 1.60 1.70
N SER A 54 6.49 2.29 2.84
CA SER A 54 7.36 2.18 4.01
C SER A 54 7.25 0.78 4.63
N HIS A 55 6.06 0.16 4.52
CA HIS A 55 5.81 -1.19 5.05
C HIS A 55 6.61 -2.23 4.22
N TYR A 56 6.42 -2.19 2.88
CA TYR A 56 7.06 -3.09 1.92
C TYR A 56 8.59 -3.07 2.05
N GLU A 57 9.18 -1.86 1.86
CA GLU A 57 10.65 -1.69 1.87
C GLU A 57 11.25 -2.17 3.20
N GLU A 58 10.69 -1.73 4.33
CA GLU A 58 11.22 -2.07 5.68
C GLU A 58 11.00 -3.58 6.01
N ALA A 59 9.97 -4.23 5.42
CA ALA A 59 9.67 -5.66 5.65
C ALA A 59 10.83 -6.59 5.25
N MET A 60 11.44 -6.33 4.08
CA MET A 60 12.62 -7.11 3.59
C MET A 60 13.91 -6.26 3.66
N GLY A 61 13.93 -5.29 4.60
CA GLY A 61 15.05 -4.34 4.80
C GLY A 61 15.68 -3.74 3.53
N LEU A 62 14.90 -2.95 2.79
CA LEU A 62 15.36 -2.18 1.61
C LEU A 62 15.84 -0.77 2.03
N SER A 63 15.97 -0.56 3.36
CA SER A 63 16.42 0.71 3.95
C SER A 63 17.87 1.03 3.50
N GLY A 64 17.97 1.88 2.47
CA GLY A 64 19.25 2.22 1.85
C GLY A 64 19.03 2.75 0.44
N ARG A 65 18.14 2.08 -0.32
CA ARG A 65 17.67 2.53 -1.63
C ARG A 65 16.13 2.44 -1.65
N LYS A 66 15.46 3.52 -2.07
CA LYS A 66 14.00 3.52 -2.27
C LYS A 66 13.70 3.02 -3.69
N LEU A 67 12.62 2.26 -3.82
CA LEU A 67 12.21 1.60 -5.06
C LEU A 67 10.88 2.21 -5.57
N SER A 68 10.69 2.14 -6.90
CA SER A 68 9.57 2.78 -7.58
C SER A 68 8.34 1.87 -7.63
N PHE A 69 7.19 2.42 -7.24
CA PHE A 69 5.90 1.71 -7.20
C PHE A 69 5.04 2.09 -8.42
N PHE A 70 4.47 1.06 -9.07
CA PHE A 70 3.59 1.25 -10.24
C PHE A 70 2.26 0.49 -10.05
N PHE A 71 1.15 1.19 -10.33
CA PHE A 71 -0.21 0.64 -10.35
C PHE A 71 -0.77 0.86 -11.75
N ASP A 72 -0.90 -0.22 -12.54
CA ASP A 72 -1.28 -0.18 -13.97
C ASP A 72 -0.24 0.66 -14.78
N GLY A 73 1.00 0.71 -14.25
CA GLY A 73 2.09 1.51 -14.84
C GLY A 73 2.13 2.97 -14.37
N THR A 74 1.17 3.38 -13.54
CA THR A 74 1.13 4.73 -12.93
C THR A 74 2.21 4.84 -11.83
N LYS A 75 3.08 5.86 -11.95
CA LYS A 75 4.10 6.15 -10.93
C LYS A 75 3.42 6.67 -9.64
N LEU A 76 3.54 5.87 -8.58
CA LEU A 76 3.05 6.21 -7.23
C LEU A 76 4.24 6.83 -6.47
N SER A 77 4.08 8.05 -5.94
CA SER A 77 5.18 8.84 -5.34
C SER A 77 5.05 9.00 -3.81
N GLY A 78 3.86 8.69 -3.25
CA GLY A 78 3.65 8.73 -1.80
C GLY A 78 2.29 9.30 -1.41
N ARG A 79 2.06 10.58 -1.75
CA ARG A 79 0.92 11.38 -1.23
C ARG A 79 -0.42 11.07 -1.92
N GLU A 80 -0.41 10.22 -2.95
CA GLU A 80 -1.64 9.75 -3.57
C GLU A 80 -2.22 8.62 -2.72
N LEU A 81 -3.52 8.54 -2.71
CA LEU A 81 -4.30 7.59 -1.92
C LEU A 81 -4.73 6.43 -2.85
N PRO A 82 -4.97 5.20 -2.33
CA PRO A 82 -5.43 4.08 -3.17
C PRO A 82 -6.86 4.35 -3.73
N ALA A 83 -7.71 4.99 -2.91
CA ALA A 83 -9.06 5.43 -3.34
C ALA A 83 -8.97 6.52 -4.43
N ASP A 84 -7.91 7.35 -4.33
CA ASP A 84 -7.61 8.40 -5.33
C ASP A 84 -7.22 7.77 -6.69
N LEU A 85 -6.38 6.72 -6.63
CA LEU A 85 -5.88 6.00 -7.82
C LEU A 85 -6.96 5.09 -8.44
N GLY A 86 -7.94 4.67 -7.63
CA GLY A 86 -8.97 3.73 -8.06
C GLY A 86 -8.56 2.27 -7.78
N MET A 87 -8.25 1.99 -6.50
CA MET A 87 -7.86 0.65 -6.02
C MET A 87 -9.02 -0.01 -5.25
N GLU A 88 -8.93 -1.35 -5.09
CA GLU A 88 -9.92 -2.15 -4.35
C GLU A 88 -9.19 -3.36 -3.72
N SER A 89 -9.81 -3.98 -2.69
CA SER A 89 -9.20 -5.10 -1.95
C SER A 89 -8.97 -6.32 -2.87
N GLY A 90 -7.70 -6.71 -3.03
CA GLY A 90 -7.30 -7.76 -3.97
C GLY A 90 -6.75 -7.17 -5.25
N ASP A 91 -5.95 -6.10 -5.10
CA ASP A 91 -5.32 -5.38 -6.24
C ASP A 91 -3.84 -5.74 -6.33
N LEU A 92 -3.11 -5.11 -7.27
CA LEU A 92 -1.72 -5.44 -7.56
C LEU A 92 -0.91 -4.15 -7.76
N ILE A 93 0.27 -4.13 -7.14
CA ILE A 93 1.25 -3.03 -7.22
C ILE A 93 2.59 -3.63 -7.64
N GLU A 94 3.41 -2.83 -8.35
CA GLU A 94 4.66 -3.26 -8.99
C GLU A 94 5.81 -2.47 -8.33
N VAL A 95 7.03 -3.00 -8.38
CA VAL A 95 8.21 -2.41 -7.69
C VAL A 95 9.46 -2.50 -8.59
N TRP A 96 10.26 -1.42 -8.59
CA TRP A 96 11.45 -1.26 -9.44
C TRP A 96 12.61 -0.69 -8.61
N GLY A 97 13.47 -1.60 -8.09
CA GLY A 97 14.60 -1.25 -7.21
C GLY A 97 15.94 -1.67 -7.80
N THR A 20 -15.37 1.53 12.89
CA THR A 20 -16.08 0.31 12.43
C THR A 20 -15.14 -0.60 11.62
N GLU A 21 -15.57 -1.86 11.41
CA GLU A 21 -14.81 -2.85 10.62
C GLU A 21 -15.40 -2.97 9.19
N THR A 22 -16.60 -2.39 8.96
CA THR A 22 -17.30 -2.45 7.67
C THR A 22 -16.52 -1.62 6.64
N SER A 23 -16.09 -2.30 5.54
CA SER A 23 -15.04 -1.86 4.58
C SER A 23 -15.17 -0.38 4.13
N GLN A 24 -14.68 0.52 4.99
CA GLN A 24 -14.39 1.91 4.67
C GLN A 24 -13.04 1.97 3.95
N GLN A 25 -12.15 1.11 4.42
CA GLN A 25 -10.79 0.99 3.91
C GLN A 25 -10.73 -0.04 2.77
N LEU A 26 -9.75 0.13 1.91
CA LEU A 26 -9.53 -0.67 0.71
C LEU A 26 -8.45 -1.72 1.02
N GLN A 27 -8.78 -3.01 0.83
CA GLN A 27 -7.84 -4.11 1.07
C GLN A 27 -7.03 -4.35 -0.22
N LEU A 28 -5.78 -3.85 -0.24
CA LEU A 28 -4.95 -3.75 -1.46
C LEU A 28 -3.74 -4.68 -1.39
N ARG A 29 -3.24 -5.08 -2.56
CA ARG A 29 -2.06 -5.96 -2.68
C ARG A 29 -0.86 -5.20 -3.28
N VAL A 30 0.32 -5.40 -2.69
CA VAL A 30 1.62 -4.89 -3.18
C VAL A 30 2.55 -6.08 -3.46
N GLN A 31 3.10 -6.15 -4.67
CA GLN A 31 3.97 -7.26 -5.11
C GLN A 31 5.26 -6.67 -5.70
N GLY A 32 6.41 -7.17 -5.21
CA GLY A 32 7.72 -6.61 -5.56
C GLY A 32 8.34 -7.23 -6.78
N LYS A 33 9.50 -6.67 -7.18
CA LYS A 33 10.42 -7.26 -8.19
C LYS A 33 10.58 -8.81 -8.07
N GLU A 34 10.60 -9.31 -6.83
CA GLU A 34 10.59 -10.76 -6.55
C GLU A 34 9.18 -11.31 -6.80
N LYS A 35 9.09 -12.30 -7.71
CA LYS A 35 7.80 -12.90 -8.13
C LYS A 35 7.07 -13.61 -6.96
N HIS A 36 7.86 -14.18 -6.03
CA HIS A 36 7.33 -14.87 -4.84
C HIS A 36 6.83 -13.86 -3.79
N GLN A 37 7.40 -12.63 -3.80
CA GLN A 37 7.05 -11.55 -2.85
C GLN A 37 5.61 -11.08 -3.13
N THR A 38 4.67 -11.65 -2.37
CA THR A 38 3.28 -11.19 -2.32
C THR A 38 2.97 -10.68 -0.90
N LEU A 39 2.62 -9.40 -0.79
CA LEU A 39 2.32 -8.73 0.50
C LEU A 39 0.95 -8.05 0.34
N GLU A 40 0.01 -8.29 1.25
CA GLU A 40 -1.34 -7.68 1.17
C GLU A 40 -1.61 -6.85 2.43
N VAL A 41 -1.88 -5.56 2.22
CA VAL A 41 -2.00 -4.53 3.26
C VAL A 41 -3.33 -3.75 3.12
N SER A 42 -3.88 -3.37 4.27
CA SER A 42 -5.14 -2.61 4.36
C SER A 42 -4.82 -1.10 4.43
N LEU A 43 -5.18 -0.38 3.35
CA LEU A 43 -5.04 1.10 3.26
C LEU A 43 -6.43 1.73 3.29
N SER A 44 -6.59 2.80 4.10
CA SER A 44 -7.86 3.55 4.19
C SER A 44 -8.00 4.47 2.97
N ARG A 45 -9.26 4.68 2.52
CA ARG A 45 -9.57 5.40 1.27
C ARG A 45 -9.15 6.89 1.33
N ASP A 46 -9.09 7.42 2.56
CA ASP A 46 -8.79 8.84 2.84
C ASP A 46 -7.31 9.02 3.25
N SER A 47 -6.65 7.91 3.62
CA SER A 47 -5.24 7.91 4.04
C SER A 47 -4.34 7.74 2.81
N PRO A 48 -3.21 8.53 2.71
CA PRO A 48 -2.30 8.47 1.55
C PRO A 48 -1.56 7.13 1.42
N LEU A 49 -1.16 6.82 0.19
CA LEU A 49 -0.38 5.64 -0.18
C LEU A 49 0.90 5.51 0.66
N LYS A 50 1.48 6.64 1.11
CA LYS A 50 2.72 6.66 1.90
C LYS A 50 2.63 5.80 3.19
N THR A 51 1.44 5.76 3.84
CA THR A 51 1.27 4.95 5.07
C THR A 51 1.28 3.43 4.73
N LEU A 52 0.77 3.09 3.53
CA LEU A 52 0.83 1.73 2.95
C LEU A 52 2.27 1.38 2.53
N MET A 53 2.99 2.39 2.01
CA MET A 53 4.42 2.27 1.63
C MET A 53 5.27 1.94 2.86
N SER A 54 4.95 2.63 3.97
CA SER A 54 5.62 2.44 5.27
C SER A 54 5.31 1.04 5.83
N HIS A 55 4.07 0.58 5.64
CA HIS A 55 3.60 -0.70 6.15
C HIS A 55 4.29 -1.87 5.39
N TYR A 56 4.35 -1.74 4.05
CA TYR A 56 5.05 -2.68 3.15
C TYR A 56 6.52 -2.85 3.54
N GLU A 57 7.26 -1.72 3.55
CA GLU A 57 8.71 -1.73 3.78
C GLU A 57 9.03 -2.30 5.18
N GLU A 58 8.25 -1.91 6.21
CA GLU A 58 8.43 -2.44 7.58
C GLU A 58 8.12 -3.96 7.68
N ALA A 59 7.20 -4.47 6.83
CA ALA A 59 6.84 -5.91 6.79
C ALA A 59 8.05 -6.86 6.59
N MET A 60 8.88 -6.60 5.55
CA MET A 60 10.09 -7.42 5.26
C MET A 60 11.39 -6.65 5.58
N GLY A 61 11.32 -5.73 6.57
CA GLY A 61 12.47 -4.90 7.00
C GLY A 61 13.32 -4.26 5.88
N LEU A 62 12.71 -3.36 5.10
CA LEU A 62 13.38 -2.62 4.00
C LEU A 62 13.97 -1.28 4.49
N SER A 63 14.21 -1.16 5.81
CA SER A 63 14.89 0.00 6.41
C SER A 63 16.41 -0.07 6.09
N GLY A 64 16.76 0.39 4.87
CA GLY A 64 18.12 0.28 4.33
C GLY A 64 18.09 0.11 2.81
N ARG A 65 17.00 -0.48 2.31
CA ARG A 65 16.73 -0.65 0.87
C ARG A 65 15.34 -0.06 0.57
N LYS A 66 15.30 1.20 0.11
CA LYS A 66 14.04 1.89 -0.21
C LYS A 66 13.65 1.64 -1.69
N LEU A 67 12.35 1.49 -1.94
CA LEU A 67 11.79 1.05 -3.24
C LEU A 67 10.66 2.01 -3.70
N SER A 68 10.33 1.95 -5.00
CA SER A 68 9.21 2.73 -5.58
C SER A 68 7.94 1.86 -5.70
N PHE A 69 6.80 2.53 -5.98
CA PHE A 69 5.46 1.93 -6.08
C PHE A 69 4.79 2.41 -7.38
N PHE A 70 4.22 1.46 -8.12
CA PHE A 70 3.55 1.71 -9.41
C PHE A 70 2.14 1.11 -9.42
N PHE A 71 1.13 2.00 -9.44
CA PHE A 71 -0.30 1.65 -9.56
C PHE A 71 -0.72 1.92 -11.02
N ASP A 72 -1.03 0.85 -11.77
CA ASP A 72 -1.40 0.92 -13.21
C ASP A 72 -0.33 1.73 -14.02
N GLY A 73 0.95 1.55 -13.61
CA GLY A 73 2.10 2.23 -14.23
C GLY A 73 2.40 3.63 -13.67
N THR A 74 1.44 4.21 -12.94
CA THR A 74 1.60 5.54 -12.29
C THR A 74 2.57 5.45 -11.10
N LYS A 75 3.66 6.24 -11.18
CA LYS A 75 4.63 6.37 -10.07
C LYS A 75 3.95 7.17 -8.94
N LEU A 76 3.85 6.53 -7.77
CA LEU A 76 3.20 7.09 -6.57
C LEU A 76 4.26 7.83 -5.71
N SER A 77 4.02 9.10 -5.36
CA SER A 77 4.97 9.95 -4.59
C SER A 77 4.76 9.84 -3.06
N GLY A 78 3.55 9.44 -2.65
CA GLY A 78 3.21 9.29 -1.23
C GLY A 78 1.92 10.00 -0.85
N ARG A 79 1.82 11.29 -1.22
CA ARG A 79 0.75 12.20 -0.75
C ARG A 79 -0.56 12.04 -1.53
N GLU A 80 -0.60 11.11 -2.51
CA GLU A 80 -1.83 10.77 -3.21
C GLU A 80 -2.57 9.72 -2.39
N LEU A 81 -3.88 9.77 -2.47
CA LEU A 81 -4.81 8.89 -1.79
C LEU A 81 -5.28 7.81 -2.77
N PRO A 82 -5.75 6.61 -2.32
CA PRO A 82 -6.29 5.58 -3.24
C PRO A 82 -7.62 6.03 -3.87
N ALA A 83 -8.34 6.92 -3.17
CA ALA A 83 -9.54 7.59 -3.69
C ALA A 83 -9.17 8.56 -4.84
N ASP A 84 -8.04 9.27 -4.63
CA ASP A 84 -7.48 10.26 -5.59
C ASP A 84 -7.00 9.57 -6.88
N LEU A 85 -6.36 8.40 -6.69
CA LEU A 85 -5.88 7.54 -7.79
C LEU A 85 -7.03 6.81 -8.51
N GLY A 86 -8.17 6.64 -7.81
CA GLY A 86 -9.33 5.89 -8.35
C GLY A 86 -9.20 4.38 -8.16
N MET A 87 -8.39 3.99 -7.15
CA MET A 87 -8.16 2.60 -6.74
C MET A 87 -9.39 2.02 -5.98
N GLU A 88 -9.47 0.69 -5.90
CA GLU A 88 -10.62 -0.04 -5.29
C GLU A 88 -10.09 -1.25 -4.47
N SER A 89 -10.89 -1.73 -3.49
CA SER A 89 -10.54 -2.91 -2.68
C SER A 89 -10.28 -4.15 -3.57
N GLY A 90 -9.06 -4.71 -3.50
CA GLY A 90 -8.67 -5.90 -4.28
C GLY A 90 -7.68 -5.61 -5.39
N ASP A 91 -7.53 -4.32 -5.74
CA ASP A 91 -6.61 -3.83 -6.80
C ASP A 91 -5.13 -4.29 -6.57
N LEU A 92 -4.22 -3.98 -7.53
CA LEU A 92 -2.86 -4.48 -7.51
C LEU A 92 -1.89 -3.29 -7.72
N ILE A 93 -1.23 -2.94 -6.63
CA ILE A 93 -0.09 -2.02 -6.64
C ILE A 93 1.19 -2.85 -6.85
N GLU A 94 2.20 -2.26 -7.48
CA GLU A 94 3.46 -2.94 -7.79
C GLU A 94 4.57 -2.25 -7.01
N VAL A 95 5.72 -2.92 -6.89
CA VAL A 95 6.88 -2.42 -6.15
C VAL A 95 8.15 -2.67 -6.98
N TRP A 96 8.84 -1.58 -7.33
CA TRP A 96 10.04 -1.60 -8.18
C TRP A 96 11.15 -0.79 -7.49
N GLY A 97 12.21 -1.47 -7.03
CA GLY A 97 13.31 -0.82 -6.29
C GLY A 97 14.66 -1.50 -6.51
N THR A 20 -8.82 1.60 13.54
CA THR A 20 -8.13 0.52 12.79
C THR A 20 -8.51 -0.88 13.36
N GLU A 21 -9.75 -0.98 13.86
CA GLU A 21 -10.24 -2.14 14.64
C GLU A 21 -11.63 -2.59 14.13
N THR A 22 -12.49 -1.60 13.84
CA THR A 22 -13.78 -1.80 13.16
C THR A 22 -13.54 -1.67 11.64
N SER A 23 -13.90 -2.73 10.86
CA SER A 23 -13.58 -2.86 9.42
C SER A 23 -14.32 -1.81 8.51
N GLN A 24 -13.88 -0.56 8.62
CA GLN A 24 -14.15 0.54 7.67
C GLN A 24 -13.14 0.41 6.51
N GLN A 25 -11.92 -0.01 6.89
CA GLN A 25 -10.69 0.13 6.12
C GLN A 25 -10.49 -1.05 5.16
N LEU A 26 -9.71 -0.77 4.11
CA LEU A 26 -9.63 -1.58 2.90
C LEU A 26 -8.48 -2.59 3.04
N GLN A 27 -8.77 -3.88 2.80
CA GLN A 27 -7.76 -4.95 2.89
C GLN A 27 -7.00 -5.00 1.55
N LEU A 28 -5.81 -4.39 1.54
CA LEU A 28 -5.00 -4.19 0.32
C LEU A 28 -3.75 -5.08 0.39
N ARG A 29 -3.48 -5.82 -0.68
CA ARG A 29 -2.37 -6.76 -0.74
C ARG A 29 -1.18 -6.11 -1.50
N VAL A 30 -0.11 -5.86 -0.74
CA VAL A 30 1.15 -5.31 -1.29
C VAL A 30 2.18 -6.44 -1.46
N GLN A 31 2.63 -6.64 -2.71
CA GLN A 31 3.51 -7.78 -3.06
C GLN A 31 4.77 -7.22 -3.69
N GLY A 32 5.94 -7.75 -3.27
CA GLY A 32 7.23 -7.40 -3.88
C GLY A 32 7.29 -7.92 -5.31
N LYS A 33 8.14 -7.31 -6.17
CA LYS A 33 8.39 -7.81 -7.55
C LYS A 33 8.80 -9.30 -7.57
N GLU A 34 9.28 -9.81 -6.42
CA GLU A 34 9.38 -11.24 -6.14
C GLU A 34 7.95 -11.78 -5.95
N LYS A 35 7.45 -12.56 -6.92
CA LYS A 35 6.02 -12.92 -7.03
C LYS A 35 5.47 -13.65 -5.78
N HIS A 36 6.32 -14.48 -5.10
CA HIS A 36 5.89 -15.25 -3.92
C HIS A 36 5.97 -14.42 -2.61
N GLN A 37 6.64 -13.24 -2.67
CA GLN A 37 6.66 -12.28 -1.54
C GLN A 37 5.32 -11.53 -1.49
N THR A 38 4.49 -11.91 -0.51
CA THR A 38 3.17 -11.31 -0.27
C THR A 38 3.09 -10.75 1.17
N LEU A 39 2.68 -9.48 1.29
CA LEU A 39 2.45 -8.79 2.57
C LEU A 39 1.05 -8.16 2.48
N GLU A 40 0.12 -8.52 3.38
CA GLU A 40 -1.28 -8.03 3.32
C GLU A 40 -1.56 -7.11 4.53
N VAL A 41 -2.02 -5.90 4.22
CA VAL A 41 -2.25 -4.83 5.20
C VAL A 41 -3.65 -4.19 4.98
N SER A 42 -4.26 -3.72 6.08
CA SER A 42 -5.54 -3.00 6.02
C SER A 42 -5.27 -1.48 6.18
N LEU A 43 -5.38 -0.76 5.05
CA LEU A 43 -5.21 0.70 4.97
C LEU A 43 -6.55 1.42 5.16
N SER A 44 -6.54 2.49 5.97
CA SER A 44 -7.75 3.29 6.24
C SER A 44 -8.08 4.15 5.01
N ARG A 45 -9.36 4.20 4.65
CA ARG A 45 -9.83 4.77 3.36
C ARG A 45 -9.69 6.32 3.32
N ASP A 46 -9.51 6.93 4.50
CA ASP A 46 -9.21 8.38 4.63
C ASP A 46 -7.67 8.59 4.69
N SER A 47 -6.95 7.67 5.35
CA SER A 47 -5.48 7.70 5.45
C SER A 47 -4.81 7.48 4.07
N PRO A 48 -3.67 8.18 3.79
CA PRO A 48 -2.92 8.01 2.53
C PRO A 48 -2.17 6.67 2.47
N LEU A 49 -1.80 6.32 1.24
CA LEU A 49 -0.98 5.13 0.92
C LEU A 49 0.34 5.14 1.69
N LYS A 50 0.87 6.32 2.08
CA LYS A 50 2.15 6.42 2.79
C LYS A 50 2.20 5.64 4.11
N THR A 51 1.08 5.60 4.87
CA THR A 51 1.04 4.84 6.15
C THR A 51 1.05 3.31 5.87
N LEU A 52 0.46 2.91 4.71
CA LEU A 52 0.52 1.52 4.20
C LEU A 52 1.95 1.17 3.74
N MET A 53 2.62 2.14 3.08
CA MET A 53 4.04 2.03 2.65
C MET A 53 4.93 1.79 3.86
N SER A 54 4.66 2.57 4.93
CA SER A 54 5.37 2.52 6.20
C SER A 54 5.12 1.16 6.91
N HIS A 55 3.89 0.63 6.77
CA HIS A 55 3.48 -0.63 7.41
C HIS A 55 4.23 -1.82 6.76
N TYR A 56 4.24 -1.84 5.41
CA TYR A 56 4.95 -2.86 4.59
C TYR A 56 6.44 -2.96 4.96
N GLU A 57 7.14 -1.81 4.82
CA GLU A 57 8.61 -1.74 5.01
C GLU A 57 9.00 -2.11 6.46
N GLU A 58 8.30 -1.53 7.45
CA GLU A 58 8.58 -1.79 8.88
C GLU A 58 8.30 -3.24 9.29
N ALA A 59 7.27 -3.88 8.68
CA ALA A 59 6.91 -5.30 8.96
C ALA A 59 8.09 -6.25 8.71
N MET A 60 8.78 -6.08 7.58
CA MET A 60 9.88 -6.97 7.15
C MET A 60 11.24 -6.24 7.16
N GLY A 61 11.36 -5.23 8.05
CA GLY A 61 12.59 -4.42 8.24
C GLY A 61 13.33 -3.98 6.96
N LEU A 62 12.70 -3.10 6.16
CA LEU A 62 13.28 -2.60 4.89
C LEU A 62 14.11 -1.32 5.12
N SER A 63 14.98 -1.37 6.14
CA SER A 63 15.95 -0.31 6.44
C SER A 63 17.04 -0.29 5.35
N GLY A 64 17.25 0.88 4.70
CA GLY A 64 18.19 1.00 3.58
C GLY A 64 17.55 0.63 2.25
N ARG A 65 17.13 -0.64 2.13
CA ARG A 65 16.38 -1.14 0.95
C ARG A 65 14.98 -0.51 0.91
N LYS A 66 14.83 0.64 0.23
CA LYS A 66 13.52 1.28 0.06
C LYS A 66 13.00 1.00 -1.35
N LEU A 67 11.67 0.91 -1.45
CA LEU A 67 10.97 0.37 -2.62
C LEU A 67 9.87 1.33 -3.12
N SER A 68 9.33 1.04 -4.31
CA SER A 68 8.25 1.83 -4.94
C SER A 68 6.90 1.07 -4.83
N PHE A 69 5.80 1.79 -5.10
CA PHE A 69 4.42 1.27 -5.04
C PHE A 69 3.65 1.76 -6.27
N PHE A 70 2.99 0.82 -6.96
CA PHE A 70 2.16 1.11 -8.14
C PHE A 70 0.74 0.53 -7.97
N PHE A 71 -0.27 1.36 -8.31
CA PHE A 71 -1.68 0.96 -8.38
C PHE A 71 -2.24 1.44 -9.73
N ASP A 72 -2.66 0.48 -10.58
CA ASP A 72 -3.24 0.74 -11.93
C ASP A 72 -2.23 1.53 -12.81
N GLY A 73 -0.92 1.30 -12.57
CA GLY A 73 0.16 2.00 -13.27
C GLY A 73 0.56 3.33 -12.61
N THR A 74 -0.34 3.86 -11.76
CA THR A 74 -0.12 5.12 -11.04
C THR A 74 1.04 4.97 -10.04
N LYS A 75 2.08 5.80 -10.23
CA LYS A 75 3.17 5.92 -9.25
C LYS A 75 2.61 6.61 -7.99
N LEU A 76 2.58 5.86 -6.89
CA LEU A 76 2.05 6.33 -5.61
C LEU A 76 3.16 7.14 -4.88
N SER A 77 2.91 8.42 -4.61
CA SER A 77 3.87 9.36 -3.99
C SER A 77 3.85 9.29 -2.45
N GLY A 78 2.67 8.98 -1.91
CA GLY A 78 2.42 9.02 -0.46
C GLY A 78 1.49 10.17 -0.06
N ARG A 79 0.88 10.82 -1.06
CA ARG A 79 -0.02 11.98 -0.89
C ARG A 79 -1.39 11.70 -1.51
N GLU A 80 -1.62 10.44 -1.88
CA GLU A 80 -2.87 9.97 -2.43
C GLU A 80 -3.51 9.00 -1.43
N LEU A 81 -4.82 9.01 -1.42
CA LEU A 81 -5.67 8.17 -0.59
C LEU A 81 -6.20 7.03 -1.47
N PRO A 82 -6.61 5.86 -0.89
CA PRO A 82 -7.22 4.78 -1.70
C PRO A 82 -8.60 5.21 -2.24
N ALA A 83 -9.20 6.21 -1.57
CA ALA A 83 -10.42 6.89 -2.04
C ALA A 83 -10.12 7.75 -3.30
N ASP A 84 -8.96 8.45 -3.26
CA ASP A 84 -8.48 9.32 -4.37
C ASP A 84 -8.15 8.49 -5.62
N LEU A 85 -7.48 7.35 -5.40
CA LEU A 85 -7.06 6.43 -6.47
C LEU A 85 -8.25 5.64 -7.04
N GLY A 86 -9.32 5.48 -6.22
CA GLY A 86 -10.46 4.64 -6.58
C GLY A 86 -10.13 3.16 -6.40
N MET A 87 -9.97 2.75 -5.14
CA MET A 87 -9.49 1.41 -4.75
C MET A 87 -10.58 0.69 -3.92
N GLU A 88 -10.50 -0.66 -3.82
CA GLU A 88 -11.53 -1.48 -3.13
C GLU A 88 -10.86 -2.34 -2.03
N SER A 89 -11.68 -2.95 -1.11
CA SER A 89 -11.18 -3.68 0.10
C SER A 89 -10.63 -5.09 -0.25
N GLY A 90 -10.36 -5.35 -1.53
CA GLY A 90 -9.74 -6.60 -1.98
C GLY A 90 -8.98 -6.35 -3.25
N ASP A 91 -8.05 -5.39 -3.18
CA ASP A 91 -7.30 -4.91 -4.35
C ASP A 91 -5.87 -5.50 -4.29
N LEU A 92 -5.00 -5.08 -5.23
CA LEU A 92 -3.63 -5.60 -5.33
C LEU A 92 -2.70 -4.44 -5.77
N ILE A 93 -1.91 -3.98 -4.80
CA ILE A 93 -0.87 -2.96 -4.98
C ILE A 93 0.47 -3.66 -5.25
N GLU A 94 1.37 -3.01 -6.02
CA GLU A 94 2.64 -3.58 -6.45
C GLU A 94 3.76 -2.94 -5.64
N VAL A 95 4.89 -3.63 -5.56
CA VAL A 95 6.09 -3.16 -4.86
C VAL A 95 7.31 -3.47 -5.75
N TRP A 96 8.10 -2.44 -6.06
CA TRP A 96 9.27 -2.55 -6.96
C TRP A 96 10.52 -2.02 -6.24
N GLY A 97 11.32 -2.96 -5.72
CA GLY A 97 12.58 -2.67 -5.05
C GLY A 97 13.58 -3.78 -5.33
N THR A 20 -12.82 -4.42 5.49
CA THR A 20 -13.61 -3.28 6.01
C THR A 20 -15.01 -3.29 5.38
N GLU A 21 -16.02 -2.97 6.19
CA GLU A 21 -17.44 -2.92 5.77
C GLU A 21 -17.84 -1.46 5.49
N THR A 22 -17.30 -0.55 6.31
CA THR A 22 -17.37 0.90 6.09
C THR A 22 -15.94 1.38 5.74
N SER A 23 -15.77 2.00 4.55
CA SER A 23 -14.46 2.44 4.06
C SER A 23 -14.01 3.80 4.65
N GLN A 24 -13.67 3.79 5.96
CA GLN A 24 -12.88 4.87 6.57
C GLN A 24 -11.40 4.62 6.22
N GLN A 25 -11.05 3.33 6.24
CA GLN A 25 -9.76 2.83 5.75
C GLN A 25 -10.02 1.73 4.69
N LEU A 26 -9.06 1.60 3.77
CA LEU A 26 -9.08 0.61 2.68
C LEU A 26 -8.06 -0.49 2.98
N GLN A 27 -8.45 -1.77 2.79
CA GLN A 27 -7.53 -2.90 2.98
C GLN A 27 -6.69 -3.08 1.71
N LEU A 28 -5.44 -2.62 1.75
CA LEU A 28 -4.58 -2.54 0.56
C LEU A 28 -3.43 -3.54 0.63
N ARG A 29 -3.33 -4.39 -0.39
CA ARG A 29 -2.24 -5.36 -0.54
C ARG A 29 -1.07 -4.68 -1.28
N VAL A 30 0.13 -4.95 -0.79
CA VAL A 30 1.39 -4.44 -1.34
C VAL A 30 2.32 -5.64 -1.60
N GLN A 31 2.80 -5.77 -2.84
CA GLN A 31 3.62 -6.92 -3.27
C GLN A 31 4.96 -6.41 -3.80
N GLY A 32 6.06 -6.97 -3.31
CA GLY A 32 7.41 -6.51 -3.68
C GLY A 32 7.85 -6.93 -5.07
N LYS A 33 9.03 -6.38 -5.47
CA LYS A 33 9.91 -6.94 -6.52
C LYS A 33 9.93 -8.48 -6.51
N GLU A 34 9.94 -9.05 -5.30
CA GLU A 34 9.67 -10.47 -5.10
C GLU A 34 8.13 -10.60 -5.09
N LYS A 35 7.54 -11.03 -6.22
CA LYS A 35 6.07 -11.03 -6.41
C LYS A 35 5.37 -12.07 -5.51
N HIS A 36 6.13 -13.09 -5.08
CA HIS A 36 5.69 -14.09 -4.08
C HIS A 36 5.56 -13.44 -2.68
N GLN A 37 6.38 -12.40 -2.43
CA GLN A 37 6.29 -11.58 -1.20
C GLN A 37 5.02 -10.71 -1.26
N THR A 38 4.08 -11.02 -0.37
CA THR A 38 2.82 -10.28 -0.24
C THR A 38 2.63 -9.86 1.22
N LEU A 39 2.41 -8.57 1.42
CA LEU A 39 2.20 -7.93 2.73
C LEU A 39 0.90 -7.13 2.58
N GLU A 40 0.00 -7.17 3.57
CA GLU A 40 -1.28 -6.45 3.48
C GLU A 40 -1.45 -5.51 4.69
N VAL A 41 -1.74 -4.24 4.39
CA VAL A 41 -1.91 -3.17 5.38
C VAL A 41 -3.17 -2.35 5.09
N SER A 42 -3.85 -1.91 6.16
CA SER A 42 -5.06 -1.09 6.04
C SER A 42 -4.66 0.40 6.12
N LEU A 43 -4.74 1.07 4.96
CA LEU A 43 -4.42 2.51 4.82
C LEU A 43 -5.69 3.34 4.95
N SER A 44 -5.63 4.43 5.73
CA SER A 44 -6.77 5.32 5.94
C SER A 44 -6.95 6.23 4.70
N ARG A 45 -8.21 6.49 4.31
CA ARG A 45 -8.54 7.21 3.05
C ARG A 45 -8.01 8.67 3.05
N ASP A 46 -7.85 9.25 4.26
CA ASP A 46 -7.38 10.64 4.45
C ASP A 46 -5.85 10.67 4.68
N SER A 47 -5.27 9.50 5.00
CA SER A 47 -3.82 9.34 5.19
C SER A 47 -3.18 9.00 3.82
N PRO A 48 -2.05 9.69 3.45
CA PRO A 48 -1.36 9.43 2.16
C PRO A 48 -0.67 8.06 2.10
N LEU A 49 -0.35 7.68 0.87
CA LEU A 49 0.35 6.44 0.53
C LEU A 49 1.70 6.34 1.24
N LYS A 50 2.32 7.48 1.59
CA LYS A 50 3.64 7.53 2.25
C LYS A 50 3.66 6.76 3.60
N THR A 51 2.54 6.84 4.37
CA THR A 51 2.45 6.17 5.68
C THR A 51 2.32 4.62 5.49
N LEU A 52 1.68 4.22 4.37
CA LEU A 52 1.57 2.81 3.94
C LEU A 52 2.94 2.27 3.46
N MET A 53 3.67 3.14 2.73
CA MET A 53 5.06 2.89 2.28
C MET A 53 5.95 2.59 3.47
N SER A 54 5.77 3.42 4.52
CA SER A 54 6.49 3.32 5.78
C SER A 54 6.16 1.98 6.47
N HIS A 55 4.86 1.60 6.44
CA HIS A 55 4.35 0.41 7.15
C HIS A 55 4.93 -0.88 6.55
N TYR A 56 4.92 -0.98 5.20
CA TYR A 56 5.47 -2.13 4.45
C TYR A 56 6.96 -2.39 4.80
N GLU A 57 7.81 -1.39 4.53
CA GLU A 57 9.28 -1.49 4.74
C GLU A 57 9.62 -1.79 6.22
N GLU A 58 8.92 -1.14 7.17
CA GLU A 58 9.12 -1.41 8.61
C GLU A 58 8.71 -2.84 9.00
N ALA A 59 7.59 -3.35 8.43
CA ALA A 59 7.08 -4.71 8.72
C ALA A 59 8.10 -5.81 8.43
N MET A 60 8.77 -5.69 7.28
CA MET A 60 9.75 -6.70 6.79
C MET A 60 11.20 -6.15 6.82
N GLY A 61 11.44 -5.22 7.76
CA GLY A 61 12.76 -4.58 7.99
C GLY A 61 13.63 -4.33 6.75
N LEU A 62 13.19 -3.44 5.86
CA LEU A 62 13.92 -3.09 4.61
C LEU A 62 14.91 -1.93 4.87
N SER A 63 15.94 -2.25 5.65
CA SER A 63 17.05 -1.34 5.98
C SER A 63 18.27 -1.67 5.10
N GLY A 64 18.59 -0.77 4.15
CA GLY A 64 19.70 -0.94 3.23
C GLY A 64 19.32 -0.49 1.83
N ARG A 65 18.67 -1.40 1.07
CA ARG A 65 18.06 -1.05 -0.22
C ARG A 65 16.68 -0.41 0.01
N LYS A 66 16.38 0.69 -0.69
CA LYS A 66 15.06 1.36 -0.59
C LYS A 66 14.26 1.06 -1.87
N LEU A 67 12.93 1.11 -1.74
CA LEU A 67 11.99 0.64 -2.76
C LEU A 67 10.94 1.71 -3.08
N SER A 68 10.38 1.62 -4.30
CA SER A 68 9.30 2.50 -4.78
C SER A 68 7.97 1.74 -4.77
N PHE A 69 6.86 2.47 -4.96
CA PHE A 69 5.48 1.94 -4.90
C PHE A 69 4.71 2.39 -6.15
N PHE A 70 4.03 1.43 -6.80
CA PHE A 70 3.28 1.65 -8.05
C PHE A 70 1.83 1.15 -7.91
N PHE A 71 0.87 2.05 -8.13
CA PHE A 71 -0.57 1.71 -8.22
C PHE A 71 -0.97 1.72 -9.70
N ASP A 72 -1.24 0.52 -10.27
CA ASP A 72 -1.48 0.30 -11.72
C ASP A 72 -0.32 0.90 -12.57
N GLY A 73 0.92 0.69 -12.07
CA GLY A 73 2.14 1.18 -12.73
C GLY A 73 2.38 2.70 -12.61
N THR A 74 1.51 3.41 -11.86
CA THR A 74 1.70 4.84 -11.56
C THR A 74 2.68 4.97 -10.38
N LYS A 75 3.82 5.68 -10.60
CA LYS A 75 4.81 5.91 -9.53
C LYS A 75 4.19 6.88 -8.50
N LEU A 76 3.96 6.34 -7.30
CA LEU A 76 3.40 7.07 -6.16
C LEU A 76 4.55 7.82 -5.45
N SER A 77 4.48 9.16 -5.45
CA SER A 77 5.52 10.03 -4.86
C SER A 77 5.52 9.96 -3.32
N GLY A 78 4.33 9.65 -2.75
CA GLY A 78 4.12 9.59 -1.30
C GLY A 78 2.93 10.43 -0.86
N ARG A 79 2.84 11.65 -1.41
CA ARG A 79 1.86 12.67 -0.97
C ARG A 79 0.45 12.45 -1.56
N GLU A 80 0.29 11.40 -2.40
CA GLU A 80 -1.02 11.07 -2.95
C GLU A 80 -1.84 10.37 -1.87
N LEU A 81 -3.12 10.57 -1.93
CA LEU A 81 -4.12 9.93 -1.08
C LEU A 81 -4.80 8.82 -1.90
N PRO A 82 -5.28 7.70 -1.27
CA PRO A 82 -5.93 6.60 -2.03
C PRO A 82 -7.26 7.07 -2.65
N ALA A 83 -7.88 8.09 -2.03
CA ALA A 83 -9.08 8.76 -2.56
C ALA A 83 -8.77 9.50 -3.89
N ASP A 84 -7.58 10.15 -3.94
CA ASP A 84 -7.11 10.91 -5.13
C ASP A 84 -6.77 9.96 -6.30
N LEU A 85 -6.08 8.86 -5.96
CA LEU A 85 -5.61 7.86 -6.94
C LEU A 85 -6.78 7.02 -7.51
N GLY A 86 -7.92 7.00 -6.80
CA GLY A 86 -9.06 6.16 -7.17
C GLY A 86 -8.85 4.71 -6.78
N MET A 87 -8.48 4.51 -5.51
CA MET A 87 -8.11 3.20 -4.94
C MET A 87 -9.25 2.70 -4.03
N GLU A 88 -9.33 1.38 -3.81
CA GLU A 88 -10.50 0.74 -3.15
C GLU A 88 -10.03 -0.37 -2.17
N SER A 89 -10.89 -0.75 -1.21
CA SER A 89 -10.65 -1.90 -0.30
C SER A 89 -10.55 -3.21 -1.12
N GLY A 90 -9.37 -3.85 -1.05
CA GLY A 90 -9.08 -5.06 -1.82
C GLY A 90 -8.56 -4.73 -3.21
N ASP A 91 -7.58 -3.82 -3.24
CA ASP A 91 -6.94 -3.36 -4.50
C ASP A 91 -5.56 -4.05 -4.64
N LEU A 92 -4.67 -3.49 -5.48
CA LEU A 92 -3.31 -4.01 -5.67
C LEU A 92 -2.36 -2.82 -5.85
N ILE A 93 -1.53 -2.62 -4.84
CA ILE A 93 -0.37 -1.73 -4.89
C ILE A 93 0.87 -2.62 -5.08
N GLU A 94 1.87 -2.09 -5.78
CA GLU A 94 3.08 -2.82 -6.15
C GLU A 94 4.24 -2.14 -5.42
N VAL A 95 5.38 -2.82 -5.32
CA VAL A 95 6.56 -2.29 -4.64
C VAL A 95 7.78 -2.67 -5.50
N TRP A 96 8.33 -1.71 -6.25
CA TRP A 96 9.43 -1.96 -7.20
C TRP A 96 10.71 -1.26 -6.72
N GLY A 97 11.67 -2.06 -6.25
CA GLY A 97 12.96 -1.57 -5.79
C GLY A 97 14.10 -2.14 -6.63
N THR A 20 -13.55 -3.68 8.45
CA THR A 20 -14.77 -2.90 8.77
C THR A 20 -15.64 -2.74 7.50
N GLU A 21 -16.97 -2.67 7.69
CA GLU A 21 -17.95 -2.59 6.58
C GLU A 21 -18.41 -1.13 6.38
N THR A 22 -18.45 -0.36 7.47
CA THR A 22 -18.65 1.10 7.43
C THR A 22 -17.26 1.77 7.35
N SER A 23 -16.97 2.45 6.21
CA SER A 23 -15.62 2.90 5.86
C SER A 23 -15.23 4.22 6.58
N GLN A 24 -15.02 4.12 7.90
CA GLN A 24 -14.24 5.08 8.69
C GLN A 24 -12.76 4.74 8.49
N GLN A 25 -12.49 3.43 8.46
CA GLN A 25 -11.23 2.85 8.00
C GLN A 25 -11.54 1.76 6.95
N LEU A 26 -10.62 1.62 6.00
CA LEU A 26 -10.73 0.75 4.83
C LEU A 26 -9.61 -0.31 4.90
N GLN A 27 -9.86 -1.49 4.31
CA GLN A 27 -8.85 -2.56 4.23
C GLN A 27 -8.24 -2.53 2.82
N LEU A 28 -7.01 -2.00 2.72
CA LEU A 28 -6.30 -1.88 1.44
C LEU A 28 -5.28 -3.04 1.34
N ARG A 29 -5.34 -3.79 0.22
CA ARG A 29 -4.46 -4.95 -0.01
C ARG A 29 -3.19 -4.52 -0.76
N VAL A 30 -2.09 -4.46 -0.01
CA VAL A 30 -0.79 -3.94 -0.46
C VAL A 30 0.12 -5.12 -0.84
N GLN A 31 0.54 -5.19 -2.12
CA GLN A 31 1.25 -6.37 -2.68
C GLN A 31 2.58 -5.94 -3.32
N GLY A 32 3.67 -6.62 -2.91
CA GLY A 32 5.02 -6.32 -3.40
C GLY A 32 5.32 -6.96 -4.74
N LYS A 33 6.38 -6.45 -5.41
CA LYS A 33 6.99 -7.07 -6.60
C LYS A 33 7.50 -8.51 -6.32
N GLU A 34 7.65 -8.84 -5.02
CA GLU A 34 7.99 -10.20 -4.57
C GLU A 34 6.72 -11.08 -4.72
N LYS A 35 6.87 -12.27 -5.31
CA LYS A 35 5.73 -13.12 -5.73
C LYS A 35 4.87 -13.61 -4.54
N HIS A 36 5.51 -13.86 -3.38
CA HIS A 36 4.82 -14.33 -2.15
C HIS A 36 4.59 -13.16 -1.17
N GLN A 37 4.70 -11.91 -1.65
CA GLN A 37 4.45 -10.71 -0.82
C GLN A 37 3.04 -10.17 -1.07
N THR A 38 2.09 -10.57 -0.22
CA THR A 38 0.77 -9.96 -0.13
C THR A 38 0.51 -9.58 1.35
N LEU A 39 0.10 -8.33 1.58
CA LEU A 39 -0.27 -7.81 2.90
C LEU A 39 -1.63 -7.12 2.75
N GLU A 40 -2.42 -7.07 3.83
CA GLU A 40 -3.56 -6.16 3.92
C GLU A 40 -3.53 -5.46 5.29
N VAL A 41 -3.70 -4.15 5.25
CA VAL A 41 -3.65 -3.28 6.44
C VAL A 41 -4.84 -2.30 6.43
N SER A 42 -5.31 -1.95 7.64
CA SER A 42 -6.46 -1.07 7.82
C SER A 42 -5.98 0.39 7.94
N LEU A 43 -6.27 1.17 6.89
CA LEU A 43 -5.96 2.60 6.81
C LEU A 43 -7.23 3.44 7.00
N SER A 44 -7.15 4.46 7.85
CA SER A 44 -8.28 5.35 8.14
C SER A 44 -8.44 6.35 6.98
N ARG A 45 -9.69 6.75 6.68
CA ARG A 45 -10.01 7.62 5.52
C ARG A 45 -9.43 9.04 5.67
N ASP A 46 -9.12 9.43 6.92
CA ASP A 46 -8.55 10.74 7.27
C ASP A 46 -7.02 10.67 7.32
N SER A 47 -6.48 9.44 7.42
CA SER A 47 -5.03 9.20 7.52
C SER A 47 -4.46 8.94 6.10
N PRO A 48 -3.39 9.69 5.67
CA PRO A 48 -2.77 9.48 4.34
C PRO A 48 -2.09 8.12 4.18
N LEU A 49 -1.81 7.79 2.91
CA LEU A 49 -1.21 6.54 2.48
C LEU A 49 0.19 6.34 3.10
N LYS A 50 0.90 7.44 3.45
CA LYS A 50 2.26 7.36 4.03
C LYS A 50 2.35 6.51 5.32
N THR A 51 1.32 6.58 6.19
CA THR A 51 1.30 5.79 7.44
C THR A 51 1.10 4.28 7.13
N LEU A 52 0.35 4.01 6.03
CA LEU A 52 0.14 2.64 5.50
C LEU A 52 1.44 2.09 4.89
N MET A 53 2.16 2.98 4.16
CA MET A 53 3.48 2.68 3.56
C MET A 53 4.47 2.25 4.63
N SER A 54 4.45 3.01 5.73
CA SER A 54 5.30 2.79 6.88
C SER A 54 4.92 1.48 7.58
N HIS A 55 3.61 1.19 7.66
CA HIS A 55 3.09 -0.01 8.34
C HIS A 55 3.55 -1.28 7.57
N TYR A 56 3.40 -1.23 6.24
CA TYR A 56 3.82 -2.30 5.31
C TYR A 56 5.32 -2.65 5.47
N GLU A 57 6.19 -1.65 5.25
CA GLU A 57 7.66 -1.84 5.33
C GLU A 57 8.10 -2.28 6.75
N GLU A 58 7.48 -1.73 7.81
CA GLU A 58 7.76 -2.15 9.20
C GLU A 58 7.31 -3.61 9.47
N ALA A 59 6.19 -4.05 8.84
CA ALA A 59 5.62 -5.40 9.03
C ALA A 59 6.58 -6.52 8.57
N MET A 60 7.23 -6.32 7.40
CA MET A 60 8.19 -7.31 6.83
C MET A 60 9.64 -6.83 6.98
N GLY A 61 9.90 -6.03 8.03
CA GLY A 61 11.23 -5.47 8.35
C GLY A 61 12.05 -4.92 7.16
N LEU A 62 11.36 -4.25 6.22
CA LEU A 62 11.98 -3.58 5.07
C LEU A 62 12.49 -2.20 5.53
N SER A 63 13.52 -2.23 6.38
CA SER A 63 14.16 -1.02 6.92
C SER A 63 15.44 -0.71 6.12
N GLY A 64 15.56 0.54 5.64
CA GLY A 64 16.64 0.94 4.73
C GLY A 64 16.19 0.80 3.29
N ARG A 65 15.69 -0.40 2.94
CA ARG A 65 14.99 -0.66 1.68
C ARG A 65 13.58 -0.04 1.76
N LYS A 66 13.44 1.20 1.28
CA LYS A 66 12.13 1.80 1.02
C LYS A 66 11.73 1.48 -0.43
N LEU A 67 10.45 1.21 -0.62
CA LEU A 67 9.87 0.76 -1.89
C LEU A 67 8.72 1.70 -2.30
N SER A 68 8.37 1.68 -3.59
CA SER A 68 7.35 2.57 -4.17
C SER A 68 5.94 1.97 -4.03
N PHE A 69 4.91 2.83 -4.13
CA PHE A 69 3.48 2.44 -3.94
C PHE A 69 2.65 3.01 -5.10
N PHE A 70 1.85 2.14 -5.75
CA PHE A 70 1.03 2.49 -6.92
C PHE A 70 -0.45 2.07 -6.74
N PHE A 71 -1.33 2.93 -7.26
CA PHE A 71 -2.79 2.74 -7.29
C PHE A 71 -3.27 3.10 -8.72
N ASP A 72 -3.60 2.05 -9.53
CA ASP A 72 -3.98 2.20 -10.97
C ASP A 72 -2.86 2.96 -11.78
N GLY A 73 -1.61 2.77 -11.32
CA GLY A 73 -0.42 3.37 -11.94
C GLY A 73 -0.09 4.77 -11.39
N THR A 74 -0.94 5.28 -10.49
CA THR A 74 -0.70 6.54 -9.78
C THR A 74 0.35 6.32 -8.69
N LYS A 75 1.53 6.96 -8.85
CA LYS A 75 2.57 6.95 -7.80
C LYS A 75 2.05 7.74 -6.57
N LEU A 76 1.85 7.02 -5.48
CA LEU A 76 1.44 7.55 -4.20
C LEU A 76 2.68 8.17 -3.51
N SER A 77 2.68 9.50 -3.37
CA SER A 77 3.81 10.26 -2.80
C SER A 77 3.86 10.21 -1.27
N GLY A 78 2.69 10.01 -0.64
CA GLY A 78 2.58 9.97 0.82
C GLY A 78 1.42 10.79 1.34
N ARG A 79 1.30 12.01 0.79
CA ARG A 79 0.45 13.09 1.35
C ARG A 79 -1.00 13.01 0.81
N GLU A 80 -1.30 11.97 0.02
CA GLU A 80 -2.66 11.74 -0.46
C GLU A 80 -3.39 10.82 0.52
N LEU A 81 -4.68 11.04 0.61
CA LEU A 81 -5.61 10.29 1.46
C LEU A 81 -6.33 9.23 0.60
N PRO A 82 -6.86 8.11 1.20
CA PRO A 82 -7.62 7.09 0.42
C PRO A 82 -8.95 7.67 -0.12
N ALA A 83 -9.46 8.72 0.55
CA ALA A 83 -10.61 9.51 0.08
C ALA A 83 -10.23 10.40 -1.12
N ASP A 84 -9.00 10.95 -1.09
CA ASP A 84 -8.43 11.76 -2.18
C ASP A 84 -8.28 10.93 -3.47
N LEU A 85 -7.82 9.68 -3.30
CA LEU A 85 -7.61 8.73 -4.40
C LEU A 85 -8.95 8.07 -4.84
N GLY A 86 -9.94 8.04 -3.93
CA GLY A 86 -11.22 7.36 -4.19
C GLY A 86 -11.08 5.85 -4.14
N MET A 87 -10.75 5.33 -2.95
CA MET A 87 -10.46 3.90 -2.73
C MET A 87 -11.63 3.24 -1.96
N GLU A 88 -11.58 1.91 -1.85
CA GLU A 88 -12.63 1.09 -1.20
C GLU A 88 -12.00 0.17 -0.12
N SER A 89 -12.83 -0.48 0.71
CA SER A 89 -12.38 -1.42 1.77
C SER A 89 -11.94 -2.79 1.18
N GLY A 90 -11.79 -2.85 -0.15
CA GLY A 90 -11.26 -4.00 -0.87
C GLY A 90 -10.53 -3.52 -2.12
N ASP A 91 -9.68 -2.49 -1.93
CA ASP A 91 -8.92 -1.86 -3.02
C ASP A 91 -7.53 -2.54 -3.11
N LEU A 92 -6.71 -2.16 -4.09
CA LEU A 92 -5.44 -2.83 -4.38
C LEU A 92 -4.34 -1.78 -4.50
N ILE A 93 -3.35 -1.90 -3.61
CA ILE A 93 -2.11 -1.13 -3.68
C ILE A 93 -1.00 -2.09 -4.13
N GLU A 94 -0.03 -1.55 -4.88
CA GLU A 94 1.06 -2.34 -5.46
C GLU A 94 2.37 -1.71 -5.00
N VAL A 95 3.44 -2.49 -4.98
CA VAL A 95 4.73 -2.10 -4.40
C VAL A 95 5.85 -2.49 -5.35
N TRP A 96 6.69 -1.50 -5.69
CA TRP A 96 7.77 -1.62 -6.67
C TRP A 96 9.08 -1.09 -6.07
N GLY A 97 9.87 -2.01 -5.51
CA GLY A 97 11.18 -1.71 -4.95
C GLY A 97 11.66 -2.85 -4.04
N THR A 20 -16.97 -4.73 0.46
CA THR A 20 -17.42 -3.64 1.35
C THR A 20 -18.43 -4.19 2.38
N GLU A 21 -18.01 -4.32 3.65
CA GLU A 21 -18.93 -4.67 4.76
C GLU A 21 -18.58 -3.88 6.03
N THR A 22 -17.29 -3.85 6.39
CA THR A 22 -16.71 -2.87 7.32
C THR A 22 -15.70 -1.98 6.55
N SER A 23 -16.19 -0.98 5.80
CA SER A 23 -15.29 -0.06 5.09
C SER A 23 -15.16 1.27 5.83
N GLN A 24 -14.54 1.17 7.02
CA GLN A 24 -13.75 2.25 7.63
C GLN A 24 -12.35 2.21 7.00
N GLN A 25 -11.88 0.97 6.78
CA GLN A 25 -10.56 0.65 6.25
C GLN A 25 -10.67 -0.35 5.09
N LEU A 26 -9.69 -0.30 4.19
CA LEU A 26 -9.56 -1.21 3.04
C LEU A 26 -8.34 -2.12 3.28
N GLN A 27 -8.49 -3.43 3.03
CA GLN A 27 -7.43 -4.42 3.23
C GLN A 27 -6.63 -4.55 1.92
N LEU A 28 -5.43 -3.96 1.87
CA LEU A 28 -4.64 -3.86 0.62
C LEU A 28 -3.42 -4.78 0.69
N ARG A 29 -3.19 -5.54 -0.39
CA ARG A 29 -2.04 -6.45 -0.52
C ARG A 29 -0.94 -5.73 -1.28
N VAL A 30 0.31 -5.92 -0.87
CA VAL A 30 1.47 -5.18 -1.41
C VAL A 30 2.55 -6.19 -1.80
N GLN A 31 3.13 -6.08 -3.01
CA GLN A 31 4.12 -7.05 -3.53
C GLN A 31 5.30 -6.33 -4.18
N GLY A 32 6.52 -6.88 -3.98
CA GLY A 32 7.75 -6.34 -4.57
C GLY A 32 7.96 -6.76 -6.01
N LYS A 33 8.98 -6.16 -6.67
CA LYS A 33 9.56 -6.65 -7.96
C LYS A 33 9.70 -8.20 -8.01
N GLU A 34 9.97 -8.80 -6.83
CA GLU A 34 9.81 -10.23 -6.58
C GLU A 34 8.40 -10.43 -5.96
N LYS A 35 7.50 -11.11 -6.70
CA LYS A 35 6.08 -11.28 -6.30
C LYS A 35 5.93 -12.16 -5.04
N HIS A 36 6.98 -12.97 -4.75
CA HIS A 36 7.04 -13.81 -3.53
C HIS A 36 7.09 -12.91 -2.26
N GLN A 37 7.62 -11.68 -2.42
CA GLN A 37 7.65 -10.67 -1.36
C GLN A 37 6.23 -10.06 -1.23
N THR A 38 5.37 -10.69 -0.41
CA THR A 38 3.97 -10.27 -0.25
C THR A 38 3.69 -9.87 1.22
N LEU A 39 3.08 -8.69 1.40
CA LEU A 39 2.69 -8.15 2.70
C LEU A 39 1.28 -7.56 2.57
N GLU A 40 0.33 -8.06 3.38
CA GLU A 40 -1.06 -7.60 3.36
C GLU A 40 -1.27 -6.74 4.61
N VAL A 41 -1.56 -5.47 4.38
CA VAL A 41 -1.66 -4.44 5.43
C VAL A 41 -3.04 -3.76 5.38
N SER A 42 -3.54 -3.41 6.57
CA SER A 42 -4.82 -2.75 6.73
C SER A 42 -4.61 -1.22 6.72
N LEU A 43 -5.07 -0.58 5.65
CA LEU A 43 -5.01 0.88 5.47
C LEU A 43 -6.43 1.45 5.57
N SER A 44 -6.60 2.54 6.34
CA SER A 44 -7.89 3.22 6.46
C SER A 44 -8.18 4.00 5.17
N ARG A 45 -9.46 4.02 4.74
CA ARG A 45 -9.89 4.60 3.44
C ARG A 45 -9.58 6.12 3.35
N ASP A 46 -9.56 6.79 4.52
CA ASP A 46 -9.30 8.24 4.64
C ASP A 46 -7.82 8.52 4.96
N SER A 47 -7.04 7.46 5.29
CA SER A 47 -5.62 7.56 5.61
C SER A 47 -4.78 7.41 4.32
N PRO A 48 -3.69 8.22 4.15
CA PRO A 48 -2.85 8.19 2.94
C PRO A 48 -2.11 6.87 2.76
N LEU A 49 -1.74 6.60 1.51
CA LEU A 49 -0.88 5.46 1.15
C LEU A 49 0.47 5.51 1.87
N LYS A 50 0.96 6.72 2.24
CA LYS A 50 2.28 6.88 2.91
C LYS A 50 2.38 6.08 4.23
N THR A 51 1.28 6.03 5.02
CA THR A 51 1.28 5.33 6.31
C THR A 51 1.30 3.79 6.09
N LEU A 52 0.72 3.35 4.95
CA LEU A 52 0.78 1.95 4.48
C LEU A 52 2.21 1.60 4.02
N MET A 53 2.83 2.55 3.29
CA MET A 53 4.22 2.47 2.80
C MET A 53 5.19 2.25 3.97
N SER A 54 4.97 3.07 5.01
CA SER A 54 5.78 3.06 6.24
C SER A 54 5.59 1.73 6.98
N HIS A 55 4.38 1.18 6.91
CA HIS A 55 4.01 -0.08 7.59
C HIS A 55 4.75 -1.27 6.93
N TYR A 56 4.73 -1.30 5.58
CA TYR A 56 5.40 -2.33 4.75
C TYR A 56 6.91 -2.41 5.04
N GLU A 57 7.60 -1.27 4.80
CA GLU A 57 9.08 -1.18 4.92
C GLU A 57 9.56 -1.45 6.37
N GLU A 58 8.75 -1.08 7.37
CA GLU A 58 9.04 -1.44 8.79
C GLU A 58 8.77 -2.93 9.08
N ALA A 59 7.69 -3.50 8.50
CA ALA A 59 7.25 -4.90 8.77
C ALA A 59 8.32 -5.94 8.44
N MET A 60 8.88 -5.83 7.23
CA MET A 60 9.87 -6.79 6.69
C MET A 60 11.31 -6.24 6.83
N GLY A 61 11.53 -5.42 7.87
CA GLY A 61 12.82 -4.77 8.16
C GLY A 61 13.56 -4.13 6.98
N LEU A 62 12.80 -3.52 6.05
CA LEU A 62 13.38 -2.69 4.95
C LEU A 62 13.58 -1.23 5.43
N SER A 63 13.42 -1.00 6.75
CA SER A 63 13.72 0.28 7.40
C SER A 63 15.22 0.64 7.21
N GLY A 64 15.49 1.57 6.27
CA GLY A 64 16.85 1.95 5.87
C GLY A 64 16.95 1.99 4.35
N ARG A 65 16.63 0.86 3.71
CA ARG A 65 16.53 0.75 2.23
C ARG A 65 15.09 1.10 1.83
N LYS A 66 14.83 2.34 1.40
CA LYS A 66 13.46 2.76 1.03
C LYS A 66 13.16 2.38 -0.43
N LEU A 67 11.90 1.95 -0.67
CA LEU A 67 11.44 1.45 -1.97
C LEU A 67 10.16 2.20 -2.39
N SER A 68 9.86 2.18 -3.71
CA SER A 68 8.68 2.88 -4.29
C SER A 68 7.43 1.99 -4.23
N PHE A 69 6.25 2.64 -4.38
CA PHE A 69 4.93 1.97 -4.37
C PHE A 69 4.12 2.45 -5.58
N PHE A 70 3.62 1.49 -6.38
CA PHE A 70 2.81 1.77 -7.58
C PHE A 70 1.43 1.07 -7.50
N PHE A 71 0.45 1.68 -8.15
CA PHE A 71 -0.90 1.12 -8.34
C PHE A 71 -1.32 1.39 -9.79
N ASP A 72 -1.49 0.33 -10.59
CA ASP A 72 -1.81 0.43 -12.04
C ASP A 72 -0.67 1.15 -12.81
N GLY A 73 0.56 1.08 -12.27
CA GLY A 73 1.72 1.81 -12.81
C GLY A 73 1.73 3.30 -12.44
N THR A 74 0.77 3.73 -11.61
CA THR A 74 0.69 5.09 -11.08
C THR A 74 1.61 5.21 -9.86
N LYS A 75 2.60 6.13 -9.95
CA LYS A 75 3.53 6.40 -8.84
C LYS A 75 2.73 7.07 -7.70
N LEU A 76 2.64 6.38 -6.55
CA LEU A 76 1.93 6.86 -5.37
C LEU A 76 2.85 7.82 -4.58
N SER A 77 2.50 9.12 -4.56
CA SER A 77 3.34 10.19 -3.97
C SER A 77 3.37 10.11 -2.43
N GLY A 78 2.25 9.70 -1.84
CA GLY A 78 2.10 9.60 -0.38
C GLY A 78 0.99 10.48 0.19
N ARG A 79 0.42 11.37 -0.65
CA ARG A 79 -0.66 12.31 -0.25
C ARG A 79 -1.99 11.92 -0.90
N GLU A 80 -2.05 10.73 -1.50
CA GLU A 80 -3.29 10.17 -2.03
C GLU A 80 -3.81 9.12 -1.04
N LEU A 81 -5.12 9.03 -0.99
CA LEU A 81 -5.85 8.06 -0.18
C LEU A 81 -6.27 6.88 -1.07
N PRO A 82 -6.53 5.66 -0.50
CA PRO A 82 -6.95 4.49 -1.31
C PRO A 82 -8.32 4.72 -1.96
N ALA A 83 -9.18 5.47 -1.25
CA ALA A 83 -10.50 5.90 -1.75
C ALA A 83 -10.34 6.83 -2.96
N ASP A 84 -9.28 7.66 -2.93
CA ASP A 84 -8.94 8.61 -4.01
C ASP A 84 -8.47 7.87 -5.30
N LEU A 85 -7.63 6.85 -5.11
CA LEU A 85 -7.05 6.05 -6.21
C LEU A 85 -8.12 5.16 -6.87
N GLY A 86 -9.21 4.86 -6.13
CA GLY A 86 -10.30 4.01 -6.61
C GLY A 86 -10.18 2.57 -6.11
N MET A 87 -9.37 2.39 -5.05
CA MET A 87 -9.18 1.08 -4.40
C MET A 87 -10.43 0.64 -3.62
N GLU A 88 -10.43 -0.65 -3.24
CA GLU A 88 -11.48 -1.25 -2.39
C GLU A 88 -10.84 -2.22 -1.38
N SER A 89 -11.64 -3.08 -0.72
CA SER A 89 -11.22 -3.83 0.49
C SER A 89 -10.34 -5.07 0.18
N GLY A 90 -9.83 -5.20 -1.06
CA GLY A 90 -8.92 -6.30 -1.41
C GLY A 90 -8.14 -6.01 -2.69
N ASP A 91 -7.32 -4.95 -2.66
CA ASP A 91 -6.67 -4.41 -3.88
C ASP A 91 -5.22 -4.97 -3.99
N LEU A 92 -4.42 -4.39 -4.90
CA LEU A 92 -3.05 -4.83 -5.19
C LEU A 92 -2.14 -3.60 -5.39
N ILE A 93 -1.05 -3.58 -4.65
CA ILE A 93 -0.03 -2.52 -4.66
C ILE A 93 1.32 -3.15 -5.03
N GLU A 94 2.21 -2.35 -5.64
CA GLU A 94 3.48 -2.79 -6.21
C GLU A 94 4.61 -2.14 -5.38
N VAL A 95 5.81 -2.69 -5.47
CA VAL A 95 7.01 -2.16 -4.79
C VAL A 95 8.20 -2.23 -5.76
N TRP A 96 8.62 -1.05 -6.24
CA TRP A 96 9.69 -0.89 -7.22
C TRP A 96 10.95 -0.35 -6.49
N GLY A 97 11.83 -1.28 -6.10
CA GLY A 97 13.05 -0.93 -5.36
C GLY A 97 13.61 -2.13 -4.60
N THR A 20 -17.24 -5.76 3.10
CA THR A 20 -17.50 -5.90 4.54
C THR A 20 -18.44 -4.77 5.03
N GLU A 21 -18.83 -4.84 6.32
CA GLU A 21 -19.79 -3.89 6.91
C GLU A 21 -19.06 -2.79 7.70
N THR A 22 -18.04 -3.18 8.49
CA THR A 22 -17.27 -2.25 9.34
C THR A 22 -15.83 -2.09 8.79
N SER A 23 -15.64 -1.06 7.94
CA SER A 23 -14.31 -0.63 7.49
C SER A 23 -13.88 0.65 8.27
N GLN A 24 -13.57 0.49 9.58
CA GLN A 24 -12.95 1.57 10.37
C GLN A 24 -11.47 1.66 9.95
N GLN A 25 -10.76 0.55 10.16
CA GLN A 25 -9.43 0.34 9.60
C GLN A 25 -9.49 -0.92 8.70
N LEU A 26 -8.75 -0.84 7.60
CA LEU A 26 -8.85 -1.74 6.47
C LEU A 26 -7.69 -2.75 6.51
N GLN A 27 -8.01 -4.04 6.48
CA GLN A 27 -7.03 -5.12 6.43
C GLN A 27 -6.55 -5.27 4.98
N LEU A 28 -5.37 -4.71 4.67
CA LEU A 28 -4.85 -4.68 3.28
C LEU A 28 -3.59 -5.53 3.17
N ARG A 29 -3.58 -6.44 2.18
CA ARG A 29 -2.46 -7.36 1.92
C ARG A 29 -1.56 -6.74 0.86
N VAL A 30 -0.25 -6.75 1.12
CA VAL A 30 0.74 -6.09 0.26
C VAL A 30 1.77 -7.14 -0.17
N GLN A 31 2.05 -7.22 -1.48
CA GLN A 31 2.95 -8.24 -2.03
C GLN A 31 3.99 -7.57 -2.92
N GLY A 32 5.28 -7.91 -2.71
CA GLY A 32 6.38 -7.30 -3.47
C GLY A 32 6.61 -7.95 -4.82
N LYS A 33 7.69 -7.51 -5.51
CA LYS A 33 8.34 -8.25 -6.63
C LYS A 33 8.21 -9.79 -6.49
N GLU A 34 8.49 -10.25 -5.27
CA GLU A 34 8.18 -11.63 -4.84
C GLU A 34 6.72 -11.65 -4.36
N LYS A 35 5.84 -12.36 -5.08
CA LYS A 35 4.41 -12.52 -4.66
C LYS A 35 4.33 -13.43 -3.41
N HIS A 36 5.39 -14.23 -3.18
CA HIS A 36 5.60 -15.01 -1.94
C HIS A 36 5.75 -14.07 -0.73
N GLN A 37 6.36 -12.88 -0.97
CA GLN A 37 6.44 -11.81 0.05
C GLN A 37 5.03 -11.25 0.27
N THR A 38 4.29 -11.87 1.18
CA THR A 38 2.90 -11.51 1.52
C THR A 38 2.88 -10.88 2.91
N LEU A 39 2.58 -9.58 2.96
CA LEU A 39 2.71 -8.75 4.16
C LEU A 39 1.37 -8.05 4.39
N GLU A 40 0.69 -8.40 5.49
CA GLU A 40 -0.69 -7.93 5.75
C GLU A 40 -0.65 -6.86 6.86
N VAL A 41 -1.15 -5.68 6.54
CA VAL A 41 -1.05 -4.50 7.39
C VAL A 41 -2.42 -3.79 7.52
N SER A 42 -2.64 -3.20 8.71
CA SER A 42 -3.85 -2.46 9.05
C SER A 42 -3.66 -1.00 8.67
N LEU A 43 -4.39 -0.53 7.66
CA LEU A 43 -4.39 0.88 7.25
C LEU A 43 -5.78 1.47 7.50
N SER A 44 -5.84 2.54 8.32
CA SER A 44 -7.09 3.21 8.67
C SER A 44 -7.56 4.06 7.47
N ARG A 45 -8.89 4.22 7.31
CA ARG A 45 -9.47 4.92 6.14
C ARG A 45 -9.19 6.43 6.17
N ASP A 46 -8.74 6.96 7.33
CA ASP A 46 -8.40 8.38 7.51
C ASP A 46 -6.86 8.56 7.40
N SER A 47 -6.12 7.45 7.57
CA SER A 47 -4.66 7.40 7.47
C SER A 47 -4.26 7.21 5.99
N PRO A 48 -3.27 8.00 5.48
CA PRO A 48 -2.76 7.85 4.10
C PRO A 48 -1.92 6.60 3.91
N LEU A 49 -1.80 6.19 2.65
CA LEU A 49 -1.00 5.04 2.20
C LEU A 49 0.45 5.13 2.69
N LYS A 50 0.98 6.36 2.85
CA LYS A 50 2.35 6.62 3.36
C LYS A 50 2.64 5.89 4.69
N THR A 51 1.64 5.85 5.60
CA THR A 51 1.78 5.21 6.92
C THR A 51 1.88 3.66 6.78
N LEU A 52 1.17 3.12 5.76
CA LEU A 52 1.22 1.70 5.38
C LEU A 52 2.56 1.36 4.74
N MET A 53 3.08 2.31 3.91
CA MET A 53 4.39 2.21 3.26
C MET A 53 5.50 2.07 4.31
N SER A 54 5.37 2.88 5.37
CA SER A 54 6.26 2.87 6.53
C SER A 54 6.22 1.50 7.24
N HIS A 55 5.00 0.94 7.39
CA HIS A 55 4.77 -0.30 8.14
C HIS A 55 5.38 -1.51 7.40
N TYR A 56 5.15 -1.56 6.07
CA TYR A 56 5.71 -2.58 5.16
C TYR A 56 7.25 -2.60 5.21
N GLU A 57 7.87 -1.42 4.97
CA GLU A 57 9.33 -1.31 4.87
C GLU A 57 10.00 -1.65 6.22
N GLU A 58 9.42 -1.18 7.35
CA GLU A 58 9.91 -1.53 8.70
C GLU A 58 9.92 -3.06 8.93
N ALA A 59 8.83 -3.73 8.53
CA ALA A 59 8.62 -5.19 8.70
C ALA A 59 9.82 -6.06 8.27
N MET A 60 10.25 -5.94 6.99
CA MET A 60 11.34 -6.78 6.43
C MET A 60 12.67 -5.99 6.32
N GLY A 61 12.89 -5.05 7.27
CA GLY A 61 14.10 -4.21 7.33
C GLY A 61 14.53 -3.53 6.02
N LEU A 62 13.58 -2.86 5.34
CA LEU A 62 13.86 -1.96 4.19
C LEU A 62 14.09 -0.50 4.66
N SER A 63 14.43 -0.34 5.96
CA SER A 63 14.76 0.97 6.54
C SER A 63 16.10 1.50 5.97
N GLY A 64 16.00 2.18 4.81
CA GLY A 64 17.15 2.71 4.06
C GLY A 64 16.96 2.54 2.56
N ARG A 65 16.43 1.37 2.16
CA ARG A 65 16.08 1.05 0.76
C ARG A 65 14.56 1.22 0.57
N LYS A 66 14.14 2.34 -0.07
CA LYS A 66 12.70 2.62 -0.28
C LYS A 66 12.22 1.97 -1.60
N LEU A 67 10.97 1.48 -1.57
CA LEU A 67 10.34 0.74 -2.68
C LEU A 67 8.98 1.37 -3.03
N SER A 68 8.56 1.20 -4.28
CA SER A 68 7.31 1.77 -4.82
C SER A 68 6.11 0.90 -4.48
N PHE A 69 4.92 1.53 -4.48
CA PHE A 69 3.63 0.88 -4.18
C PHE A 69 2.66 1.14 -5.33
N PHE A 70 2.04 0.05 -5.85
CA PHE A 70 1.06 0.11 -6.94
C PHE A 70 -0.21 -0.69 -6.60
N PHE A 71 -1.36 -0.10 -6.97
CA PHE A 71 -2.71 -0.66 -6.78
C PHE A 71 -3.47 -0.55 -8.11
N ASP A 72 -3.75 -1.71 -8.75
CA ASP A 72 -4.40 -1.80 -10.09
C ASP A 72 -3.63 -0.97 -11.16
N GLY A 73 -2.30 -0.85 -10.96
CA GLY A 73 -1.42 -0.10 -11.86
C GLY A 73 -1.22 1.37 -11.45
N THR A 74 -2.14 1.89 -10.61
CA THR A 74 -2.07 3.27 -10.07
C THR A 74 -0.93 3.39 -9.04
N LYS A 75 -0.19 4.51 -9.11
CA LYS A 75 0.94 4.78 -8.23
C LYS A 75 0.43 5.52 -6.99
N LEU A 76 0.58 4.88 -5.82
CA LEU A 76 0.28 5.51 -4.54
C LEU A 76 1.47 6.41 -4.19
N SER A 77 1.26 7.73 -4.26
CA SER A 77 2.31 8.74 -4.06
C SER A 77 2.62 8.95 -2.56
N GLY A 78 1.60 8.75 -1.70
CA GLY A 78 1.75 8.86 -0.25
C GLY A 78 0.52 9.46 0.44
N ARG A 79 0.07 10.63 -0.06
CA ARG A 79 -0.94 11.49 0.62
C ARG A 79 -2.39 11.08 0.30
N GLU A 80 -2.59 10.01 -0.50
CA GLU A 80 -3.94 9.51 -0.80
C GLU A 80 -4.35 8.55 0.32
N LEU A 81 -5.64 8.53 0.57
CA LEU A 81 -6.29 7.70 1.59
C LEU A 81 -6.90 6.47 0.89
N PRO A 82 -7.02 5.28 1.58
CA PRO A 82 -7.61 4.06 0.95
C PRO A 82 -9.11 4.28 0.62
N ALA A 83 -9.80 5.04 1.49
CA ALA A 83 -11.20 5.47 1.28
C ALA A 83 -11.34 6.30 -0.01
N ASP A 84 -10.29 7.10 -0.32
CA ASP A 84 -10.25 7.97 -1.51
C ASP A 84 -10.05 7.15 -2.79
N LEU A 85 -9.12 6.18 -2.73
CA LEU A 85 -8.80 5.28 -3.86
C LEU A 85 -10.00 4.35 -4.18
N GLY A 86 -10.85 4.10 -3.17
CA GLY A 86 -11.97 3.17 -3.30
C GLY A 86 -11.54 1.76 -2.92
N MET A 87 -10.93 1.64 -1.74
CA MET A 87 -10.40 0.37 -1.20
C MET A 87 -11.22 -0.05 0.03
N GLU A 88 -11.04 -1.31 0.43
CA GLU A 88 -11.74 -1.92 1.58
C GLU A 88 -10.86 -3.06 2.14
N SER A 89 -11.22 -3.54 3.36
CA SER A 89 -10.58 -4.72 3.98
C SER A 89 -10.64 -5.93 3.02
N GLY A 90 -9.48 -6.36 2.50
CA GLY A 90 -9.38 -7.48 1.56
C GLY A 90 -8.50 -7.17 0.36
N ASP A 91 -8.44 -5.87 -0.04
CA ASP A 91 -7.70 -5.41 -1.25
C ASP A 91 -6.20 -5.75 -1.22
N LEU A 92 -5.54 -5.58 -2.37
CA LEU A 92 -4.19 -6.08 -2.61
C LEU A 92 -3.34 -4.93 -3.20
N ILE A 93 -2.43 -4.45 -2.38
CA ILE A 93 -1.41 -3.48 -2.79
C ILE A 93 -0.16 -4.27 -3.22
N GLU A 94 0.64 -3.72 -4.12
CA GLU A 94 1.84 -4.38 -4.64
C GLU A 94 3.04 -3.48 -4.41
N VAL A 95 4.24 -4.05 -4.53
CA VAL A 95 5.51 -3.36 -4.27
C VAL A 95 6.52 -3.69 -5.37
N TRP A 96 7.19 -2.65 -5.87
CA TRP A 96 8.05 -2.72 -7.05
C TRP A 96 9.33 -1.92 -6.78
N GLY A 97 10.50 -2.51 -7.07
CA GLY A 97 11.79 -1.90 -6.74
C GLY A 97 12.96 -2.62 -7.42
N THR A 20 -17.75 -6.13 5.76
CA THR A 20 -17.82 -4.70 6.10
C THR A 20 -17.57 -3.83 4.85
N GLU A 21 -18.47 -2.86 4.60
CA GLU A 21 -18.42 -1.99 3.42
C GLU A 21 -17.78 -0.64 3.79
N THR A 22 -18.23 -0.08 4.92
CA THR A 22 -17.68 1.15 5.49
C THR A 22 -16.73 0.79 6.65
N SER A 23 -15.52 0.38 6.26
CA SER A 23 -14.47 -0.11 7.17
C SER A 23 -13.64 1.07 7.71
N GLN A 24 -13.45 1.12 9.04
CA GLN A 24 -12.56 2.10 9.70
C GLN A 24 -11.14 1.92 9.18
N GLN A 25 -10.69 0.65 9.17
CA GLN A 25 -9.43 0.24 8.59
C GLN A 25 -9.65 -0.90 7.59
N LEU A 26 -8.84 -0.88 6.54
CA LEU A 26 -8.95 -1.78 5.39
C LEU A 26 -7.68 -2.64 5.36
N GLN A 27 -7.77 -3.87 4.83
CA GLN A 27 -6.62 -4.79 4.74
C GLN A 27 -6.08 -4.72 3.31
N LEU A 28 -4.96 -4.01 3.13
CA LEU A 28 -4.34 -3.81 1.80
C LEU A 28 -3.15 -4.77 1.65
N ARG A 29 -3.15 -5.54 0.56
CA ARG A 29 -2.13 -6.57 0.29
C ARG A 29 -0.98 -5.96 -0.51
N VAL A 30 0.13 -5.73 0.16
CA VAL A 30 1.30 -5.03 -0.39
C VAL A 30 2.34 -6.08 -0.81
N GLN A 31 2.76 -6.05 -2.09
CA GLN A 31 3.64 -7.10 -2.67
C GLN A 31 4.83 -6.46 -3.40
N GLY A 32 6.02 -7.05 -3.22
CA GLY A 32 7.23 -6.60 -3.93
C GLY A 32 7.27 -7.04 -5.39
N LYS A 33 8.30 -6.57 -6.14
CA LYS A 33 8.66 -7.14 -7.47
C LYS A 33 8.70 -8.69 -7.42
N GLU A 34 9.10 -9.22 -6.25
CA GLU A 34 9.00 -10.63 -5.92
C GLU A 34 7.53 -10.90 -5.56
N LYS A 35 6.79 -11.64 -6.41
CA LYS A 35 5.32 -11.78 -6.28
C LYS A 35 4.89 -12.62 -5.06
N HIS A 36 5.79 -13.50 -4.59
CA HIS A 36 5.57 -14.31 -3.37
C HIS A 36 6.01 -13.53 -2.11
N GLN A 37 6.69 -12.39 -2.29
CA GLN A 37 6.92 -11.41 -1.21
C GLN A 37 5.61 -10.64 -1.00
N THR A 38 4.75 -11.20 -0.14
CA THR A 38 3.39 -10.71 0.08
C THR A 38 3.21 -10.39 1.57
N LEU A 39 2.64 -9.21 1.84
CA LEU A 39 2.25 -8.76 3.17
C LEU A 39 0.82 -8.22 3.06
N GLU A 40 0.08 -8.25 4.16
CA GLU A 40 -1.20 -7.53 4.27
C GLU A 40 -1.16 -6.74 5.59
N VAL A 41 -1.54 -5.48 5.51
CA VAL A 41 -1.51 -4.55 6.64
C VAL A 41 -2.85 -3.83 6.74
N SER A 42 -3.27 -3.52 7.97
CA SER A 42 -4.50 -2.80 8.22
C SER A 42 -4.17 -1.29 8.26
N LEU A 43 -4.55 -0.61 7.18
CA LEU A 43 -4.42 0.86 7.04
C LEU A 43 -5.80 1.50 7.15
N SER A 44 -5.92 2.54 7.99
CA SER A 44 -7.19 3.24 8.19
C SER A 44 -7.47 4.14 6.98
N ARG A 45 -8.76 4.38 6.73
CA ARG A 45 -9.23 5.23 5.63
C ARG A 45 -8.87 6.73 5.86
N ASP A 46 -8.49 7.04 7.11
CA ASP A 46 -8.07 8.39 7.52
C ASP A 46 -6.53 8.48 7.54
N SER A 47 -5.87 7.32 7.69
CA SER A 47 -4.40 7.23 7.75
C SER A 47 -3.81 7.23 6.33
N PRO A 48 -2.75 8.06 6.06
CA PRO A 48 -2.08 8.12 4.76
C PRO A 48 -1.28 6.85 4.42
N LEU A 49 -1.05 6.67 3.12
CA LEU A 49 -0.27 5.56 2.56
C LEU A 49 1.17 5.54 3.11
N LYS A 50 1.70 6.71 3.55
CA LYS A 50 3.06 6.81 4.12
C LYS A 50 3.26 5.89 5.34
N THR A 51 2.22 5.77 6.20
CA THR A 51 2.31 4.96 7.42
C THR A 51 2.29 3.46 7.08
N LEU A 52 1.61 3.12 5.96
CA LEU A 52 1.61 1.76 5.37
C LEU A 52 2.99 1.45 4.75
N MET A 53 3.56 2.46 4.06
CA MET A 53 4.91 2.37 3.44
C MET A 53 5.97 1.96 4.46
N SER A 54 5.94 2.68 5.59
CA SER A 54 6.89 2.48 6.69
C SER A 54 6.65 1.10 7.33
N HIS A 55 5.36 0.71 7.44
CA HIS A 55 4.96 -0.55 8.11
C HIS A 55 5.51 -1.77 7.32
N TYR A 56 5.27 -1.76 5.99
CA TYR A 56 5.76 -2.81 5.07
C TYR A 56 7.29 -2.99 5.15
N GLU A 57 8.02 -1.90 4.87
CA GLU A 57 9.49 -1.95 4.80
C GLU A 57 10.14 -2.34 6.15
N GLU A 58 9.50 -1.96 7.27
CA GLU A 58 9.93 -2.41 8.61
C GLU A 58 9.65 -3.91 8.84
N ALA A 59 8.43 -4.37 8.49
CA ALA A 59 7.95 -5.75 8.77
C ALA A 59 8.70 -6.80 7.93
N MET A 60 8.76 -6.58 6.62
CA MET A 60 9.29 -7.53 5.62
C MET A 60 10.85 -7.39 5.47
N GLY A 61 11.51 -6.89 6.55
CA GLY A 61 12.98 -6.73 6.62
C GLY A 61 13.65 -6.05 5.43
N LEU A 62 13.11 -4.90 4.99
CA LEU A 62 13.69 -4.13 3.85
C LEU A 62 14.84 -3.19 4.29
N SER A 63 15.41 -3.42 5.50
CA SER A 63 16.55 -2.65 6.03
C SER A 63 17.80 -2.84 5.12
N GLY A 64 17.96 -1.95 4.13
CA GLY A 64 19.04 -2.02 3.15
C GLY A 64 18.66 -1.29 1.85
N ARG A 65 17.41 -1.49 1.41
CA ARG A 65 16.83 -0.82 0.23
C ARG A 65 15.54 -0.11 0.62
N LYS A 66 15.36 1.15 0.18
CA LYS A 66 14.07 1.86 0.27
C LYS A 66 13.39 1.80 -1.10
N LEU A 67 12.10 1.49 -1.10
CA LEU A 67 11.36 1.08 -2.29
C LEU A 67 10.14 2.00 -2.52
N SER A 68 9.66 1.99 -3.77
CA SER A 68 8.51 2.81 -4.19
C SER A 68 7.22 1.98 -4.09
N PHE A 69 6.07 2.67 -4.05
CA PHE A 69 4.73 2.07 -3.90
C PHE A 69 3.84 2.51 -5.04
N PHE A 70 3.16 1.54 -5.68
CA PHE A 70 2.23 1.76 -6.79
C PHE A 70 0.92 0.97 -6.58
N PHE A 71 -0.18 1.73 -6.44
CA PHE A 71 -1.56 1.20 -6.34
C PHE A 71 -2.18 1.26 -7.74
N ASP A 72 -2.39 0.09 -8.37
CA ASP A 72 -2.80 -0.01 -9.80
C ASP A 72 -1.87 0.82 -10.72
N GLY A 73 -0.56 0.75 -10.41
CA GLY A 73 0.47 1.49 -11.14
C GLY A 73 0.48 3.00 -10.87
N THR A 74 -0.34 3.46 -9.90
CA THR A 74 -0.39 4.86 -9.47
C THR A 74 0.64 5.09 -8.35
N LYS A 75 1.63 5.97 -8.61
CA LYS A 75 2.68 6.30 -7.64
C LYS A 75 2.08 7.05 -6.45
N LEU A 76 2.12 6.40 -5.28
CA LEU A 76 1.71 7.01 -4.01
C LEU A 76 2.87 7.88 -3.49
N SER A 77 2.59 9.16 -3.25
CA SER A 77 3.56 10.11 -2.68
C SER A 77 3.76 9.87 -1.17
N GLY A 78 2.67 9.37 -0.53
CA GLY A 78 2.61 9.17 0.90
C GLY A 78 1.40 9.86 1.53
N ARG A 79 1.08 11.07 1.04
CA ARG A 79 0.08 11.98 1.66
C ARG A 79 -1.36 11.73 1.17
N GLU A 80 -1.55 10.72 0.32
CA GLU A 80 -2.90 10.30 -0.09
C GLU A 80 -3.37 9.23 0.90
N LEU A 81 -4.66 9.23 1.12
CA LEU A 81 -5.37 8.26 1.97
C LEU A 81 -5.95 7.16 1.06
N PRO A 82 -6.25 5.93 1.57
CA PRO A 82 -6.89 4.89 0.75
C PRO A 82 -8.33 5.30 0.34
N ALA A 83 -8.96 6.14 1.18
CA ALA A 83 -10.27 6.76 0.88
C ALA A 83 -10.15 7.77 -0.28
N ASP A 84 -9.02 8.48 -0.32
CA ASP A 84 -8.69 9.47 -1.37
C ASP A 84 -8.44 8.74 -2.72
N LEU A 85 -7.72 7.61 -2.65
CA LEU A 85 -7.37 6.78 -3.82
C LEU A 85 -8.57 5.95 -4.32
N GLY A 86 -9.53 5.68 -3.41
CA GLY A 86 -10.68 4.83 -3.70
C GLY A 86 -10.32 3.34 -3.65
N MET A 87 -9.83 2.91 -2.48
CA MET A 87 -9.40 1.52 -2.23
C MET A 87 -10.47 0.77 -1.42
N GLU A 88 -10.30 -0.55 -1.28
CA GLU A 88 -11.25 -1.42 -0.55
C GLU A 88 -10.51 -2.43 0.35
N SER A 89 -11.19 -2.94 1.39
CA SER A 89 -10.72 -4.09 2.18
C SER A 89 -10.52 -5.32 1.25
N GLY A 90 -9.26 -5.71 1.04
CA GLY A 90 -8.89 -6.72 0.05
C GLY A 90 -8.49 -6.09 -1.29
N ASP A 91 -7.70 -5.01 -1.21
CA ASP A 91 -7.17 -4.29 -2.40
C ASP A 91 -5.72 -4.78 -2.66
N LEU A 92 -4.99 -4.14 -3.58
CA LEU A 92 -3.64 -4.54 -3.95
C LEU A 92 -2.74 -3.30 -4.08
N ILE A 93 -1.54 -3.41 -3.51
CA ILE A 93 -0.46 -2.43 -3.64
C ILE A 93 0.79 -3.17 -4.11
N GLU A 94 1.64 -2.49 -4.87
CA GLU A 94 2.81 -3.06 -5.53
C GLU A 94 4.04 -2.28 -5.05
N VAL A 95 5.20 -2.90 -5.09
CA VAL A 95 6.43 -2.37 -4.50
C VAL A 95 7.57 -2.54 -5.51
N TRP A 96 8.19 -1.41 -5.87
CA TRP A 96 9.20 -1.32 -6.93
C TRP A 96 10.47 -0.67 -6.37
N GLY A 97 11.42 -1.53 -5.99
CA GLY A 97 12.69 -1.12 -5.41
C GLY A 97 13.62 -2.31 -5.20
N THR A 20 -13.13 -6.25 8.17
CA THR A 20 -14.47 -5.62 8.08
C THR A 20 -15.47 -6.31 9.04
N GLU A 21 -15.41 -5.97 10.33
CA GLU A 21 -16.45 -6.33 11.32
C GLU A 21 -17.35 -5.11 11.55
N THR A 22 -16.70 -3.95 11.73
CA THR A 22 -17.27 -2.62 11.53
C THR A 22 -16.51 -2.03 10.32
N SER A 23 -17.15 -1.96 9.15
CA SER A 23 -16.46 -1.59 7.91
C SER A 23 -16.39 -0.06 7.74
N GLN A 24 -15.62 0.58 8.63
CA GLN A 24 -14.96 1.85 8.33
C GLN A 24 -13.64 1.53 7.59
N GLN A 25 -12.98 0.46 8.06
CA GLN A 25 -11.68 0.03 7.54
C GLN A 25 -11.83 -1.01 6.41
N LEU A 26 -10.82 -1.02 5.56
CA LEU A 26 -10.73 -1.86 4.35
C LEU A 26 -9.54 -2.84 4.49
N GLN A 27 -9.64 -4.02 3.86
CA GLN A 27 -8.49 -4.97 3.76
C GLN A 27 -7.90 -4.87 2.35
N LEU A 28 -6.68 -4.30 2.23
CA LEU A 28 -6.00 -4.12 0.93
C LEU A 28 -4.77 -5.03 0.86
N ARG A 29 -4.55 -5.63 -0.31
CA ARG A 29 -3.44 -6.55 -0.56
C ARG A 29 -2.23 -5.79 -1.13
N VAL A 30 -1.15 -5.74 -0.33
CA VAL A 30 0.16 -5.16 -0.74
C VAL A 30 1.10 -6.31 -1.13
N GLN A 31 1.46 -6.37 -2.42
CA GLN A 31 2.22 -7.51 -2.96
C GLN A 31 3.47 -6.97 -3.67
N GLY A 32 4.62 -7.60 -3.39
CA GLY A 32 5.90 -7.22 -3.99
C GLY A 32 6.11 -7.83 -5.36
N LYS A 33 7.15 -7.36 -6.06
CA LYS A 33 7.61 -7.93 -7.36
C LYS A 33 7.93 -9.45 -7.30
N GLU A 34 8.07 -10.01 -6.08
CA GLU A 34 8.22 -11.46 -5.87
C GLU A 34 6.83 -12.11 -5.76
N LYS A 35 6.65 -13.29 -6.36
CA LYS A 35 5.41 -14.08 -6.27
C LYS A 35 5.15 -14.56 -4.81
N HIS A 36 6.25 -14.87 -4.09
CA HIS A 36 6.20 -15.29 -2.67
C HIS A 36 5.75 -14.10 -1.78
N GLN A 37 6.20 -12.89 -2.15
CA GLN A 37 5.93 -11.68 -1.37
C GLN A 37 4.47 -11.22 -1.57
N THR A 38 3.57 -11.79 -0.76
CA THR A 38 2.16 -11.39 -0.68
C THR A 38 1.84 -11.03 0.78
N LEU A 39 1.29 -9.83 1.00
CA LEU A 39 0.93 -9.34 2.34
C LEU A 39 -0.41 -8.61 2.21
N GLU A 40 -1.28 -8.75 3.20
CA GLU A 40 -2.56 -8.03 3.24
C GLU A 40 -2.76 -7.45 4.63
N VAL A 41 -3.21 -6.20 4.69
CA VAL A 41 -3.34 -5.42 5.93
C VAL A 41 -4.64 -4.60 5.91
N SER A 42 -5.18 -4.33 7.11
CA SER A 42 -6.40 -3.55 7.29
C SER A 42 -6.03 -2.06 7.49
N LEU A 43 -6.33 -1.27 6.47
CA LEU A 43 -6.15 0.19 6.45
C LEU A 43 -7.52 0.86 6.60
N SER A 44 -7.61 1.83 7.53
CA SER A 44 -8.85 2.57 7.78
C SER A 44 -9.08 3.61 6.68
N ARG A 45 -10.36 3.94 6.41
CA ARG A 45 -10.72 4.95 5.39
C ARG A 45 -10.27 6.36 5.82
N ASP A 46 -10.01 6.50 7.13
CA ASP A 46 -9.66 7.76 7.80
C ASP A 46 -8.13 7.90 7.85
N SER A 47 -7.41 6.76 7.93
CA SER A 47 -5.96 6.70 8.06
C SER A 47 -5.29 6.71 6.66
N PRO A 48 -4.14 7.43 6.50
CA PRO A 48 -3.41 7.51 5.22
C PRO A 48 -2.75 6.18 4.82
N LEU A 49 -2.49 6.05 3.51
CA LEU A 49 -1.75 4.93 2.91
C LEU A 49 -0.39 4.69 3.60
N LYS A 50 0.24 5.77 4.11
CA LYS A 50 1.56 5.71 4.76
C LYS A 50 1.59 4.76 5.98
N THR A 51 0.47 4.72 6.76
CA THR A 51 0.37 3.84 7.94
C THR A 51 0.36 2.35 7.53
N LEU A 52 -0.25 2.07 6.35
CA LEU A 52 -0.28 0.75 5.71
C LEU A 52 1.11 0.38 5.15
N MET A 53 1.78 1.39 4.54
CA MET A 53 3.13 1.25 3.96
C MET A 53 4.14 0.80 5.03
N SER A 54 4.06 1.48 6.19
CA SER A 54 4.94 1.23 7.34
C SER A 54 4.64 -0.15 7.96
N HIS A 55 3.39 -0.62 7.81
CA HIS A 55 2.94 -1.92 8.34
C HIS A 55 3.56 -3.08 7.51
N TYR A 56 3.48 -2.95 6.18
CA TYR A 56 4.06 -3.91 5.21
C TYR A 56 5.56 -4.14 5.47
N GLU A 57 6.34 -3.04 5.41
CA GLU A 57 7.82 -3.09 5.52
C GLU A 57 8.29 -3.69 6.87
N GLU A 58 7.51 -3.51 7.95
CA GLU A 58 7.77 -4.17 9.24
C GLU A 58 7.49 -5.69 9.18
N ALA A 59 6.37 -6.11 8.55
CA ALA A 59 5.91 -7.52 8.50
C ALA A 59 6.98 -8.52 8.00
N MET A 60 7.57 -8.27 6.81
CA MET A 60 8.60 -9.20 6.23
C MET A 60 10.02 -8.58 6.30
N GLY A 61 10.27 -7.82 7.39
CA GLY A 61 11.56 -7.19 7.68
C GLY A 61 12.25 -6.45 6.52
N LEU A 62 11.50 -5.60 5.81
CA LEU A 62 12.03 -4.77 4.69
C LEU A 62 12.76 -3.50 5.19
N SER A 63 13.22 -3.48 6.47
CA SER A 63 13.98 -2.37 7.04
C SER A 63 15.40 -2.30 6.42
N GLY A 64 15.75 -1.13 5.84
CA GLY A 64 17.05 -0.92 5.18
C GLY A 64 16.85 -0.31 3.79
N ARG A 65 16.45 -1.16 2.83
CA ARG A 65 16.03 -0.72 1.49
C ARG A 65 14.53 -0.40 1.51
N LYS A 66 14.16 0.87 1.28
CA LYS A 66 12.75 1.28 1.19
C LYS A 66 12.20 0.93 -0.20
N LEU A 67 10.89 0.65 -0.26
CA LEU A 67 10.19 0.24 -1.47
C LEU A 67 8.95 1.13 -1.69
N SER A 68 8.58 1.33 -2.96
CA SER A 68 7.49 2.23 -3.35
C SER A 68 6.17 1.45 -3.48
N PHE A 69 5.05 2.18 -3.39
CA PHE A 69 3.68 1.63 -3.41
C PHE A 69 2.88 2.30 -4.52
N PHE A 70 2.28 1.47 -5.38
CA PHE A 70 1.48 1.91 -6.53
C PHE A 70 0.08 1.28 -6.50
N PHE A 71 -0.95 2.10 -6.64
CA PHE A 71 -2.35 1.65 -6.77
C PHE A 71 -2.80 1.87 -8.22
N ASP A 72 -2.97 0.76 -8.97
CA ASP A 72 -3.23 0.76 -10.43
C ASP A 72 -2.07 1.42 -11.21
N GLY A 73 -0.86 1.36 -10.64
CA GLY A 73 0.33 2.02 -11.21
C GLY A 73 0.45 3.49 -10.84
N THR A 74 -0.52 4.02 -10.07
CA THR A 74 -0.51 5.41 -9.59
C THR A 74 0.43 5.50 -8.36
N LYS A 75 1.45 6.38 -8.44
CA LYS A 75 2.44 6.54 -7.34
C LYS A 75 1.76 7.16 -6.11
N LEU A 76 1.75 6.41 -5.01
CA LEU A 76 1.16 6.83 -3.74
C LEU A 76 2.26 7.50 -2.89
N SER A 77 2.07 8.77 -2.52
CA SER A 77 3.03 9.53 -1.69
C SER A 77 2.92 9.13 -0.20
N GLY A 78 1.75 8.60 0.19
CA GLY A 78 1.47 8.19 1.57
C GLY A 78 0.35 8.99 2.22
N ARG A 79 0.31 10.30 1.94
CA ARG A 79 -0.60 11.27 2.63
C ARG A 79 -2.05 11.18 2.14
N GLU A 80 -2.26 10.50 1.00
CA GLU A 80 -3.59 10.22 0.50
C GLU A 80 -4.22 9.14 1.36
N LEU A 81 -5.52 9.22 1.47
CA LEU A 81 -6.36 8.28 2.17
C LEU A 81 -6.96 7.33 1.11
N PRO A 82 -7.40 6.08 1.48
CA PRO A 82 -8.02 5.16 0.49
C PRO A 82 -9.36 5.71 -0.04
N ALA A 83 -9.92 6.70 0.69
CA ALA A 83 -11.07 7.50 0.25
C ALA A 83 -10.71 8.36 -0.98
N ASP A 84 -9.50 8.97 -0.97
CA ASP A 84 -9.01 9.85 -2.06
C ASP A 84 -8.76 9.05 -3.34
N LEU A 85 -8.09 7.89 -3.20
CA LEU A 85 -7.69 7.02 -4.32
C LEU A 85 -8.89 6.25 -4.92
N GLY A 86 -10.02 6.21 -4.19
CA GLY A 86 -11.22 5.49 -4.64
C GLY A 86 -11.15 3.98 -4.41
N MET A 87 -10.51 3.60 -3.29
CA MET A 87 -10.28 2.20 -2.91
C MET A 87 -11.44 1.68 -2.05
N GLU A 88 -11.47 0.35 -1.88
CA GLU A 88 -12.46 -0.38 -1.06
C GLU A 88 -11.82 -1.70 -0.58
N SER A 89 -12.46 -2.38 0.39
CA SER A 89 -11.97 -3.67 0.93
C SER A 89 -11.94 -4.72 -0.19
N GLY A 90 -10.72 -5.15 -0.59
CA GLY A 90 -10.53 -6.09 -1.69
C GLY A 90 -9.48 -5.62 -2.70
N ASP A 91 -9.31 -4.27 -2.82
CA ASP A 91 -8.36 -3.63 -3.77
C ASP A 91 -6.89 -4.08 -3.58
N LEU A 92 -6.02 -3.64 -4.52
CA LEU A 92 -4.69 -4.23 -4.72
C LEU A 92 -3.66 -3.08 -4.86
N ILE A 93 -2.77 -3.00 -3.89
CA ILE A 93 -1.62 -2.10 -3.89
C ILE A 93 -0.37 -2.90 -4.29
N GLU A 94 0.57 -2.24 -4.96
CA GLU A 94 1.74 -2.86 -5.56
C GLU A 94 2.96 -2.38 -4.79
N VAL A 95 4.06 -3.14 -4.87
CA VAL A 95 5.30 -2.83 -4.18
C VAL A 95 6.48 -3.03 -5.15
N TRP A 96 7.20 -1.93 -5.39
CA TRP A 96 8.35 -1.86 -6.30
C TRP A 96 9.63 -1.64 -5.47
N GLY A 97 10.44 -2.69 -5.35
CA GLY A 97 11.70 -2.64 -4.60
C GLY A 97 12.57 -3.86 -4.89
N THR A 20 -16.80 -8.16 7.78
CA THR A 20 -16.38 -8.88 9.00
C THR A 20 -16.87 -8.14 10.26
N GLU A 21 -16.15 -7.07 10.72
CA GLU A 21 -16.64 -6.20 11.82
C GLU A 21 -16.29 -4.73 11.54
N THR A 22 -15.02 -4.46 11.20
CA THR A 22 -14.51 -3.10 10.97
C THR A 22 -14.11 -2.86 9.49
N SER A 23 -15.07 -2.57 8.60
CA SER A 23 -14.72 -2.04 7.27
C SER A 23 -14.93 -0.52 7.25
N GLN A 24 -14.09 0.15 8.07
CA GLN A 24 -13.86 1.60 8.01
C GLN A 24 -12.79 1.92 6.94
N GLN A 25 -11.66 1.18 7.02
CA GLN A 25 -10.43 1.44 6.23
C GLN A 25 -10.31 0.43 5.08
N LEU A 26 -9.57 0.85 4.04
CA LEU A 26 -9.43 0.08 2.79
C LEU A 26 -8.21 -0.85 2.89
N GLN A 27 -8.41 -2.14 2.57
CA GLN A 27 -7.34 -3.14 2.57
C GLN A 27 -6.68 -3.17 1.19
N LEU A 28 -5.49 -2.56 1.08
CA LEU A 28 -4.74 -2.53 -0.17
C LEU A 28 -3.55 -3.50 -0.04
N ARG A 29 -3.51 -4.47 -0.96
CA ARG A 29 -2.47 -5.49 -0.99
C ARG A 29 -1.29 -5.01 -1.86
N VAL A 30 -0.10 -5.00 -1.25
CA VAL A 30 1.15 -4.57 -1.90
C VAL A 30 1.97 -5.80 -2.31
N GLN A 31 2.19 -5.97 -3.62
CA GLN A 31 2.92 -7.09 -4.20
C GLN A 31 4.04 -6.55 -5.10
N GLY A 32 5.26 -7.08 -4.91
CA GLY A 32 6.44 -6.57 -5.58
C GLY A 32 6.76 -7.28 -6.87
N LYS A 33 7.74 -6.73 -7.63
CA LYS A 33 8.43 -7.43 -8.72
C LYS A 33 9.14 -8.71 -8.23
N GLU A 34 9.25 -8.88 -6.89
CA GLU A 34 9.57 -10.15 -6.27
C GLU A 34 8.26 -10.97 -6.30
N LYS A 35 8.20 -12.01 -7.16
CA LYS A 35 6.93 -12.68 -7.54
C LYS A 35 6.22 -13.40 -6.37
N HIS A 36 6.96 -13.71 -5.28
CA HIS A 36 6.39 -14.37 -4.07
C HIS A 36 6.09 -13.36 -2.96
N GLN A 37 6.53 -12.10 -3.14
CA GLN A 37 6.28 -11.02 -2.17
C GLN A 37 4.79 -10.64 -2.14
N THR A 38 4.03 -11.34 -1.28
CA THR A 38 2.64 -11.03 -0.98
C THR A 38 2.58 -10.41 0.43
N LEU A 39 2.34 -9.10 0.48
CA LEU A 39 2.27 -8.32 1.72
C LEU A 39 0.98 -7.50 1.67
N GLU A 40 0.24 -7.43 2.77
CA GLU A 40 -1.00 -6.62 2.85
C GLU A 40 -0.98 -5.76 4.11
N VAL A 41 -1.49 -4.54 3.96
CA VAL A 41 -1.62 -3.56 5.06
C VAL A 41 -2.97 -2.81 4.93
N SER A 42 -3.47 -2.34 6.09
CA SER A 42 -4.72 -1.59 6.18
C SER A 42 -4.40 -0.10 6.06
N LEU A 43 -4.82 0.50 4.94
CA LEU A 43 -4.67 1.95 4.69
C LEU A 43 -6.03 2.64 4.89
N SER A 44 -6.00 3.80 5.57
CA SER A 44 -7.19 4.61 5.80
C SER A 44 -7.56 5.36 4.51
N ARG A 45 -8.87 5.50 4.29
CA ARG A 45 -9.44 6.10 3.06
C ARG A 45 -8.98 7.57 2.86
N ASP A 46 -8.73 8.27 3.96
CA ASP A 46 -8.32 9.70 3.96
C ASP A 46 -6.86 9.88 4.37
N SER A 47 -6.14 8.77 4.63
CA SER A 47 -4.70 8.78 4.84
C SER A 47 -4.01 8.51 3.50
N PRO A 48 -2.95 9.31 3.15
CA PRO A 48 -2.25 9.19 1.86
C PRO A 48 -1.50 7.84 1.72
N LEU A 49 -1.29 7.44 0.46
CA LEU A 49 -0.54 6.24 0.08
C LEU A 49 0.85 6.19 0.71
N LYS A 50 1.44 7.37 1.01
CA LYS A 50 2.77 7.50 1.63
C LYS A 50 2.88 6.77 2.99
N THR A 51 1.80 6.82 3.80
CA THR A 51 1.79 6.19 5.15
C THR A 51 1.87 4.64 5.01
N LEU A 52 1.24 4.13 3.94
CA LEU A 52 1.25 2.70 3.55
C LEU A 52 2.64 2.31 3.00
N MET A 53 3.23 3.21 2.19
CA MET A 53 4.60 3.05 1.62
C MET A 53 5.63 2.80 2.72
N SER A 54 5.49 3.60 3.79
CA SER A 54 6.36 3.55 4.97
C SER A 54 6.15 2.23 5.74
N HIS A 55 4.91 1.73 5.76
CA HIS A 55 4.54 0.54 6.53
C HIS A 55 5.14 -0.74 5.87
N TYR A 56 4.97 -0.86 4.53
CA TYR A 56 5.53 -1.97 3.72
C TYR A 56 7.05 -2.12 3.94
N GLU A 57 7.81 -1.03 3.67
CA GLU A 57 9.27 -1.04 3.75
C GLU A 57 9.76 -1.38 5.18
N GLU A 58 9.00 -0.99 6.21
CA GLU A 58 9.30 -1.38 7.61
C GLU A 58 9.07 -2.89 7.87
N ALA A 59 8.03 -3.49 7.24
CA ALA A 59 7.67 -4.93 7.43
C ALA A 59 8.84 -5.91 7.16
N MET A 60 9.50 -5.79 5.99
CA MET A 60 10.66 -6.66 5.64
C MET A 60 11.99 -5.87 5.71
N GLY A 61 12.01 -4.82 6.58
CA GLY A 61 13.17 -3.93 6.77
C GLY A 61 13.96 -3.53 5.51
N LEU A 62 13.25 -2.99 4.50
CA LEU A 62 13.83 -2.48 3.24
C LEU A 62 14.70 -1.20 3.45
N SER A 63 15.86 -1.38 4.08
CA SER A 63 16.88 -0.34 4.23
C SER A 63 18.00 -0.58 3.20
N GLY A 64 18.18 0.37 2.27
CA GLY A 64 19.13 0.23 1.15
C GLY A 64 18.38 0.20 -0.17
N ARG A 65 17.80 -0.97 -0.51
CA ARG A 65 16.89 -1.12 -1.66
C ARG A 65 15.57 -0.40 -1.33
N LYS A 66 15.37 0.77 -1.96
CA LYS A 66 14.14 1.56 -1.80
C LYS A 66 13.25 1.34 -3.03
N LEU A 67 11.93 1.39 -2.82
CA LEU A 67 10.93 0.92 -3.80
C LEU A 67 9.88 2.01 -4.11
N SER A 68 9.25 1.87 -5.28
CA SER A 68 8.20 2.77 -5.75
C SER A 68 6.85 2.02 -5.81
N PHE A 69 5.74 2.76 -5.76
CA PHE A 69 4.39 2.21 -5.63
C PHE A 69 3.51 2.69 -6.80
N PHE A 70 2.87 1.72 -7.48
CA PHE A 70 2.00 1.98 -8.64
C PHE A 70 0.62 1.33 -8.44
N PHE A 71 -0.43 2.05 -8.85
CA PHE A 71 -1.82 1.55 -8.87
C PHE A 71 -2.30 1.52 -10.34
N ASP A 72 -2.41 0.31 -10.93
CA ASP A 72 -2.70 0.11 -12.37
C ASP A 72 -1.73 0.95 -13.26
N GLY A 73 -0.46 0.96 -12.86
CA GLY A 73 0.60 1.70 -13.57
C GLY A 73 0.70 3.19 -13.22
N THR A 74 -0.26 3.70 -12.44
CA THR A 74 -0.27 5.11 -11.98
C THR A 74 0.78 5.30 -10.87
N LYS A 75 1.81 6.12 -11.16
CA LYS A 75 2.85 6.45 -10.17
C LYS A 75 2.22 7.24 -9.01
N LEU A 76 2.22 6.62 -7.83
CA LEU A 76 1.70 7.21 -6.60
C LEU A 76 2.81 8.12 -6.01
N SER A 77 2.59 9.44 -6.09
CA SER A 77 3.57 10.46 -5.65
C SER A 77 3.72 10.46 -4.12
N GLY A 78 2.64 10.05 -3.41
CA GLY A 78 2.62 9.98 -1.95
C GLY A 78 1.34 10.57 -1.36
N ARG A 79 0.98 11.79 -1.82
CA ARG A 79 -0.12 12.60 -1.21
C ARG A 79 -1.49 12.28 -1.81
N GLU A 80 -1.61 11.21 -2.60
CA GLU A 80 -2.90 10.74 -3.09
C GLU A 80 -3.51 9.87 -1.99
N LEU A 81 -4.81 9.90 -1.91
CA LEU A 81 -5.60 9.07 -0.98
C LEU A 81 -6.17 7.87 -1.77
N PRO A 82 -6.43 6.69 -1.12
CA PRO A 82 -7.01 5.53 -1.84
C PRO A 82 -8.45 5.86 -2.35
N ALA A 83 -9.20 6.64 -1.55
CA ALA A 83 -10.55 7.12 -1.92
C ALA A 83 -10.48 8.11 -3.11
N ASP A 84 -9.35 8.86 -3.18
CA ASP A 84 -9.09 9.84 -4.26
C ASP A 84 -8.78 9.14 -5.60
N LEU A 85 -7.93 8.10 -5.55
CA LEU A 85 -7.47 7.37 -6.76
C LEU A 85 -8.61 6.53 -7.39
N GLY A 86 -9.61 6.16 -6.56
CA GLY A 86 -10.67 5.25 -6.97
C GLY A 86 -10.35 3.80 -6.64
N MET A 87 -9.88 3.61 -5.40
CA MET A 87 -9.50 2.29 -4.86
C MET A 87 -10.59 1.84 -3.87
N GLU A 88 -10.58 0.55 -3.55
CA GLU A 88 -11.58 -0.10 -2.70
C GLU A 88 -10.82 -1.00 -1.69
N SER A 89 -11.54 -1.68 -0.78
CA SER A 89 -10.93 -2.52 0.28
C SER A 89 -10.37 -3.88 -0.22
N GLY A 90 -10.11 -4.00 -1.55
CA GLY A 90 -9.43 -5.16 -2.11
C GLY A 90 -8.84 -4.85 -3.47
N ASP A 91 -7.91 -3.89 -3.49
CA ASP A 91 -7.18 -3.48 -4.71
C ASP A 91 -5.72 -3.89 -4.59
N LEU A 92 -4.91 -3.53 -5.60
CA LEU A 92 -3.56 -4.07 -5.75
C LEU A 92 -2.59 -2.95 -6.15
N ILE A 93 -1.67 -2.68 -5.23
CA ILE A 93 -0.56 -1.77 -5.42
C ILE A 93 0.69 -2.57 -5.79
N GLU A 94 1.58 -1.94 -6.55
CA GLU A 94 2.80 -2.57 -7.09
C GLU A 94 3.98 -2.04 -6.30
N VAL A 95 5.06 -2.84 -6.22
CA VAL A 95 6.29 -2.47 -5.50
C VAL A 95 7.49 -2.73 -6.43
N TRP A 96 8.11 -1.64 -6.89
CA TRP A 96 9.20 -1.66 -7.87
C TRP A 96 10.48 -1.13 -7.23
N GLY A 97 11.34 -2.05 -6.75
CA GLY A 97 12.63 -1.70 -6.16
C GLY A 97 13.69 -2.77 -6.45
N THR A 20 -20.88 -4.32 5.11
CA THR A 20 -19.74 -3.38 5.16
C THR A 20 -20.24 -1.95 5.41
N GLU A 21 -19.83 -1.37 6.56
CA GLU A 21 -20.27 -0.02 7.01
C GLU A 21 -19.52 1.11 6.26
N THR A 22 -19.79 2.37 6.67
CA THR A 22 -18.96 3.53 6.30
C THR A 22 -17.53 3.31 6.83
N SER A 23 -16.64 2.92 5.92
CA SER A 23 -15.29 2.46 6.27
C SER A 23 -14.40 3.66 6.65
N GLN A 24 -14.24 3.87 7.97
CA GLN A 24 -13.32 4.90 8.52
C GLN A 24 -11.85 4.51 8.23
N GLN A 25 -11.59 3.19 8.11
CA GLN A 25 -10.31 2.65 7.64
C GLN A 25 -10.59 1.68 6.48
N LEU A 26 -9.70 1.68 5.49
CA LEU A 26 -9.80 0.89 4.26
C LEU A 26 -8.75 -0.24 4.31
N GLN A 27 -9.21 -1.48 4.04
CA GLN A 27 -8.33 -2.67 4.04
C GLN A 27 -7.66 -2.78 2.67
N LEU A 28 -6.38 -2.41 2.58
CA LEU A 28 -5.62 -2.35 1.31
C LEU A 28 -4.52 -3.43 1.31
N ARG A 29 -4.45 -4.18 0.20
CA ARG A 29 -3.48 -5.27 -0.01
C ARG A 29 -2.23 -4.71 -0.67
N VAL A 30 -1.13 -4.67 0.07
CA VAL A 30 0.15 -4.12 -0.38
C VAL A 30 1.12 -5.27 -0.67
N GLN A 31 1.69 -5.33 -1.89
CA GLN A 31 2.53 -6.46 -2.32
C GLN A 31 3.79 -5.96 -3.04
N GLY A 32 4.91 -6.67 -2.85
CA GLY A 32 6.18 -6.33 -3.49
C GLY A 32 6.28 -6.88 -4.90
N LYS A 33 7.38 -6.53 -5.60
CA LYS A 33 7.82 -7.19 -6.86
C LYS A 33 7.68 -8.74 -6.84
N GLU A 34 7.76 -9.34 -5.63
CA GLU A 34 7.36 -10.73 -5.38
C GLU A 34 6.00 -10.70 -4.65
N LYS A 35 4.99 -11.38 -5.23
CA LYS A 35 3.64 -11.46 -4.66
C LYS A 35 3.60 -12.36 -3.40
N HIS A 36 4.71 -13.11 -3.15
CA HIS A 36 4.93 -13.83 -1.89
C HIS A 36 5.00 -12.82 -0.71
N GLN A 37 5.70 -11.69 -0.97
CA GLN A 37 5.76 -10.55 -0.05
C GLN A 37 4.42 -9.79 -0.11
N THR A 38 3.49 -10.18 0.77
CA THR A 38 2.17 -9.54 0.92
C THR A 38 1.98 -9.05 2.36
N LEU A 39 1.38 -7.86 2.51
CA LEU A 39 0.86 -7.35 3.77
C LEU A 39 -0.49 -6.70 3.52
N GLU A 40 -1.48 -7.11 4.28
CA GLU A 40 -2.82 -6.55 4.25
C GLU A 40 -2.95 -5.66 5.48
N VAL A 41 -3.07 -4.35 5.23
CA VAL A 41 -3.02 -3.31 6.26
C VAL A 41 -4.32 -2.49 6.26
N SER A 42 -4.67 -1.97 7.43
CA SER A 42 -5.77 -1.02 7.59
C SER A 42 -5.16 0.40 7.49
N LEU A 43 -5.46 1.10 6.39
CA LEU A 43 -5.10 2.53 6.22
C LEU A 43 -6.36 3.37 6.36
N SER A 44 -6.32 4.37 7.27
CA SER A 44 -7.46 5.23 7.56
C SER A 44 -7.68 6.21 6.39
N ARG A 45 -8.95 6.52 6.09
CA ARG A 45 -9.36 7.32 4.92
C ARG A 45 -8.79 8.76 4.96
N ASP A 46 -8.54 9.26 6.19
CA ASP A 46 -8.04 10.63 6.44
C ASP A 46 -6.51 10.64 6.67
N SER A 47 -5.92 9.44 6.86
CA SER A 47 -4.48 9.27 7.10
C SER A 47 -3.77 9.03 5.76
N PRO A 48 -2.58 9.68 5.52
CA PRO A 48 -1.85 9.58 4.25
C PRO A 48 -1.19 8.22 4.02
N LEU A 49 -0.87 7.97 2.75
CA LEU A 49 -0.14 6.78 2.29
C LEU A 49 1.17 6.59 3.04
N LYS A 50 1.82 7.68 3.47
CA LYS A 50 3.11 7.63 4.18
C LYS A 50 3.05 6.86 5.52
N THR A 51 1.89 6.91 6.23
CA THR A 51 1.72 6.10 7.47
C THR A 51 1.61 4.59 7.14
N LEU A 52 1.02 4.27 5.96
CA LEU A 52 0.94 2.89 5.41
C LEU A 52 2.35 2.43 4.98
N MET A 53 3.10 3.37 4.39
CA MET A 53 4.51 3.17 3.97
C MET A 53 5.35 2.79 5.19
N SER A 54 5.10 3.51 6.29
CA SER A 54 5.76 3.29 7.57
C SER A 54 5.33 1.93 8.16
N HIS A 55 4.03 1.58 8.04
CA HIS A 55 3.49 0.35 8.67
C HIS A 55 4.10 -0.91 8.01
N TYR A 56 4.08 -0.91 6.68
CA TYR A 56 4.62 -1.99 5.83
C TYR A 56 6.10 -2.31 6.15
N GLU A 57 6.94 -1.24 6.11
CA GLU A 57 8.38 -1.37 6.39
C GLU A 57 8.63 -1.84 7.85
N GLU A 58 7.95 -1.22 8.84
CA GLU A 58 8.09 -1.57 10.28
C GLU A 58 7.79 -3.07 10.55
N ALA A 59 6.68 -3.56 9.96
CA ALA A 59 6.20 -4.95 10.14
C ALA A 59 7.24 -6.00 9.72
N MET A 60 7.87 -5.81 8.54
CA MET A 60 8.83 -6.77 7.96
C MET A 60 10.29 -6.30 8.17
N GLY A 61 10.54 -5.62 9.30
CA GLY A 61 11.87 -5.14 9.70
C GLY A 61 12.70 -4.38 8.65
N LEU A 62 12.03 -3.59 7.80
CA LEU A 62 12.69 -2.60 6.91
C LEU A 62 12.68 -1.22 7.61
N SER A 63 12.97 -1.22 8.92
CA SER A 63 12.91 -0.03 9.79
C SER A 63 14.00 0.99 9.42
N GLY A 64 13.56 2.15 8.89
CA GLY A 64 14.46 3.20 8.43
C GLY A 64 14.97 2.93 7.01
N ARG A 65 14.26 2.04 6.29
CA ARG A 65 14.61 1.60 4.93
C ARG A 65 13.30 1.50 4.11
N LYS A 66 12.77 2.66 3.66
CA LYS A 66 11.49 2.67 2.93
C LYS A 66 11.70 2.26 1.46
N LEU A 67 10.79 1.40 1.01
CA LEU A 67 10.71 0.90 -0.36
C LEU A 67 9.66 1.73 -1.13
N SER A 68 9.71 1.71 -2.47
CA SER A 68 8.83 2.54 -3.31
C SER A 68 7.41 1.94 -3.37
N PHE A 69 6.39 2.81 -3.42
CA PHE A 69 4.96 2.40 -3.52
C PHE A 69 4.33 2.99 -4.78
N PHE A 70 3.74 2.10 -5.60
CA PHE A 70 3.03 2.46 -6.84
C PHE A 70 1.58 1.89 -6.80
N PHE A 71 0.62 2.76 -7.16
CA PHE A 71 -0.80 2.39 -7.31
C PHE A 71 -1.26 2.79 -8.72
N ASP A 72 -1.60 1.78 -9.56
CA ASP A 72 -2.00 1.95 -10.98
C ASP A 72 -0.86 2.64 -11.79
N GLY A 73 0.39 2.44 -11.33
CA GLY A 73 1.59 3.05 -11.95
C GLY A 73 1.90 4.45 -11.41
N THR A 74 0.99 5.02 -10.61
CA THR A 74 1.19 6.32 -9.95
C THR A 74 2.21 6.18 -8.80
N LYS A 75 3.32 6.94 -8.91
CA LYS A 75 4.29 7.07 -7.82
C LYS A 75 3.62 7.86 -6.68
N LEU A 76 3.42 7.16 -5.56
CA LEU A 76 2.80 7.74 -4.35
C LEU A 76 3.90 8.48 -3.58
N SER A 77 3.74 9.81 -3.42
CA SER A 77 4.73 10.69 -2.76
C SER A 77 4.72 10.48 -1.23
N GLY A 78 3.53 10.16 -0.70
CA GLY A 78 3.31 9.99 0.74
C GLY A 78 2.08 10.73 1.22
N ARG A 79 1.96 12.02 0.83
CA ARG A 79 0.94 12.96 1.38
C ARG A 79 -0.42 12.91 0.67
N GLU A 80 -0.62 11.90 -0.22
CA GLU A 80 -1.95 11.60 -0.71
C GLU A 80 -2.62 10.68 0.29
N LEU A 81 -3.92 10.81 0.39
CA LEU A 81 -4.78 9.97 1.22
C LEU A 81 -5.36 8.84 0.33
N PRO A 82 -5.89 7.72 0.90
CA PRO A 82 -6.55 6.68 0.09
C PRO A 82 -7.86 7.22 -0.54
N ALA A 83 -8.48 8.17 0.18
CA ALA A 83 -9.64 8.93 -0.31
C ALA A 83 -9.26 9.79 -1.55
N ASP A 84 -8.01 10.31 -1.56
CA ASP A 84 -7.47 11.16 -2.65
C ASP A 84 -7.25 10.35 -3.95
N LEU A 85 -6.57 9.19 -3.81
CA LEU A 85 -6.21 8.31 -4.95
C LEU A 85 -7.45 7.60 -5.53
N GLY A 86 -8.53 7.51 -4.73
CA GLY A 86 -9.75 6.80 -5.10
C GLY A 86 -9.75 5.35 -4.63
N MET A 87 -8.84 5.02 -3.70
CA MET A 87 -8.72 3.68 -3.09
C MET A 87 -9.83 3.45 -2.06
N GLU A 88 -10.08 2.17 -1.79
CA GLU A 88 -11.21 1.69 -0.99
C GLU A 88 -10.88 0.27 -0.50
N SER A 89 -11.65 -0.27 0.47
CA SER A 89 -11.38 -1.59 1.07
C SER A 89 -11.43 -2.70 -0.02
N GLY A 90 -10.24 -3.22 -0.40
CA GLY A 90 -10.11 -4.21 -1.48
C GLY A 90 -8.95 -3.91 -2.42
N ASP A 91 -8.65 -2.61 -2.65
CA ASP A 91 -7.59 -2.15 -3.59
C ASP A 91 -6.21 -2.78 -3.36
N LEU A 92 -5.29 -2.51 -4.32
CA LEU A 92 -4.00 -3.19 -4.42
C LEU A 92 -2.91 -2.13 -4.61
N ILE A 93 -2.11 -1.95 -3.58
CA ILE A 93 -0.91 -1.12 -3.61
C ILE A 93 0.28 -2.04 -3.89
N GLU A 94 1.30 -1.53 -4.58
CA GLU A 94 2.43 -2.33 -5.07
C GLU A 94 3.73 -1.71 -4.53
N VAL A 95 4.82 -2.48 -4.53
CA VAL A 95 6.07 -2.13 -3.86
C VAL A 95 7.28 -2.53 -4.73
N TRP A 96 8.18 -1.56 -4.94
CA TRP A 96 9.48 -1.76 -5.57
C TRP A 96 10.55 -1.69 -4.47
N GLY A 97 10.98 -2.86 -3.99
CA GLY A 97 11.91 -2.96 -2.88
C GLY A 97 12.26 -4.41 -2.63
N THR A 20 -17.69 -5.65 3.32
CA THR A 20 -18.01 -4.37 3.99
C THR A 20 -18.79 -3.45 3.05
N GLU A 21 -19.75 -2.69 3.62
CA GLU A 21 -20.49 -1.64 2.89
C GLU A 21 -19.54 -0.45 2.65
N THR A 22 -18.81 -0.07 3.71
CA THR A 22 -17.81 0.99 3.67
C THR A 22 -16.57 0.54 4.49
N SER A 23 -15.40 0.49 3.82
CA SER A 23 -14.14 0.10 4.47
C SER A 23 -13.51 1.32 5.15
N GLN A 24 -13.67 1.40 6.48
CA GLN A 24 -13.03 2.43 7.31
C GLN A 24 -11.51 2.15 7.39
N GLN A 25 -11.17 0.87 7.29
CA GLN A 25 -9.80 0.38 7.06
C GLN A 25 -9.86 -0.80 6.06
N LEU A 26 -8.89 -0.80 5.15
CA LEU A 26 -8.81 -1.72 4.02
C LEU A 26 -7.65 -2.70 4.25
N GLN A 27 -7.77 -3.94 3.77
CA GLN A 27 -6.68 -4.93 3.81
C GLN A 27 -6.06 -5.01 2.40
N LEU A 28 -4.86 -4.43 2.24
CA LEU A 28 -4.20 -4.33 0.93
C LEU A 28 -3.05 -5.35 0.86
N ARG A 29 -2.95 -6.05 -0.27
CA ARG A 29 -1.88 -7.00 -0.55
C ARG A 29 -0.74 -6.23 -1.25
N VAL A 30 0.48 -6.38 -0.73
CA VAL A 30 1.65 -5.61 -1.16
C VAL A 30 2.71 -6.61 -1.63
N GLN A 31 3.18 -6.49 -2.88
CA GLN A 31 4.10 -7.49 -3.48
C GLN A 31 5.25 -6.80 -4.18
N GLY A 32 6.45 -7.39 -4.05
CA GLY A 32 7.66 -6.88 -4.70
C GLY A 32 7.69 -7.20 -6.18
N LYS A 33 8.73 -6.68 -6.88
CA LYS A 33 9.16 -7.19 -8.22
C LYS A 33 9.08 -8.73 -8.27
N GLU A 34 9.43 -9.35 -7.14
CA GLU A 34 9.26 -10.77 -6.89
C GLU A 34 7.82 -10.98 -6.39
N LYS A 35 6.99 -11.70 -7.18
CA LYS A 35 5.56 -11.92 -6.85
C LYS A 35 5.38 -12.78 -5.58
N HIS A 36 6.32 -13.70 -5.34
CA HIS A 36 6.31 -14.59 -4.15
C HIS A 36 6.62 -13.79 -2.86
N GLN A 37 7.29 -12.64 -3.03
CA GLN A 37 7.56 -11.69 -1.95
C GLN A 37 6.28 -10.88 -1.65
N THR A 38 5.44 -11.40 -0.73
CA THR A 38 4.11 -10.86 -0.44
C THR A 38 3.94 -10.57 1.06
N LEU A 39 3.34 -9.41 1.36
CA LEU A 39 2.90 -9.01 2.69
C LEU A 39 1.51 -8.39 2.54
N GLU A 40 0.56 -8.71 3.42
CA GLU A 40 -0.78 -8.10 3.39
C GLU A 40 -1.00 -7.39 4.73
N VAL A 41 -1.28 -6.09 4.65
CA VAL A 41 -1.37 -5.19 5.81
C VAL A 41 -2.70 -4.40 5.79
N SER A 42 -3.22 -4.06 6.98
CA SER A 42 -4.45 -3.29 7.13
C SER A 42 -4.08 -1.79 7.24
N LEU A 43 -4.39 -1.05 6.19
CA LEU A 43 -4.21 0.40 6.10
C LEU A 43 -5.55 1.11 6.27
N SER A 44 -5.59 2.16 7.10
CA SER A 44 -6.80 2.96 7.35
C SER A 44 -7.01 3.93 6.17
N ARG A 45 -8.28 4.20 5.83
CA ARG A 45 -8.63 5.15 4.75
C ARG A 45 -8.29 6.60 5.12
N ASP A 46 -8.01 6.84 6.42
CA ASP A 46 -7.61 8.15 6.96
C ASP A 46 -6.07 8.22 7.09
N SER A 47 -5.42 7.04 7.14
CA SER A 47 -3.96 6.94 7.19
C SER A 47 -3.42 6.90 5.75
N PRO A 48 -2.34 7.68 5.44
CA PRO A 48 -1.72 7.68 4.10
C PRO A 48 -0.96 6.39 3.79
N LEU A 49 -0.68 6.21 2.50
CA LEU A 49 0.08 5.07 1.97
C LEU A 49 1.51 5.03 2.54
N LYS A 50 2.02 6.19 3.02
CA LYS A 50 3.36 6.30 3.61
C LYS A 50 3.53 5.35 4.82
N THR A 51 2.46 5.20 5.63
CA THR A 51 2.50 4.36 6.84
C THR A 51 2.56 2.86 6.48
N LEU A 52 1.98 2.54 5.30
CA LEU A 52 2.01 1.19 4.71
C LEU A 52 3.40 0.90 4.11
N MET A 53 4.00 1.93 3.45
CA MET A 53 5.37 1.87 2.90
C MET A 53 6.39 1.51 3.98
N SER A 54 6.26 2.24 5.11
CA SER A 54 7.15 2.12 6.25
C SER A 54 6.92 0.78 6.96
N HIS A 55 5.65 0.31 6.94
CA HIS A 55 5.26 -0.96 7.57
C HIS A 55 5.93 -2.12 6.81
N TYR A 56 5.74 -2.14 5.46
CA TYR A 56 6.24 -3.21 4.58
C TYR A 56 7.77 -3.38 4.72
N GLU A 57 8.52 -2.30 4.41
CA GLU A 57 10.00 -2.34 4.43
C GLU A 57 10.58 -2.71 5.81
N GLU A 58 9.96 -2.22 6.91
CA GLU A 58 10.40 -2.55 8.28
C GLU A 58 10.01 -3.99 8.70
N ALA A 59 8.91 -4.54 8.17
CA ALA A 59 8.43 -5.90 8.51
C ALA A 59 9.17 -6.98 7.70
N MET A 60 9.23 -6.78 6.38
CA MET A 60 9.75 -7.74 5.40
C MET A 60 11.29 -7.84 5.47
N GLY A 61 11.97 -6.79 5.99
CA GLY A 61 13.43 -6.82 6.20
C GLY A 61 14.20 -6.10 5.11
N LEU A 62 13.63 -4.98 4.61
CA LEU A 62 14.25 -4.11 3.60
C LEU A 62 14.93 -2.91 4.28
N SER A 63 16.24 -2.75 4.01
CA SER A 63 17.07 -1.63 4.45
C SER A 63 18.28 -1.49 3.51
N GLY A 64 19.03 -0.36 3.64
CA GLY A 64 20.12 -0.05 2.72
C GLY A 64 19.59 0.60 1.44
N ARG A 65 18.84 -0.20 0.66
CA ARG A 65 18.07 0.26 -0.51
C ARG A 65 16.60 0.51 -0.09
N LYS A 66 16.06 1.69 -0.45
CA LYS A 66 14.63 2.00 -0.24
C LYS A 66 13.89 1.80 -1.58
N LEU A 67 12.66 1.31 -1.50
CA LEU A 67 11.90 0.81 -2.65
C LEU A 67 10.63 1.66 -2.89
N SER A 68 10.17 1.65 -4.14
CA SER A 68 8.99 2.42 -4.59
C SER A 68 7.71 1.59 -4.47
N PHE A 69 6.56 2.27 -4.50
CA PHE A 69 5.22 1.65 -4.37
C PHE A 69 4.34 2.11 -5.53
N PHE A 70 3.67 1.14 -6.20
CA PHE A 70 2.79 1.40 -7.36
C PHE A 70 1.42 0.69 -7.20
N PHE A 71 0.35 1.49 -7.39
CA PHE A 71 -1.05 1.05 -7.43
C PHE A 71 -1.60 1.42 -8.81
N ASP A 72 -1.91 0.40 -9.64
CA ASP A 72 -2.41 0.59 -11.04
C ASP A 72 -1.51 1.55 -11.86
N GLY A 73 -0.19 1.41 -11.68
CA GLY A 73 0.84 2.24 -12.34
C GLY A 73 1.07 3.60 -11.67
N THR A 74 0.11 4.04 -10.84
CA THR A 74 0.20 5.31 -10.11
C THR A 74 1.24 5.20 -8.99
N LYS A 75 2.31 5.99 -9.10
CA LYS A 75 3.36 6.09 -8.09
C LYS A 75 2.81 6.81 -6.85
N LEU A 76 2.70 6.07 -5.74
CA LEU A 76 2.25 6.63 -4.46
C LEU A 76 3.39 7.52 -3.89
N SER A 77 3.14 8.81 -3.76
CA SER A 77 4.10 9.81 -3.27
C SER A 77 4.33 9.70 -1.75
N GLY A 78 3.25 9.38 -1.01
CA GLY A 78 3.29 9.23 0.44
C GLY A 78 1.99 9.65 1.12
N ARG A 79 1.56 10.91 0.88
CA ARG A 79 0.47 11.56 1.64
C ARG A 79 -0.93 11.33 1.05
N GLU A 80 -1.05 10.42 0.08
CA GLU A 80 -2.36 10.06 -0.49
C GLU A 80 -2.96 8.95 0.38
N LEU A 81 -4.27 8.96 0.46
CA LEU A 81 -5.07 8.02 1.24
C LEU A 81 -5.66 6.95 0.29
N PRO A 82 -5.90 5.68 0.75
CA PRO A 82 -6.48 4.62 -0.11
C PRO A 82 -7.94 4.95 -0.52
N ALA A 83 -8.60 5.77 0.32
CA ALA A 83 -9.92 6.36 0.02
C ALA A 83 -9.83 7.24 -1.23
N ASP A 84 -8.79 8.09 -1.25
CA ASP A 84 -8.57 9.09 -2.31
C ASP A 84 -8.14 8.44 -3.64
N LEU A 85 -7.40 7.33 -3.53
CA LEU A 85 -6.91 6.57 -4.70
C LEU A 85 -8.02 5.75 -5.35
N GLY A 86 -9.08 5.45 -4.56
CA GLY A 86 -10.17 4.59 -5.02
C GLY A 86 -9.80 3.12 -4.95
N MET A 87 -9.34 2.70 -3.76
CA MET A 87 -8.93 1.31 -3.48
C MET A 87 -10.07 0.54 -2.80
N GLU A 88 -9.87 -0.77 -2.59
CA GLU A 88 -10.89 -1.64 -1.97
C GLU A 88 -10.23 -2.53 -0.90
N SER A 89 -11.03 -3.01 0.08
CA SER A 89 -10.62 -4.10 0.97
C SER A 89 -10.39 -5.37 0.13
N GLY A 90 -9.14 -5.84 0.09
CA GLY A 90 -8.72 -6.90 -0.84
C GLY A 90 -8.33 -6.34 -2.19
N ASP A 91 -7.42 -5.33 -2.18
CA ASP A 91 -6.89 -4.69 -3.41
C ASP A 91 -5.41 -5.11 -3.59
N LEU A 92 -4.62 -4.33 -4.36
CA LEU A 92 -3.23 -4.67 -4.67
C LEU A 92 -2.35 -3.40 -4.71
N ILE A 93 -1.12 -3.58 -4.22
CA ILE A 93 -0.04 -2.59 -4.18
C ILE A 93 1.26 -3.32 -4.55
N GLU A 94 2.20 -2.61 -5.15
CA GLU A 94 3.44 -3.18 -5.67
C GLU A 94 4.63 -2.50 -5.00
N VAL A 95 5.81 -3.10 -5.20
CA VAL A 95 7.06 -2.69 -4.56
C VAL A 95 8.17 -2.86 -5.61
N TRP A 96 8.65 -1.74 -6.16
CA TRP A 96 9.65 -1.73 -7.24
C TRP A 96 10.94 -1.09 -6.74
N GLY A 97 11.84 -1.96 -6.30
CA GLY A 97 13.14 -1.59 -5.76
C GLY A 97 13.89 -2.83 -5.28
N THR A 20 -18.21 -2.88 6.08
CA THR A 20 -18.28 -1.59 5.35
C THR A 20 -19.64 -1.46 4.63
N GLU A 21 -20.64 -0.92 5.35
CA GLU A 21 -21.98 -0.61 4.78
C GLU A 21 -22.04 0.90 4.47
N THR A 22 -21.50 1.69 5.40
CA THR A 22 -21.13 3.10 5.19
C THR A 22 -19.59 3.20 5.23
N SER A 23 -18.99 3.66 4.12
CA SER A 23 -17.53 3.70 3.95
C SER A 23 -16.84 4.68 4.94
N GLN A 24 -16.52 4.16 6.13
CA GLN A 24 -15.69 4.85 7.12
C GLN A 24 -14.21 4.74 6.69
N GLN A 25 -13.80 3.50 6.36
CA GLN A 25 -12.47 3.18 5.81
C GLN A 25 -12.65 2.29 4.58
N LEU A 26 -11.66 2.35 3.69
CA LEU A 26 -11.62 1.58 2.45
C LEU A 26 -10.56 0.47 2.56
N GLN A 27 -10.96 -0.78 2.30
CA GLN A 27 -10.07 -1.94 2.37
C GLN A 27 -9.37 -2.09 1.01
N LEU A 28 -8.10 -1.68 0.95
CA LEU A 28 -7.32 -1.63 -0.31
C LEU A 28 -6.23 -2.70 -0.29
N ARG A 29 -6.13 -3.48 -1.38
CA ARG A 29 -5.18 -4.57 -1.52
C ARG A 29 -3.92 -4.06 -2.23
N VAL A 30 -2.83 -3.96 -1.47
CA VAL A 30 -1.53 -3.50 -1.96
C VAL A 30 -0.63 -4.71 -2.22
N GLN A 31 -0.06 -4.81 -3.43
CA GLN A 31 0.80 -5.94 -3.82
C GLN A 31 2.06 -5.42 -4.51
N GLY A 32 3.14 -6.19 -4.44
CA GLY A 32 4.38 -5.84 -5.13
C GLY A 32 4.46 -6.44 -6.52
N LYS A 33 5.59 -6.20 -7.20
CA LYS A 33 6.01 -6.94 -8.42
C LYS A 33 5.91 -8.50 -8.28
N GLU A 34 5.80 -9.00 -7.05
CA GLU A 34 5.54 -10.42 -6.73
C GLU A 34 4.24 -10.54 -5.90
N LYS A 35 3.38 -11.51 -6.26
CA LYS A 35 2.10 -11.76 -5.55
C LYS A 35 2.32 -12.43 -4.17
N HIS A 36 3.54 -12.94 -3.92
CA HIS A 36 3.94 -13.48 -2.60
C HIS A 36 3.93 -12.33 -1.57
N GLN A 37 4.31 -11.13 -2.04
CA GLN A 37 4.25 -9.89 -1.27
C GLN A 37 2.87 -9.23 -1.52
N THR A 38 1.88 -9.63 -0.70
CA THR A 38 0.52 -9.06 -0.72
C THR A 38 0.11 -8.66 0.71
N LEU A 39 -0.58 -7.53 0.81
CA LEU A 39 -1.18 -7.03 2.06
C LEU A 39 -2.51 -6.39 1.72
N GLU A 40 -3.47 -6.53 2.62
CA GLU A 40 -4.77 -5.89 2.55
C GLU A 40 -4.89 -5.04 3.81
N VAL A 41 -4.97 -3.73 3.60
CA VAL A 41 -4.89 -2.73 4.66
C VAL A 41 -6.14 -1.84 4.66
N SER A 42 -6.50 -1.36 5.85
CA SER A 42 -7.60 -0.43 6.03
C SER A 42 -7.05 1.01 5.96
N LEU A 43 -7.36 1.70 4.86
CA LEU A 43 -7.04 3.13 4.68
C LEU A 43 -8.31 3.94 4.86
N SER A 44 -8.30 4.90 5.79
CA SER A 44 -9.46 5.73 6.09
C SER A 44 -9.67 6.73 4.94
N ARG A 45 -10.94 7.08 4.68
CA ARG A 45 -11.36 7.89 3.51
C ARG A 45 -10.71 9.31 3.50
N ASP A 46 -10.40 9.83 4.72
CA ASP A 46 -9.82 11.17 4.90
C ASP A 46 -8.30 11.10 5.14
N SER A 47 -7.78 9.88 5.38
CA SER A 47 -6.36 9.64 5.62
C SER A 47 -5.62 9.50 4.28
N PRO A 48 -4.43 10.17 4.12
CA PRO A 48 -3.63 10.08 2.89
C PRO A 48 -3.03 8.70 2.66
N LEU A 49 -2.69 8.43 1.40
CA LEU A 49 -2.02 7.21 0.96
C LEU A 49 -0.72 6.98 1.71
N LYS A 50 -0.04 8.05 2.15
CA LYS A 50 1.23 7.97 2.90
C LYS A 50 1.11 7.14 4.19
N THR A 51 -0.06 7.20 4.87
CA THR A 51 -0.28 6.42 6.10
C THR A 51 -0.44 4.91 5.78
N LEU A 52 -1.03 4.62 4.60
CA LEU A 52 -1.14 3.26 4.03
C LEU A 52 0.24 2.73 3.63
N MET A 53 1.04 3.62 3.02
CA MET A 53 2.43 3.34 2.62
C MET A 53 3.25 2.93 3.84
N SER A 54 3.10 3.75 4.89
CA SER A 54 3.77 3.57 6.18
C SER A 54 3.33 2.25 6.84
N HIS A 55 2.03 1.92 6.72
CA HIS A 55 1.46 0.67 7.28
C HIS A 55 2.11 -0.56 6.62
N TYR A 56 2.14 -0.54 5.28
CA TYR A 56 2.66 -1.62 4.43
C TYR A 56 4.12 -1.97 4.77
N GLU A 57 4.99 -0.95 4.69
CA GLU A 57 6.43 -1.12 4.89
C GLU A 57 6.74 -1.52 6.35
N GLU A 58 6.08 -0.89 7.34
CA GLU A 58 6.25 -1.27 8.77
C GLU A 58 5.78 -2.71 9.06
N ALA A 59 4.67 -3.15 8.43
CA ALA A 59 4.10 -4.51 8.62
C ALA A 59 5.10 -5.64 8.32
N MET A 60 5.73 -5.59 7.13
CA MET A 60 6.66 -6.67 6.66
C MET A 60 8.14 -6.25 6.83
N GLY A 61 8.41 -5.51 7.92
CA GLY A 61 9.76 -5.07 8.31
C GLY A 61 10.62 -4.41 7.22
N LEU A 62 10.01 -3.60 6.34
CA LEU A 62 10.74 -2.70 5.43
C LEU A 62 10.94 -1.31 6.10
N SER A 63 11.17 -1.33 7.43
CA SER A 63 11.43 -0.12 8.23
C SER A 63 12.76 0.53 7.79
N GLY A 64 12.66 1.65 7.05
CA GLY A 64 13.82 2.37 6.52
C GLY A 64 14.03 2.09 5.04
N ARG A 65 13.77 0.83 4.64
CA ARG A 65 13.86 0.38 3.24
C ARG A 65 12.50 0.62 2.55
N LYS A 66 12.23 1.88 2.17
CA LYS A 66 10.95 2.26 1.56
C LYS A 66 10.91 1.87 0.07
N LEU A 67 9.73 1.47 -0.39
CA LEU A 67 9.46 1.03 -1.77
C LEU A 67 8.38 1.95 -2.39
N SER A 68 8.34 2.01 -3.74
CA SER A 68 7.40 2.91 -4.47
C SER A 68 5.98 2.33 -4.48
N PHE A 69 4.97 3.21 -4.59
CA PHE A 69 3.54 2.83 -4.65
C PHE A 69 2.91 3.46 -5.90
N PHE A 70 2.28 2.61 -6.73
CA PHE A 70 1.59 3.02 -7.96
C PHE A 70 0.13 2.52 -7.94
N PHE A 71 -0.78 3.33 -8.47
CA PHE A 71 -2.20 2.96 -8.63
C PHE A 71 -2.54 2.99 -10.13
N ASP A 72 -2.67 1.80 -10.74
CA ASP A 72 -2.79 1.63 -12.21
C ASP A 72 -1.59 2.28 -12.97
N GLY A 73 -0.43 2.35 -12.29
CA GLY A 73 0.79 2.98 -12.83
C GLY A 73 0.89 4.47 -12.53
N THR A 74 -0.09 5.02 -11.79
CA THR A 74 -0.08 6.41 -11.33
C THR A 74 0.83 6.53 -10.10
N LYS A 75 1.89 7.35 -10.20
CA LYS A 75 2.83 7.56 -9.11
C LYS A 75 2.16 8.37 -7.99
N LEU A 76 1.98 7.71 -6.83
CA LEU A 76 1.36 8.30 -5.64
C LEU A 76 2.45 9.08 -4.87
N SER A 77 2.18 10.36 -4.57
CA SER A 77 3.15 11.27 -3.94
C SER A 77 3.18 11.12 -2.41
N GLY A 78 2.00 10.83 -1.83
CA GLY A 78 1.83 10.66 -0.39
C GLY A 78 0.54 11.27 0.12
N ARG A 79 0.40 12.61 -0.06
CA ARG A 79 -0.68 13.40 0.56
C ARG A 79 -2.00 13.38 -0.22
N GLU A 80 -2.09 12.57 -1.30
CA GLU A 80 -3.38 12.34 -1.95
C GLU A 80 -4.17 11.36 -1.08
N LEU A 81 -5.47 11.53 -1.11
CA LEU A 81 -6.42 10.72 -0.35
C LEU A 81 -7.03 9.66 -1.28
N PRO A 82 -7.67 8.58 -0.74
CA PRO A 82 -8.39 7.58 -1.59
C PRO A 82 -9.63 8.24 -2.26
N ALA A 83 -10.13 9.30 -1.62
CA ALA A 83 -11.19 10.17 -2.17
C ALA A 83 -10.68 10.96 -3.41
N ASP A 84 -9.38 11.32 -3.39
CA ASP A 84 -8.73 12.12 -4.45
C ASP A 84 -8.45 11.26 -5.69
N LEU A 85 -7.86 10.07 -5.47
CA LEU A 85 -7.55 9.11 -6.54
C LEU A 85 -8.82 8.43 -7.09
N GLY A 86 -9.93 8.56 -6.34
CA GLY A 86 -11.22 7.99 -6.73
C GLY A 86 -11.30 6.50 -6.45
N MET A 87 -10.56 6.04 -5.43
CA MET A 87 -10.54 4.64 -4.99
C MET A 87 -11.70 4.34 -4.01
N GLU A 88 -11.90 3.03 -3.77
CA GLU A 88 -12.97 2.51 -2.91
C GLU A 88 -12.53 1.12 -2.38
N SER A 89 -13.27 0.56 -1.40
CA SER A 89 -12.98 -0.77 -0.82
C SER A 89 -12.97 -1.87 -1.92
N GLY A 90 -11.77 -2.43 -2.19
CA GLY A 90 -11.60 -3.49 -3.21
C GLY A 90 -10.59 -3.12 -4.29
N ASP A 91 -10.19 -1.84 -4.37
CA ASP A 91 -9.13 -1.37 -5.31
C ASP A 91 -7.76 -2.04 -5.07
N LEU A 92 -6.83 -1.80 -6.01
CA LEU A 92 -5.55 -2.51 -6.09
C LEU A 92 -4.41 -1.48 -6.27
N ILE A 93 -3.59 -1.36 -5.24
CA ILE A 93 -2.38 -0.52 -5.23
C ILE A 93 -1.16 -1.43 -5.45
N GLU A 94 -0.10 -0.88 -6.03
CA GLU A 94 1.08 -1.63 -6.49
C GLU A 94 2.29 -1.19 -5.66
N VAL A 95 3.35 -2.00 -5.70
CA VAL A 95 4.61 -1.74 -5.02
C VAL A 95 5.78 -2.08 -5.97
N TRP A 96 6.47 -1.03 -6.42
CA TRP A 96 7.60 -1.12 -7.34
C TRP A 96 8.89 -0.80 -6.55
N GLY A 97 9.54 -1.85 -6.04
CA GLY A 97 10.73 -1.72 -5.21
C GLY A 97 11.16 -3.07 -4.64
N THR A 20 -14.01 -4.92 8.62
CA THR A 20 -14.74 -3.69 8.28
C THR A 20 -15.99 -4.03 7.46
N GLU A 21 -17.08 -3.32 7.76
CA GLU A 21 -18.39 -3.50 7.09
C GLU A 21 -18.59 -2.40 6.05
N THR A 22 -18.27 -1.15 6.43
CA THR A 22 -18.37 0.03 5.58
C THR A 22 -16.96 0.38 5.06
N SER A 23 -16.79 0.41 3.73
CA SER A 23 -15.47 0.66 3.08
C SER A 23 -15.05 2.15 3.18
N GLN A 24 -14.71 2.55 4.42
CA GLN A 24 -14.06 3.82 4.74
C GLN A 24 -12.55 3.69 4.47
N GLN A 25 -12.04 2.49 4.81
CA GLN A 25 -10.69 2.05 4.48
C GLN A 25 -10.78 0.87 3.49
N LEU A 26 -9.74 0.74 2.67
CA LEU A 26 -9.57 -0.34 1.68
C LEU A 26 -8.36 -1.20 2.07
N GLN A 27 -8.57 -2.52 2.12
CA GLN A 27 -7.53 -3.50 2.49
C GLN A 27 -6.85 -4.00 1.20
N LEU A 28 -5.62 -3.52 0.98
CA LEU A 28 -4.89 -3.70 -0.29
C LEU A 28 -3.67 -4.63 -0.07
N ARG A 29 -3.47 -5.58 -0.99
CA ARG A 29 -2.39 -6.58 -0.92
C ARG A 29 -1.18 -6.12 -1.74
N VAL A 30 -0.09 -5.81 -1.02
CA VAL A 30 1.15 -5.28 -1.60
C VAL A 30 2.18 -6.41 -1.72
N GLN A 31 2.79 -6.56 -2.91
CA GLN A 31 3.80 -7.59 -3.18
C GLN A 31 5.00 -6.93 -3.85
N GLY A 32 6.21 -7.45 -3.60
CA GLY A 32 7.42 -6.94 -4.23
C GLY A 32 7.71 -7.58 -5.58
N LYS A 33 8.85 -7.18 -6.18
CA LYS A 33 9.58 -7.94 -7.24
C LYS A 33 9.39 -9.46 -7.13
N GLU A 34 9.53 -9.95 -5.89
CA GLU A 34 9.17 -11.32 -5.53
C GLU A 34 7.69 -11.32 -5.10
N LYS A 35 6.85 -12.01 -5.89
CA LYS A 35 5.41 -12.11 -5.63
C LYS A 35 5.10 -13.00 -4.41
N HIS A 36 6.06 -13.87 -4.04
CA HIS A 36 6.00 -14.65 -2.77
C HIS A 36 6.18 -13.71 -1.56
N GLN A 37 6.89 -12.58 -1.77
CA GLN A 37 6.99 -11.49 -0.79
C GLN A 37 5.64 -10.74 -0.76
N THR A 38 4.71 -11.23 0.07
CA THR A 38 3.32 -10.75 0.11
C THR A 38 3.03 -10.11 1.47
N LEU A 39 2.34 -8.97 1.42
CA LEU A 39 1.82 -8.25 2.60
C LEU A 39 0.41 -7.78 2.27
N GLU A 40 -0.45 -7.66 3.29
CA GLU A 40 -1.76 -7.02 3.15
C GLU A 40 -1.93 -6.00 4.28
N VAL A 41 -2.25 -4.78 3.90
CA VAL A 41 -2.29 -3.62 4.80
C VAL A 41 -3.56 -2.79 4.53
N SER A 42 -4.09 -2.17 5.59
CA SER A 42 -5.32 -1.38 5.55
C SER A 42 -4.95 0.10 5.29
N LEU A 43 -5.30 0.58 4.10
CA LEU A 43 -5.14 1.99 3.69
C LEU A 43 -6.50 2.66 3.57
N SER A 44 -6.67 3.85 4.18
CA SER A 44 -7.95 4.58 4.15
C SER A 44 -8.14 5.22 2.76
N ARG A 45 -9.40 5.29 2.29
CA ARG A 45 -9.73 5.73 0.91
C ARG A 45 -9.32 7.20 0.64
N ASP A 46 -9.14 7.99 1.71
CA ASP A 46 -8.76 9.42 1.62
C ASP A 46 -7.29 9.64 2.04
N SER A 47 -6.63 8.59 2.55
CA SER A 47 -5.22 8.65 2.95
C SER A 47 -4.35 8.23 1.75
N PRO A 48 -3.24 8.98 1.44
CA PRO A 48 -2.36 8.69 0.29
C PRO A 48 -1.66 7.33 0.40
N LEU A 49 -1.30 6.81 -0.77
CA LEU A 49 -0.49 5.60 -0.91
C LEU A 49 0.82 5.67 -0.12
N LYS A 50 1.37 6.90 0.06
CA LYS A 50 2.64 7.11 0.77
C LYS A 50 2.62 6.58 2.22
N THR A 51 1.47 6.71 2.92
CA THR A 51 1.35 6.21 4.31
C THR A 51 1.39 4.66 4.35
N LEU A 52 0.84 4.03 3.30
CA LEU A 52 0.90 2.57 3.05
C LEU A 52 2.33 2.15 2.66
N MET A 53 3.01 3.01 1.87
CA MET A 53 4.41 2.81 1.43
C MET A 53 5.36 2.75 2.62
N SER A 54 5.09 3.62 3.61
CA SER A 54 5.82 3.64 4.88
C SER A 54 5.57 2.35 5.66
N HIS A 55 4.33 1.85 5.61
CA HIS A 55 3.92 0.65 6.36
C HIS A 55 4.65 -0.60 5.83
N TYR A 56 4.64 -0.77 4.49
CA TYR A 56 5.31 -1.89 3.80
C TYR A 56 6.80 -1.97 4.17
N GLU A 57 7.54 -0.86 3.95
CA GLU A 57 9.00 -0.81 4.16
C GLU A 57 9.39 -1.06 5.64
N GLU A 58 8.59 -0.54 6.59
CA GLU A 58 8.81 -0.78 8.03
C GLU A 58 8.55 -2.26 8.40
N ALA A 59 7.43 -2.83 7.94
CA ALA A 59 7.01 -4.21 8.24
C ALA A 59 7.99 -5.26 7.66
N MET A 60 8.31 -5.07 6.37
CA MET A 60 9.08 -6.04 5.57
C MET A 60 10.62 -5.93 5.81
N GLY A 61 11.01 -5.27 6.93
CA GLY A 61 12.43 -5.03 7.25
C GLY A 61 13.25 -4.29 6.17
N LEU A 62 12.56 -3.47 5.35
CA LEU A 62 13.19 -2.66 4.27
C LEU A 62 13.71 -1.30 4.82
N SER A 63 13.96 -1.22 6.13
CA SER A 63 14.55 -0.05 6.79
C SER A 63 16.05 0.08 6.42
N GLY A 64 16.30 0.77 5.30
CA GLY A 64 17.66 1.00 4.79
C GLY A 64 17.62 1.77 3.49
N ARG A 65 16.77 1.29 2.57
CA ARG A 65 16.53 1.91 1.25
C ARG A 65 15.03 2.01 1.00
N LYS A 66 14.57 3.16 0.53
CA LYS A 66 13.16 3.37 0.17
C LYS A 66 12.91 2.85 -1.25
N LEU A 67 11.77 2.18 -1.43
CA LEU A 67 11.41 1.44 -2.64
C LEU A 67 10.16 2.07 -3.27
N SER A 68 9.99 1.84 -4.58
CA SER A 68 8.86 2.35 -5.36
C SER A 68 7.79 1.28 -5.54
N PHE A 69 6.66 1.70 -6.15
CA PHE A 69 5.38 0.97 -6.13
C PHE A 69 4.71 1.08 -7.50
N PHE A 70 4.12 -0.03 -7.96
CA PHE A 70 3.33 -0.09 -9.19
C PHE A 70 1.91 -0.62 -8.90
N PHE A 71 0.93 -0.07 -9.60
CA PHE A 71 -0.46 -0.55 -9.62
C PHE A 71 -0.88 -0.70 -11.08
N ASP A 72 -0.97 -1.97 -11.55
CA ASP A 72 -1.15 -2.31 -12.98
C ASP A 72 0.03 -1.80 -13.83
N GLY A 73 1.21 -1.66 -13.18
CA GLY A 73 2.40 -1.10 -13.82
C GLY A 73 2.53 0.42 -13.67
N THR A 74 1.44 1.09 -13.22
CA THR A 74 1.42 2.55 -13.02
C THR A 74 2.32 2.96 -11.85
N LYS A 75 3.24 3.90 -12.11
CA LYS A 75 4.14 4.43 -11.07
C LYS A 75 3.35 5.26 -10.05
N LEU A 76 3.29 4.73 -8.81
CA LEU A 76 2.68 5.41 -7.68
C LEU A 76 3.77 6.29 -7.02
N SER A 77 3.62 7.61 -7.13
CA SER A 77 4.58 8.60 -6.61
C SER A 77 4.39 8.81 -5.09
N GLY A 78 3.21 8.43 -4.56
CA GLY A 78 2.90 8.52 -3.14
C GLY A 78 1.70 9.42 -2.83
N ARG A 79 1.60 10.55 -3.56
CA ARG A 79 0.58 11.59 -3.28
C ARG A 79 -0.78 11.24 -3.91
N GLU A 80 -0.88 10.07 -4.55
CA GLU A 80 -2.15 9.58 -5.06
C GLU A 80 -2.91 8.95 -3.90
N LEU A 81 -4.20 9.03 -3.97
CA LEU A 81 -5.12 8.41 -3.03
C LEU A 81 -5.67 7.14 -3.69
N PRO A 82 -6.10 6.09 -2.93
CA PRO A 82 -6.69 4.86 -3.53
C PRO A 82 -8.07 5.18 -4.19
N ALA A 83 -8.70 6.28 -3.74
CA ALA A 83 -9.87 6.89 -4.41
C ALA A 83 -9.52 7.35 -5.84
N ASP A 84 -8.32 7.96 -5.97
CA ASP A 84 -7.82 8.52 -7.25
C ASP A 84 -7.41 7.40 -8.22
N LEU A 85 -6.70 6.40 -7.71
CA LEU A 85 -6.20 5.24 -8.50
C LEU A 85 -7.32 4.24 -8.82
N GLY A 86 -8.49 4.40 -8.16
CA GLY A 86 -9.66 3.53 -8.40
C GLY A 86 -9.54 2.16 -7.73
N MET A 87 -8.77 2.11 -6.63
CA MET A 87 -8.58 0.90 -5.82
C MET A 87 -9.84 0.58 -4.98
N GLU A 88 -9.89 -0.68 -4.53
CA GLU A 88 -10.97 -1.22 -3.69
C GLU A 88 -10.36 -2.31 -2.78
N SER A 89 -11.04 -2.66 -1.67
CA SER A 89 -10.59 -3.72 -0.76
C SER A 89 -10.48 -5.06 -1.53
N GLY A 90 -9.25 -5.55 -1.71
CA GLY A 90 -8.99 -6.76 -2.51
C GLY A 90 -7.88 -6.54 -3.55
N ASP A 91 -7.74 -5.29 -4.04
CA ASP A 91 -6.73 -4.90 -5.07
C ASP A 91 -5.28 -5.32 -4.73
N LEU A 92 -4.39 -5.15 -5.74
CA LEU A 92 -3.04 -5.71 -5.71
C LEU A 92 -2.04 -4.62 -6.11
N ILE A 93 -1.26 -4.18 -5.13
CA ILE A 93 -0.16 -3.22 -5.31
C ILE A 93 1.16 -4.00 -5.45
N GLU A 94 2.11 -3.40 -6.15
CA GLU A 94 3.40 -4.02 -6.51
C GLU A 94 4.52 -3.08 -5.99
N VAL A 95 5.75 -3.59 -5.89
CA VAL A 95 6.90 -2.86 -5.29
C VAL A 95 8.16 -3.17 -6.10
N TRP A 96 8.70 -2.16 -6.80
CA TRP A 96 10.00 -2.29 -7.47
C TRP A 96 11.07 -1.55 -6.65
N GLY A 97 12.28 -2.11 -6.62
CA GLY A 97 13.39 -1.50 -5.89
C GLY A 97 14.69 -2.28 -6.07
#